data_3TVQ
# 
_entry.id   3TVQ 
# 
_audit_conform.dict_name       mmcif_pdbx.dic 
_audit_conform.dict_version    5.379 
_audit_conform.dict_location   http://mmcif.pdb.org/dictionaries/ascii/mmcif_pdbx.dic 
# 
loop_
_database_2.database_id 
_database_2.database_code 
_database_2.pdbx_database_accession 
_database_2.pdbx_DOI 
PDB   3TVQ         pdb_00003tvq 10.2210/pdb3tvq/pdb 
RCSB  RCSB067979   ?            ?                   
WWPDB D_1000067979 ?            ?                   
# 
_pdbx_database_related.db_name        PDB 
_pdbx_database_related.db_id          2RER 
_pdbx_database_related.details        'Apo form of TcmN ARO/CYC' 
_pdbx_database_related.content_type   unspecified 
# 
_pdbx_database_status.status_code                     REL 
_pdbx_database_status.entry_id                        3TVQ 
_pdbx_database_status.recvd_initial_deposition_date   2011-09-20 
_pdbx_database_status.deposit_site                    RCSB 
_pdbx_database_status.process_site                    RCSB 
_pdbx_database_status.status_code_sf                  REL 
_pdbx_database_status.status_code_mr                  ? 
_pdbx_database_status.SG_entry                        ? 
_pdbx_database_status.status_code_cs                  ? 
_pdbx_database_status.methods_development_category    ? 
_pdbx_database_status.pdb_format_compatible           Y 
_pdbx_database_status.status_code_nmr_data            ? 
# 
loop_
_audit_author.name 
_audit_author.pdbx_ordinal 
'Ames, B.D.'  1 
'Lee, M.-Y.'  2 
'Tsai, S.-C.' 3 
# 
_citation.id                        primary 
_citation.title                     
'Insight into the Molecular Basis of Aromatic Polyketide Cyclization: Crystal Structure and in Vitro Characterization of WhiE-ORFVI.' 
_citation.journal_abbrev            Biochemistry 
_citation.journal_volume            51 
_citation.page_first                3079 
_citation.page_last                 3091 
_citation.year                      2012 
_citation.journal_id_ASTM           BICHAW 
_citation.country                   US 
_citation.journal_id_ISSN           0006-2960 
_citation.journal_id_CSD            0033 
_citation.book_publisher            ? 
_citation.pdbx_database_id_PubMed   22432862 
_citation.pdbx_database_id_DOI      10.1021/bi201705q 
# 
loop_
_citation_author.citation_id 
_citation_author.name 
_citation_author.ordinal 
_citation_author.identifier_ORCID 
primary 'Lee, M.Y.'  1 ? 
primary 'Ames, B.D.' 2 ? 
primary 'Tsai, S.C.' 3 ? 
# 
_cell.entry_id           3TVQ 
_cell.length_a           72.455 
_cell.length_b           105.011 
_cell.length_c           51.088 
_cell.angle_alpha        90.00 
_cell.angle_beta         90.00 
_cell.angle_gamma        90.00 
_cell.Z_PDB              8 
_cell.pdbx_unique_axis   ? 
_cell.length_a_esd       ? 
_cell.length_b_esd       ? 
_cell.length_c_esd       ? 
_cell.angle_alpha_esd    ? 
_cell.angle_beta_esd     ? 
_cell.angle_gamma_esd    ? 
# 
_symmetry.entry_id                         3TVQ 
_symmetry.space_group_name_H-M             'C 2 2 21' 
_symmetry.pdbx_full_space_group_name_H-M   ? 
_symmetry.cell_setting                     ? 
_symmetry.Int_Tables_number                20 
_symmetry.space_group_name_Hall            ? 
# 
loop_
_entity.id 
_entity.type 
_entity.src_method 
_entity.pdbx_description 
_entity.formula_weight 
_entity.pdbx_number_of_molecules 
_entity.pdbx_ec 
_entity.pdbx_mutation 
_entity.pdbx_fragment 
_entity.details 
1 polymer     man 'Multifunctional cyclase-dehydratase-3-O-methyl transferase tcmN'               19542.910 1   ? ? ? ? 
2 non-polymer syn '(2R,3R)-2-(3,4-DIHYDROXYPHENYL)-3,5,7-TRIHYDROXY-2,3-DIHYDRO-4H-CHROMEN-4-ONE' 304.252   1   ? ? ? ? 
3 water       nat water                                                                           18.015    154 ? ? ? ? 
# 
_entity_poly.entity_id                      1 
_entity_poly.type                           'polypeptide(L)' 
_entity_poly.nstd_linkage                   no 
_entity_poly.nstd_monomer                   no 
_entity_poly.pdbx_seq_one_letter_code       
;MAARTDNSIVVNAPFELVWDVTNDIEAWPELFSEYAEAEILRQDGDGFDFRLKTRPDANGRVWEWVSHRVPDKGSRTVRA
HRVETGPFAYMNLHWTYRAVAGGTEMRWVQEFDMKPGAPFDNAHMTAHLNTTTRANMERIKKIIEDRHREGQRTPASVLP
TELHAQQLL
;
_entity_poly.pdbx_seq_one_letter_code_can   
;MAARTDNSIVVNAPFELVWDVTNDIEAWPELFSEYAEAEILRQDGDGFDFRLKTRPDANGRVWEWVSHRVPDKGSRTVRA
HRVETGPFAYMNLHWTYRAVAGGTEMRWVQEFDMKPGAPFDNAHMTAHLNTTTRANMERIKKIIEDRHREGQRTPASVLP
TELHAQQLL
;
_entity_poly.pdbx_strand_id                 A 
_entity_poly.pdbx_target_identifier         ? 
# 
loop_
_entity_poly_seq.entity_id 
_entity_poly_seq.num 
_entity_poly_seq.mon_id 
_entity_poly_seq.hetero 
1 1   MET n 
1 2   ALA n 
1 3   ALA n 
1 4   ARG n 
1 5   THR n 
1 6   ASP n 
1 7   ASN n 
1 8   SER n 
1 9   ILE n 
1 10  VAL n 
1 11  VAL n 
1 12  ASN n 
1 13  ALA n 
1 14  PRO n 
1 15  PHE n 
1 16  GLU n 
1 17  LEU n 
1 18  VAL n 
1 19  TRP n 
1 20  ASP n 
1 21  VAL n 
1 22  THR n 
1 23  ASN n 
1 24  ASP n 
1 25  ILE n 
1 26  GLU n 
1 27  ALA n 
1 28  TRP n 
1 29  PRO n 
1 30  GLU n 
1 31  LEU n 
1 32  PHE n 
1 33  SER n 
1 34  GLU n 
1 35  TYR n 
1 36  ALA n 
1 37  GLU n 
1 38  ALA n 
1 39  GLU n 
1 40  ILE n 
1 41  LEU n 
1 42  ARG n 
1 43  GLN n 
1 44  ASP n 
1 45  GLY n 
1 46  ASP n 
1 47  GLY n 
1 48  PHE n 
1 49  ASP n 
1 50  PHE n 
1 51  ARG n 
1 52  LEU n 
1 53  LYS n 
1 54  THR n 
1 55  ARG n 
1 56  PRO n 
1 57  ASP n 
1 58  ALA n 
1 59  ASN n 
1 60  GLY n 
1 61  ARG n 
1 62  VAL n 
1 63  TRP n 
1 64  GLU n 
1 65  TRP n 
1 66  VAL n 
1 67  SER n 
1 68  HIS n 
1 69  ARG n 
1 70  VAL n 
1 71  PRO n 
1 72  ASP n 
1 73  LYS n 
1 74  GLY n 
1 75  SER n 
1 76  ARG n 
1 77  THR n 
1 78  VAL n 
1 79  ARG n 
1 80  ALA n 
1 81  HIS n 
1 82  ARG n 
1 83  VAL n 
1 84  GLU n 
1 85  THR n 
1 86  GLY n 
1 87  PRO n 
1 88  PHE n 
1 89  ALA n 
1 90  TYR n 
1 91  MET n 
1 92  ASN n 
1 93  LEU n 
1 94  HIS n 
1 95  TRP n 
1 96  THR n 
1 97  TYR n 
1 98  ARG n 
1 99  ALA n 
1 100 VAL n 
1 101 ALA n 
1 102 GLY n 
1 103 GLY n 
1 104 THR n 
1 105 GLU n 
1 106 MET n 
1 107 ARG n 
1 108 TRP n 
1 109 VAL n 
1 110 GLN n 
1 111 GLU n 
1 112 PHE n 
1 113 ASP n 
1 114 MET n 
1 115 LYS n 
1 116 PRO n 
1 117 GLY n 
1 118 ALA n 
1 119 PRO n 
1 120 PHE n 
1 121 ASP n 
1 122 ASN n 
1 123 ALA n 
1 124 HIS n 
1 125 MET n 
1 126 THR n 
1 127 ALA n 
1 128 HIS n 
1 129 LEU n 
1 130 ASN n 
1 131 THR n 
1 132 THR n 
1 133 THR n 
1 134 ARG n 
1 135 ALA n 
1 136 ASN n 
1 137 MET n 
1 138 GLU n 
1 139 ARG n 
1 140 ILE n 
1 141 LYS n 
1 142 LYS n 
1 143 ILE n 
1 144 ILE n 
1 145 GLU n 
1 146 ASP n 
1 147 ARG n 
1 148 HIS n 
1 149 ARG n 
1 150 GLU n 
1 151 GLY n 
1 152 GLN n 
1 153 ARG n 
1 154 THR n 
1 155 PRO n 
1 156 ALA n 
1 157 SER n 
1 158 VAL n 
1 159 LEU n 
1 160 PRO n 
1 161 THR n 
1 162 GLU n 
1 163 LEU n 
1 164 HIS n 
1 165 ALA n 
1 166 GLN n 
1 167 GLN n 
1 168 LEU n 
1 169 LEU n 
# 
_entity_src_gen.entity_id                          1 
_entity_src_gen.pdbx_src_id                        1 
_entity_src_gen.pdbx_alt_source_flag               sample 
_entity_src_gen.pdbx_seq_type                      ? 
_entity_src_gen.pdbx_beg_seq_num                   ? 
_entity_src_gen.pdbx_end_seq_num                   ? 
_entity_src_gen.gene_src_common_name               ? 
_entity_src_gen.gene_src_genus                     ? 
_entity_src_gen.pdbx_gene_src_gene                 tcmN 
_entity_src_gen.gene_src_species                   ? 
_entity_src_gen.gene_src_strain                    ? 
_entity_src_gen.gene_src_tissue                    ? 
_entity_src_gen.gene_src_tissue_fraction           ? 
_entity_src_gen.gene_src_details                   ? 
_entity_src_gen.pdbx_gene_src_fragment             ? 
_entity_src_gen.pdbx_gene_src_scientific_name      'Streptomyces glaucescens' 
_entity_src_gen.pdbx_gene_src_ncbi_taxonomy_id     1907 
_entity_src_gen.pdbx_gene_src_variant              ? 
_entity_src_gen.pdbx_gene_src_cell_line            ? 
_entity_src_gen.pdbx_gene_src_atcc                 ? 
_entity_src_gen.pdbx_gene_src_organ                ? 
_entity_src_gen.pdbx_gene_src_organelle            ? 
_entity_src_gen.pdbx_gene_src_cell                 ? 
_entity_src_gen.pdbx_gene_src_cellular_location    ? 
_entity_src_gen.host_org_common_name               ? 
_entity_src_gen.pdbx_host_org_scientific_name      'Escherichia coli' 
_entity_src_gen.pdbx_host_org_ncbi_taxonomy_id     469008 
_entity_src_gen.host_org_genus                     ? 
_entity_src_gen.pdbx_host_org_gene                 ? 
_entity_src_gen.pdbx_host_org_organ                ? 
_entity_src_gen.host_org_species                   ? 
_entity_src_gen.pdbx_host_org_tissue               ? 
_entity_src_gen.pdbx_host_org_tissue_fraction      ? 
_entity_src_gen.pdbx_host_org_strain               'BL21(DE3)' 
_entity_src_gen.pdbx_host_org_variant              ? 
_entity_src_gen.pdbx_host_org_cell_line            ? 
_entity_src_gen.pdbx_host_org_atcc                 ? 
_entity_src_gen.pdbx_host_org_culture_collection   ? 
_entity_src_gen.pdbx_host_org_cell                 ? 
_entity_src_gen.pdbx_host_org_organelle            ? 
_entity_src_gen.pdbx_host_org_cellular_location    ? 
_entity_src_gen.pdbx_host_org_vector_type          PLASMID 
_entity_src_gen.pdbx_host_org_vector               ? 
_entity_src_gen.host_org_details                   ? 
_entity_src_gen.expression_system_id               ? 
_entity_src_gen.plasmid_name                       PET28A 
_entity_src_gen.plasmid_details                    ? 
_entity_src_gen.pdbx_description                   ? 
# 
_struct_ref.id                         1 
_struct_ref.db_name                    UNP 
_struct_ref.db_code                    TCMN_STRGA 
_struct_ref.pdbx_db_accession          P16559 
_struct_ref.entity_id                  1 
_struct_ref.pdbx_seq_one_letter_code   
;MAARTDNSIVVNAPFELVWDVTNDIEAWPELFSEYAEAEILRQDGDGFDFRLKTRPDANGRVWEWVSHRVPDKGSRTVRA
HRVETGPFAYMNLHWTYRAVAGGTEMRWVQEFDMKPGAPFDNAHMTAHLNTTTRANMERIKKIIEDRHREGQRTPASVLP
TELHAQQLL
;
_struct_ref.pdbx_align_begin           1 
_struct_ref.pdbx_db_isoform            ? 
# 
_struct_ref_seq.align_id                      1 
_struct_ref_seq.ref_id                        1 
_struct_ref_seq.pdbx_PDB_id_code              3TVQ 
_struct_ref_seq.pdbx_strand_id                A 
_struct_ref_seq.seq_align_beg                 1 
_struct_ref_seq.pdbx_seq_align_beg_ins_code   ? 
_struct_ref_seq.seq_align_end                 169 
_struct_ref_seq.pdbx_seq_align_end_ins_code   ? 
_struct_ref_seq.pdbx_db_accession             P16559 
_struct_ref_seq.db_align_beg                  1 
_struct_ref_seq.pdbx_db_align_beg_ins_code    ? 
_struct_ref_seq.db_align_end                  169 
_struct_ref_seq.pdbx_db_align_end_ins_code    ? 
_struct_ref_seq.pdbx_auth_seq_align_beg       1 
_struct_ref_seq.pdbx_auth_seq_align_end       169 
# 
loop_
_chem_comp.id 
_chem_comp.type 
_chem_comp.mon_nstd_flag 
_chem_comp.name 
_chem_comp.pdbx_synonyms 
_chem_comp.formula 
_chem_comp.formula_weight 
ALA 'L-peptide linking' y ALANINE                                                                         ? 'C3 H7 N O2'     
89.093  
ARG 'L-peptide linking' y ARGININE                                                                        ? 'C6 H15 N4 O2 1' 
175.209 
ASN 'L-peptide linking' y ASPARAGINE                                                                      ? 'C4 H8 N2 O3'    
132.118 
ASP 'L-peptide linking' y 'ASPARTIC ACID'                                                                 ? 'C4 H7 N O4'     
133.103 
DQH non-polymer         . '(2R,3R)-2-(3,4-DIHYDROXYPHENYL)-3,5,7-TRIHYDROXY-2,3-DIHYDRO-4H-CHROMEN-4-ONE' 
'(2R,3R)-TRANS-DIHYDROQUERCETIN' 'C15 H12 O7'     304.252 
GLN 'L-peptide linking' y GLUTAMINE                                                                       ? 'C5 H10 N2 O3'   
146.144 
GLU 'L-peptide linking' y 'GLUTAMIC ACID'                                                                 ? 'C5 H9 N O4'     
147.129 
GLY 'peptide linking'   y GLYCINE                                                                         ? 'C2 H5 N O2'     
75.067  
HIS 'L-peptide linking' y HISTIDINE                                                                       ? 'C6 H10 N3 O2 1' 
156.162 
HOH non-polymer         . WATER                                                                           ? 'H2 O'           
18.015  
ILE 'L-peptide linking' y ISOLEUCINE                                                                      ? 'C6 H13 N O2'    
131.173 
LEU 'L-peptide linking' y LEUCINE                                                                         ? 'C6 H13 N O2'    
131.173 
LYS 'L-peptide linking' y LYSINE                                                                          ? 'C6 H15 N2 O2 1' 
147.195 
MET 'L-peptide linking' y METHIONINE                                                                      ? 'C5 H11 N O2 S'  
149.211 
PHE 'L-peptide linking' y PHENYLALANINE                                                                   ? 'C9 H11 N O2'    
165.189 
PRO 'L-peptide linking' y PROLINE                                                                         ? 'C5 H9 N O2'     
115.130 
SER 'L-peptide linking' y SERINE                                                                          ? 'C3 H7 N O3'     
105.093 
THR 'L-peptide linking' y THREONINE                                                                       ? 'C4 H9 N O3'     
119.119 
TRP 'L-peptide linking' y TRYPTOPHAN                                                                      ? 'C11 H12 N2 O2'  
204.225 
TYR 'L-peptide linking' y TYROSINE                                                                        ? 'C9 H11 N O3'    
181.189 
VAL 'L-peptide linking' y VALINE                                                                          ? 'C5 H11 N O2'    
117.146 
# 
_exptl.entry_id          3TVQ 
_exptl.method            'X-RAY DIFFRACTION' 
_exptl.crystals_number   1 
# 
_exptl_crystal.id                    1 
_exptl_crystal.density_meas          ? 
_exptl_crystal.density_Matthews      2.49 
_exptl_crystal.density_percent_sol   50.53 
_exptl_crystal.description           ? 
_exptl_crystal.F_000                 ? 
_exptl_crystal.preparation           ? 
# 
_exptl_crystal_grow.crystal_id      1 
_exptl_crystal_grow.method          'VAPOR DIFFUSION, SITTING DROP' 
_exptl_crystal_grow.temp            277 
_exptl_crystal_grow.temp_details    ? 
_exptl_crystal_grow.pH              5.0 
_exptl_crystal_grow.pdbx_details    '20% PEG 8000, 0.1M SODIUM ACETATE, pH 5.0, VAPOR DIFFUSION, SITTING DROP, temperature 277K' 
_exptl_crystal_grow.pdbx_pH_range   ? 
# 
_diffrn.id                     1 
_diffrn.ambient_temp           100 
_diffrn.ambient_temp_details   ? 
_diffrn.crystal_id             1 
# 
_diffrn_detector.diffrn_id              1 
_diffrn_detector.detector               CCD 
_diffrn_detector.type                   'ADSC QUANTUM 210' 
_diffrn_detector.pdbx_collection_date   2005-12-20 
_diffrn_detector.details                ? 
# 
_diffrn_radiation.diffrn_id                        1 
_diffrn_radiation.wavelength_id                    1 
_diffrn_radiation.pdbx_monochromatic_or_laue_m_l   M 
_diffrn_radiation.monochromator                    'DOUBLE CRYSTAL' 
_diffrn_radiation.pdbx_diffrn_protocol             'SINGLE WAVELENGTH' 
_diffrn_radiation.pdbx_scattering_type             x-ray 
# 
_diffrn_radiation_wavelength.id           1 
_diffrn_radiation_wavelength.wavelength   1.0332 
_diffrn_radiation_wavelength.wt           1.0 
# 
_diffrn_source.diffrn_id                   1 
_diffrn_source.source                      SYNCHROTRON 
_diffrn_source.type                        'ALS BEAMLINE 8.3.1' 
_diffrn_source.pdbx_synchrotron_site       ALS 
_diffrn_source.pdbx_synchrotron_beamline   8.3.1 
_diffrn_source.pdbx_wavelength             1.0332 
_diffrn_source.pdbx_wavelength_list        ? 
# 
_reflns.entry_id                     3TVQ 
_reflns.observed_criterion_sigma_I   0.000 
_reflns.observed_criterion_sigma_F   ? 
_reflns.d_resolution_low             31.520 
_reflns.d_resolution_high            1.670 
_reflns.number_obs                   22482 
_reflns.number_all                   ? 
_reflns.percent_possible_obs         97.9 
_reflns.pdbx_Rmerge_I_obs            ? 
_reflns.pdbx_Rsym_value              ? 
_reflns.pdbx_netI_over_sigmaI        ? 
_reflns.B_iso_Wilson_estimate        21.80 
_reflns.pdbx_redundancy              6.900 
_reflns.R_free_details               ? 
_reflns.limit_h_max                  ? 
_reflns.limit_h_min                  ? 
_reflns.limit_k_max                  ? 
_reflns.limit_k_min                  ? 
_reflns.limit_l_max                  ? 
_reflns.limit_l_min                  ? 
_reflns.observed_criterion_F_max     ? 
_reflns.observed_criterion_F_min     ? 
_reflns.pdbx_chi_squared             ? 
_reflns.pdbx_scaling_rejects         ? 
_reflns.pdbx_ordinal                 1 
_reflns.pdbx_diffrn_id               1 
# 
_reflns_shell.d_res_high             1.67 
_reflns_shell.d_res_low              1.73 
_reflns_shell.percent_possible_all   100.0 
_reflns_shell.Rmerge_I_obs           ? 
_reflns_shell.pdbx_Rsym_value        ? 
_reflns_shell.meanI_over_sigI_obs    ? 
_reflns_shell.pdbx_redundancy        5.90 
_reflns_shell.percent_possible_obs   ? 
_reflns_shell.number_unique_all      ? 
_reflns_shell.number_measured_all    ? 
_reflns_shell.number_measured_obs    ? 
_reflns_shell.number_unique_obs      ? 
_reflns_shell.pdbx_chi_squared       ? 
_reflns_shell.pdbx_ordinal           1 
_reflns_shell.pdbx_diffrn_id         1 
# 
_refine.entry_id                                 3TVQ 
_refine.ls_number_reflns_obs                     22482 
_refine.ls_number_reflns_all                     23020 
_refine.pdbx_ls_sigma_I                          ? 
_refine.pdbx_ls_sigma_F                          0.000 
_refine.pdbx_data_cutoff_high_absF               ? 
_refine.pdbx_data_cutoff_low_absF                ? 
_refine.pdbx_data_cutoff_high_rms_absF           ? 
_refine.ls_d_res_low                             31.52 
_refine.ls_d_res_high                            1.67 
_refine.ls_percent_reflns_obs                    97.8 
_refine.ls_R_factor_obs                          0.208 
_refine.ls_R_factor_all                          ? 
_refine.ls_R_factor_R_work                       0.208 
_refine.ls_R_factor_R_free                       0.233 
_refine.ls_R_factor_R_free_error                 ? 
_refine.ls_R_factor_R_free_error_details         ? 
_refine.ls_percent_reflns_R_free                 ? 
_refine.ls_number_reflns_R_free                  3415 
_refine.ls_number_parameters                     ? 
_refine.ls_number_restraints                     ? 
_refine.occupancy_min                            ? 
_refine.occupancy_max                            ? 
_refine.correlation_coeff_Fo_to_Fc               ? 
_refine.correlation_coeff_Fo_to_Fc_free          ? 
_refine.B_iso_mean                               24.29 
_refine.aniso_B[1][1]                            -0.27000 
_refine.aniso_B[2][2]                            -0.85000 
_refine.aniso_B[3][3]                            1.12000 
_refine.aniso_B[1][2]                            0.00000 
_refine.aniso_B[1][3]                            0.00000 
_refine.aniso_B[2][3]                            0.00000 
_refine.solvent_model_details                    ? 
_refine.solvent_model_param_ksol                 ? 
_refine.solvent_model_param_bsol                 ? 
_refine.pdbx_solvent_vdw_probe_radii             ? 
_refine.pdbx_solvent_ion_probe_radii             ? 
_refine.pdbx_solvent_shrinkage_radii             ? 
_refine.pdbx_ls_cross_valid_method               THROUGHOUT 
_refine.details                                  ? 
_refine.pdbx_starting_model                      'PDB ENTRY 1AIL' 
_refine.pdbx_method_to_determine_struct          'MOLECULAR REPLACEMENT' 
_refine.pdbx_isotropic_thermal_model             ANISOTROPIC 
_refine.pdbx_stereochemistry_target_values       'Engh & Huber' 
_refine.pdbx_stereochem_target_val_spec_case     ? 
_refine.pdbx_R_Free_selection_details            RANDOM 
_refine.pdbx_overall_ESU_R_Free                  ? 
_refine.overall_SU_ML                            ? 
_refine.pdbx_overall_phase_error                 ? 
_refine.overall_SU_B                             ? 
_refine.overall_SU_R_Cruickshank_DPI             ? 
_refine.ls_redundancy_reflns_obs                 ? 
_refine.B_iso_min                                ? 
_refine.B_iso_max                                ? 
_refine.overall_SU_R_free                        ? 
_refine.ls_wR_factor_R_free                      ? 
_refine.ls_wR_factor_R_work                      ? 
_refine.overall_FOM_free_R_set                   ? 
_refine.overall_FOM_work_R_set                   ? 
_refine.pdbx_diffrn_id                           1 
_refine.pdbx_refine_id                           'X-RAY DIFFRACTION' 
_refine.pdbx_overall_ESU_R                       ? 
_refine.pdbx_TLS_residual_ADP_flag               ? 
_refine.pdbx_overall_SU_R_free_Cruickshank_DPI   ? 
_refine.pdbx_overall_SU_R_Blow_DPI               ? 
_refine.pdbx_overall_SU_R_free_Blow_DPI          ? 
# 
_refine_analyze.entry_id                        3TVQ 
_refine_analyze.Luzzati_coordinate_error_obs    0.19 
_refine_analyze.Luzzati_sigma_a_obs             0.12 
_refine_analyze.Luzzati_d_res_low_obs           5.00 
_refine_analyze.Luzzati_coordinate_error_free   0.22 
_refine_analyze.Luzzati_sigma_a_free            0.16 
_refine_analyze.Luzzati_d_res_low_free          ? 
_refine_analyze.number_disordered_residues      ? 
_refine_analyze.occupancy_sum_hydrogen          ? 
_refine_analyze.occupancy_sum_non_hydrogen      ? 
_refine_analyze.pdbx_Luzzati_d_res_high_obs     ? 
_refine_analyze.pdbx_refine_id                  'X-RAY DIFFRACTION' 
# 
_refine_hist.pdbx_refine_id                   'X-RAY DIFFRACTION' 
_refine_hist.cycle_id                         LAST 
_refine_hist.pdbx_number_atoms_protein        1245 
_refine_hist.pdbx_number_atoms_nucleic_acid   0 
_refine_hist.pdbx_number_atoms_ligand         22 
_refine_hist.number_atoms_solvent             154 
_refine_hist.number_atoms_total               1421 
_refine_hist.d_res_high                       1.67 
_refine_hist.d_res_low                        31.52 
# 
loop_
_refine_ls_restr.type 
_refine_ls_restr.dev_ideal 
_refine_ls_restr.dev_ideal_target 
_refine_ls_restr.weight 
_refine_ls_restr.number 
_refine_ls_restr.pdbx_restraint_function 
_refine_ls_restr.pdbx_refine_id 
c_bond_d                0.005 ? ? ? ? 'X-RAY DIFFRACTION' 
c_bond_d_na             ?     ? ? ? ? 'X-RAY DIFFRACTION' 
c_bond_d_prot           ?     ? ? ? ? 'X-RAY DIFFRACTION' 
c_angle_d               ?     ? ? ? ? 'X-RAY DIFFRACTION' 
c_angle_d_na            ?     ? ? ? ? 'X-RAY DIFFRACTION' 
c_angle_d_prot          ?     ? ? ? ? 'X-RAY DIFFRACTION' 
c_angle_deg             1.20  ? ? ? ? 'X-RAY DIFFRACTION' 
c_angle_deg_na          ?     ? ? ? ? 'X-RAY DIFFRACTION' 
c_angle_deg_prot        ?     ? ? ? ? 'X-RAY DIFFRACTION' 
c_dihedral_angle_d      ?     ? ? ? ? 'X-RAY DIFFRACTION' 
c_dihedral_angle_d_na   ?     ? ? ? ? 'X-RAY DIFFRACTION' 
c_dihedral_angle_d_prot ?     ? ? ? ? 'X-RAY DIFFRACTION' 
c_improper_angle_d      ?     ? ? ? ? 'X-RAY DIFFRACTION' 
c_improper_angle_d_na   ?     ? ? ? ? 'X-RAY DIFFRACTION' 
c_improper_angle_d_prot ?     ? ? ? ? 'X-RAY DIFFRACTION' 
c_mcbond_it             ?     ? ? ? ? 'X-RAY DIFFRACTION' 
c_mcangle_it            ?     ? ? ? ? 'X-RAY DIFFRACTION' 
c_scbond_it             ?     ? ? ? ? 'X-RAY DIFFRACTION' 
c_scangle_it            ?     ? ? ? ? 'X-RAY DIFFRACTION' 
# 
_refine_ls_shell.pdbx_total_number_of_bins_used   ? 
_refine_ls_shell.d_res_high                       1.67 
_refine_ls_shell.d_res_low                        1.75 
_refine_ls_shell.number_reflns_R_work             ? 
_refine_ls_shell.R_factor_R_work                  0.2560 
_refine_ls_shell.percent_reflns_obs               92.30 
_refine_ls_shell.R_factor_R_free                  0.2770 
_refine_ls_shell.R_factor_R_free_error            0.015 
_refine_ls_shell.percent_reflns_R_free            ? 
_refine_ls_shell.number_reflns_R_free             361 
_refine_ls_shell.number_reflns_all                ? 
_refine_ls_shell.R_factor_all                     ? 
_refine_ls_shell.number_reflns_obs                ? 
_refine_ls_shell.redundancy_reflns_obs            ? 
_refine_ls_shell.pdbx_refine_id                   'X-RAY DIFFRACTION' 
# 
_struct.entry_id                  3TVQ 
_struct.title                     'Crystal structure of TCM Aro/Cyc complexed with trans-dihidroquercetin' 
_struct.pdbx_model_details        ? 
_struct.pdbx_CASP_flag            ? 
_struct.pdbx_model_type_details   ? 
# 
_struct_keywords.entry_id        3TVQ 
_struct_keywords.pdbx_keywords   TRANSFERASE 
_struct_keywords.text            
;TETRACENOMYCIN, AROMATASE, CYCLASE, TAXIFOLIN, DIHYROQUERCETIN, Helix-grip fold, MULTIFUNCTIONAL CYCLASE-DEHYDRATASE-3-O-METHYL TRANSFERASE, TRANSFERASE
;
# 
loop_
_struct_asym.id 
_struct_asym.pdbx_blank_PDB_chainid_flag 
_struct_asym.pdbx_modified 
_struct_asym.entity_id 
_struct_asym.details 
A N N 1 ? 
B N N 2 ? 
C N N 3 ? 
# 
_struct_biol.id        1 
_struct_biol.details   ? 
# 
loop_
_struct_conf.conf_type_id 
_struct_conf.id 
_struct_conf.pdbx_PDB_helix_id 
_struct_conf.beg_label_comp_id 
_struct_conf.beg_label_asym_id 
_struct_conf.beg_label_seq_id 
_struct_conf.pdbx_beg_PDB_ins_code 
_struct_conf.end_label_comp_id 
_struct_conf.end_label_asym_id 
_struct_conf.end_label_seq_id 
_struct_conf.pdbx_end_PDB_ins_code 
_struct_conf.beg_auth_comp_id 
_struct_conf.beg_auth_asym_id 
_struct_conf.beg_auth_seq_id 
_struct_conf.end_auth_comp_id 
_struct_conf.end_auth_asym_id 
_struct_conf.end_auth_seq_id 
_struct_conf.pdbx_PDB_helix_class 
_struct_conf.details 
_struct_conf.pdbx_PDB_helix_length 
HELX_P HELX_P1 1 PRO A 14  ? ASN A 23  ? PRO A 14  ASN A 23  1 ? 10 
HELX_P HELX_P2 2 ASP A 24  ? GLU A 26  ? ASP A 24  GLU A 26  5 ? 3  
HELX_P HELX_P3 3 ALA A 27  ? PHE A 32  ? ALA A 27  PHE A 32  1 ? 6  
HELX_P HELX_P4 4 LYS A 73  ? SER A 75  ? LYS A 73  SER A 75  5 ? 3  
HELX_P HELX_P5 5 ASP A 121 ? GLN A 152 ? ASP A 121 GLN A 152 1 ? 32 
# 
_struct_conf_type.id          HELX_P 
_struct_conf_type.criteria    ? 
_struct_conf_type.reference   ? 
# 
_struct_sheet.id               A 
_struct_sheet.type             ? 
_struct_sheet.number_strands   7 
_struct_sheet.details          ? 
# 
loop_
_struct_sheet_order.sheet_id 
_struct_sheet_order.range_id_1 
_struct_sheet_order.range_id_2 
_struct_sheet_order.offset 
_struct_sheet_order.sense 
A 1 2 ? anti-parallel 
A 2 3 ? anti-parallel 
A 3 4 ? anti-parallel 
A 4 5 ? anti-parallel 
A 5 6 ? anti-parallel 
A 6 7 ? anti-parallel 
# 
loop_
_struct_sheet_range.sheet_id 
_struct_sheet_range.id 
_struct_sheet_range.beg_label_comp_id 
_struct_sheet_range.beg_label_asym_id 
_struct_sheet_range.beg_label_seq_id 
_struct_sheet_range.pdbx_beg_PDB_ins_code 
_struct_sheet_range.end_label_comp_id 
_struct_sheet_range.end_label_asym_id 
_struct_sheet_range.end_label_seq_id 
_struct_sheet_range.pdbx_end_PDB_ins_code 
_struct_sheet_range.beg_auth_comp_id 
_struct_sheet_range.beg_auth_asym_id 
_struct_sheet_range.beg_auth_seq_id 
_struct_sheet_range.end_auth_comp_id 
_struct_sheet_range.end_auth_asym_id 
_struct_sheet_range.end_auth_seq_id 
A 1 ALA A 3   ? VAL A 11  ? ALA A 3   VAL A 11  
A 2 GLY A 103 ? MET A 114 ? GLY A 103 MET A 114 
A 3 PHE A 88  ? VAL A 100 ? PHE A 88  VAL A 100 
A 4 THR A 77  ? ARG A 82  ? THR A 77  ARG A 82  
A 5 GLU A 64  ? ASP A 72  ? GLU A 64  ASP A 72  
A 6 GLY A 47  ? THR A 54  ? GLY A 47  THR A 54  
A 7 TYR A 35  ? ASP A 44  ? TYR A 35  ASP A 44  
# 
loop_
_pdbx_struct_sheet_hbond.sheet_id 
_pdbx_struct_sheet_hbond.range_id_1 
_pdbx_struct_sheet_hbond.range_id_2 
_pdbx_struct_sheet_hbond.range_1_label_atom_id 
_pdbx_struct_sheet_hbond.range_1_label_comp_id 
_pdbx_struct_sheet_hbond.range_1_label_asym_id 
_pdbx_struct_sheet_hbond.range_1_label_seq_id 
_pdbx_struct_sheet_hbond.range_1_PDB_ins_code 
_pdbx_struct_sheet_hbond.range_1_auth_atom_id 
_pdbx_struct_sheet_hbond.range_1_auth_comp_id 
_pdbx_struct_sheet_hbond.range_1_auth_asym_id 
_pdbx_struct_sheet_hbond.range_1_auth_seq_id 
_pdbx_struct_sheet_hbond.range_2_label_atom_id 
_pdbx_struct_sheet_hbond.range_2_label_comp_id 
_pdbx_struct_sheet_hbond.range_2_label_asym_id 
_pdbx_struct_sheet_hbond.range_2_label_seq_id 
_pdbx_struct_sheet_hbond.range_2_PDB_ins_code 
_pdbx_struct_sheet_hbond.range_2_auth_atom_id 
_pdbx_struct_sheet_hbond.range_2_auth_comp_id 
_pdbx_struct_sheet_hbond.range_2_auth_asym_id 
_pdbx_struct_sheet_hbond.range_2_auth_seq_id 
A 1 2 N ALA A 3   ? N ALA A 3   O PHE A 112 ? O PHE A 112 
A 2 3 O ASP A 113 ? O ASP A 113 N ALA A 89  ? N ALA A 89  
A 3 4 O LEU A 93  ? O LEU A 93  N ALA A 80  ? N ALA A 80  
A 4 5 O ARG A 79  ? O ARG A 79  N VAL A 70  ? N VAL A 70  
A 5 6 O ARG A 69  ? O ARG A 69  N PHE A 48  ? N PHE A 48  
A 6 7 O ARG A 51  ? O ARG A 51  N GLU A 39  ? N GLU A 39  
# 
_struct_site.id                   AC1 
_struct_site.pdbx_evidence_code   Software 
_struct_site.pdbx_auth_asym_id    A 
_struct_site.pdbx_auth_comp_id    DQH 
_struct_site.pdbx_auth_seq_id     380 
_struct_site.pdbx_auth_ins_code   ? 
_struct_site.pdbx_num_residues    14 
_struct_site.details              'BINDING SITE FOR RESIDUE DQH A 380' 
# 
loop_
_struct_site_gen.id 
_struct_site_gen.site_id 
_struct_site_gen.pdbx_num_res 
_struct_site_gen.label_comp_id 
_struct_site_gen.label_asym_id 
_struct_site_gen.label_seq_id 
_struct_site_gen.pdbx_auth_ins_code 
_struct_site_gen.auth_comp_id 
_struct_site_gen.auth_asym_id 
_struct_site_gen.auth_seq_id 
_struct_site_gen.label_atom_id 
_struct_site_gen.label_alt_id 
_struct_site_gen.symmetry 
_struct_site_gen.details 
1  AC1 14 ASP A 57  ? ASP A 57  . ? 1_555 ? 
2  AC1 14 ASN A 59  ? ASN A 59  . ? 4_556 ? 
3  AC1 14 ASN A 59  ? ASN A 59  . ? 1_555 ? 
4  AC1 14 TRP A 63  ? TRP A 63  . ? 1_555 ? 
5  AC1 14 TRP A 65  ? TRP A 65  . ? 1_555 ? 
6  AC1 14 ARG A 82  ? ARG A 82  . ? 1_555 ? 
7  AC1 14 PHE A 120 ? PHE A 120 . ? 1_555 ? 
8  AC1 14 HIS A 124 ? HIS A 124 . ? 1_555 ? 
9  AC1 14 MET A 125 ? MET A 125 . ? 1_555 ? 
10 AC1 14 HIS A 128 ? HIS A 128 . ? 1_555 ? 
11 AC1 14 HOH C .   ? HOH A 176 . ? 1_555 ? 
12 AC1 14 HOH C .   ? HOH A 225 . ? 1_555 ? 
13 AC1 14 HOH C .   ? HOH A 233 . ? 1_555 ? 
14 AC1 14 HOH C .   ? HOH A 259 . ? 1_555 ? 
# 
_atom_sites.entry_id                    3TVQ 
_atom_sites.fract_transf_matrix[1][1]   -0.01022729 
_atom_sites.fract_transf_matrix[1][2]   -0.00702965 
_atom_sites.fract_transf_matrix[1][3]   0.00604001 
_atom_sites.fract_transf_matrix[2][1]   0.00178767 
_atom_sites.fract_transf_matrix[2][2]   0.00446246 
_atom_sites.fract_transf_matrix[2][3]   0.00822060 
_atom_sites.fract_transf_matrix[3][1]   -0.01261998 
_atom_sites.fract_transf_matrix[3][2]   0.01412868 
_atom_sites.fract_transf_matrix[3][3]   -0.00492523 
_atom_sites.fract_transf_vector[1]      0.876938 
_atom_sites.fract_transf_vector[2]      0.198269 
_atom_sites.fract_transf_vector[3]      0.495626 
# 
loop_
_atom_type.symbol 
C 
N 
O 
S 
# 
loop_
_atom_site.group_PDB 
_atom_site.id 
_atom_site.type_symbol 
_atom_site.label_atom_id 
_atom_site.label_alt_id 
_atom_site.label_comp_id 
_atom_site.label_asym_id 
_atom_site.label_entity_id 
_atom_site.label_seq_id 
_atom_site.pdbx_PDB_ins_code 
_atom_site.Cartn_x 
_atom_site.Cartn_y 
_atom_site.Cartn_z 
_atom_site.occupancy 
_atom_site.B_iso_or_equiv 
_atom_site.pdbx_formal_charge 
_atom_site.auth_seq_id 
_atom_site.auth_comp_id 
_atom_site.auth_asym_id 
_atom_site.auth_atom_id 
_atom_site.pdbx_PDB_model_num 
ATOM   1    N N   . MET A 1 1   ? -10.974 10.877  -17.163 1.00 56.94 ? 1   MET A N   1 
ATOM   2    C CA  . MET A 1 1   ? -9.636  11.492  -17.395 1.00 56.47 ? 1   MET A CA  1 
ATOM   3    C C   . MET A 1 1   ? -8.568  10.785  -16.565 1.00 54.07 ? 1   MET A C   1 
ATOM   4    O O   . MET A 1 1   ? -7.523  10.391  -17.086 1.00 54.84 ? 1   MET A O   1 
ATOM   5    C CB  . MET A 1 1   ? -9.672  12.979  -17.033 1.00 59.62 ? 1   MET A CB  1 
ATOM   6    C CG  . MET A 1 1   ? -10.701 13.779  -17.818 1.00 62.88 ? 1   MET A CG  1 
ATOM   7    S SD  . MET A 1 1   ? -10.748 15.519  -17.344 1.00 67.06 ? 1   MET A SD  1 
ATOM   8    C CE  . MET A 1 1   ? -11.941 15.477  -15.998 1.00 66.42 ? 1   MET A CE  1 
ATOM   9    N N   . ALA A 1 2   ? -8.839  10.626  -15.273 1.00 49.65 ? 2   ALA A N   1 
ATOM   10   C CA  . ALA A 1 2   ? -7.907  9.964   -14.367 1.00 45.09 ? 2   ALA A CA  1 
ATOM   11   C C   . ALA A 1 2   ? -8.604  8.815   -13.647 1.00 41.41 ? 2   ALA A C   1 
ATOM   12   O O   . ALA A 1 2   ? -9.830  8.701   -13.689 1.00 41.81 ? 2   ALA A O   1 
ATOM   13   C CB  . ALA A 1 2   ? -7.364  10.963  -13.355 1.00 45.38 ? 2   ALA A CB  1 
ATOM   14   N N   . ALA A 1 3   ? -7.821  7.966   -12.987 1.00 35.64 ? 3   ALA A N   1 
ATOM   15   C CA  . ALA A 1 3   ? -8.369  6.825   -12.261 1.00 31.07 ? 3   ALA A CA  1 
ATOM   16   C C   . ALA A 1 3   ? -8.109  6.965   -10.764 1.00 26.97 ? 3   ALA A C   1 
ATOM   17   O O   . ALA A 1 3   ? -7.145  7.602   -10.351 1.00 25.17 ? 3   ALA A O   1 
ATOM   18   C CB  . ALA A 1 3   ? -7.759  5.534   -12.787 1.00 30.34 ? 3   ALA A CB  1 
ATOM   19   N N   . ARG A 1 4   ? -8.968  6.358   -9.951  1.00 25.87 ? 4   ARG A N   1 
ATOM   20   C CA  . ARG A 1 4   ? -8.817  6.455   -8.505  1.00 25.20 ? 4   ARG A CA  1 
ATOM   21   C C   . ARG A 1 4   ? -9.464  5.294   -7.766  1.00 22.85 ? 4   ARG A C   1 
ATOM   22   O O   . ARG A 1 4   ? -10.491 4.764   -8.194  1.00 21.47 ? 4   ARG A O   1 
ATOM   23   C CB  . ARG A 1 4   ? -9.438  7.774   -8.028  1.00 28.72 ? 4   ARG A CB  1 
ATOM   24   C CG  . ARG A 1 4   ? -9.500  7.979   -6.522  1.00 33.08 ? 4   ARG A CG  1 
ATOM   25   C CD  . ARG A 1 4   ? -10.442 9.139   -6.199  1.00 37.24 ? 4   ARG A CD  1 
ATOM   26   N NE  . ARG A 1 4   ? -10.677 9.305   -4.766  1.00 38.93 ? 4   ARG A NE  1 
ATOM   27   C CZ  . ARG A 1 4   ? -9.846  9.923   -3.933  1.00 40.78 ? 4   ARG A CZ  1 
ATOM   28   N NH1 . ARG A 1 4   ? -8.714  10.444  -4.386  1.00 42.47 ? 4   ARG A NH1 1 
ATOM   29   N NH2 . ARG A 1 4   ? -10.150 10.026  -2.644  1.00 41.84 ? 4   ARG A NH2 1 
ATOM   30   N N   . THR A 1 5   ? -8.840  4.888   -6.664  1.00 20.19 ? 5   THR A N   1 
ATOM   31   C CA  . THR A 1 5   ? -9.382  3.830   -5.822  1.00 18.91 ? 5   THR A CA  1 
ATOM   32   C C   . THR A 1 5   ? -9.459  4.456   -4.432  1.00 18.58 ? 5   THR A C   1 
ATOM   33   O O   . THR A 1 5   ? -8.664  5.338   -4.095  1.00 18.69 ? 5   THR A O   1 
ATOM   34   C CB  . THR A 1 5   ? -8.478  2.568   -5.768  1.00 19.15 ? 5   THR A CB  1 
ATOM   35   O OG1 . THR A 1 5   ? -7.229  2.892   -5.151  1.00 19.11 ? 5   THR A OG1 1 
ATOM   36   C CG2 . THR A 1 5   ? -8.228  2.026   -7.169  1.00 17.86 ? 5   THR A CG2 1 
ATOM   37   N N   . ASP A 1 6   ? -10.420 4.014   -3.630  1.00 17.79 ? 6   ASP A N   1 
ATOM   38   C CA  . ASP A 1 6   ? -10.606 4.560   -2.296  1.00 18.84 ? 6   ASP A CA  1 
ATOM   39   C C   . ASP A 1 6   ? -11.229 3.453   -1.461  1.00 19.07 ? 6   ASP A C   1 
ATOM   40   O O   . ASP A 1 6   ? -12.420 3.161   -1.597  1.00 18.22 ? 6   ASP A O   1 
ATOM   41   C CB  . ASP A 1 6   ? -11.562 5.761   -2.363  1.00 20.48 ? 6   ASP A CB  1 
ATOM   42   C CG  . ASP A 1 6   ? -11.588 6.569   -1.083  1.00 23.82 ? 6   ASP A CG  1 
ATOM   43   O OD1 . ASP A 1 6   ? -11.446 5.981   0.006   1.00 22.06 ? 6   ASP A OD1 1 
ATOM   44   O OD2 . ASP A 1 6   ? -11.771 7.805   -1.166  1.00 28.09 ? 6   ASP A OD2 1 
ATOM   45   N N   . ASN A 1 7   ? -10.418 2.836   -0.608  1.00 17.58 ? 7   ASN A N   1 
ATOM   46   C CA  . ASN A 1 7   ? -10.881 1.741   0.235   1.00 17.78 ? 7   ASN A CA  1 
ATOM   47   C C   . ASN A 1 7   ? -10.527 1.942   1.694   1.00 16.18 ? 7   ASN A C   1 
ATOM   48   O O   . ASN A 1 7   ? -9.451  2.437   2.019   1.00 16.56 ? 7   ASN A O   1 
ATOM   49   C CB  . ASN A 1 7   ? -10.271 0.434   -0.253  1.00 17.51 ? 7   ASN A CB  1 
ATOM   50   C CG  . ASN A 1 7   ? -10.772 0.047   -1.618  1.00 18.73 ? 7   ASN A CG  1 
ATOM   51   O OD1 . ASN A 1 7   ? -11.884 -0.464  -1.756  1.00 19.99 ? 7   ASN A OD1 1 
ATOM   52   N ND2 . ASN A 1 7   ? -9.967  0.307   -2.642  1.00 17.49 ? 7   ASN A ND2 1 
ATOM   53   N N   . SER A 1 8   ? -11.433 1.531   2.571   1.00 16.73 ? 8   SER A N   1 
ATOM   54   C CA  . SER A 1 8   ? -11.218 1.673   4.001   1.00 17.68 ? 8   SER A CA  1 
ATOM   55   C C   . SER A 1 8   ? -11.516 0.380   4.740   1.00 16.06 ? 8   SER A C   1 
ATOM   56   O O   . SER A 1 8   ? -12.248 -0.482  4.255   1.00 18.74 ? 8   SER A O   1 
ATOM   57   C CB  . SER A 1 8   ? -12.119 2.774   4.574   1.00 20.71 ? 8   SER A CB  1 
ATOM   58   O OG  . SER A 1 8   ? -11.859 4.038   3.981   1.00 26.15 ? 8   SER A OG  1 
ATOM   59   N N   . ILE A 1 9   ? -10.929 0.248   5.921   1.00 16.10 ? 9   ILE A N   1 
ATOM   60   C CA  . ILE A 1 9   ? -11.184 -0.907  6.766   1.00 15.87 ? 9   ILE A CA  1 
ATOM   61   C C   . ILE A 1 9   ? -10.831 -0.507  8.186   1.00 15.71 ? 9   ILE A C   1 
ATOM   62   O O   . ILE A 1 9   ? -9.947  0.319   8.406   1.00 16.89 ? 9   ILE A O   1 
ATOM   63   C CB  . ILE A 1 9   ? -10.344 -2.145  6.353   1.00 15.57 ? 9   ILE A CB  1 
ATOM   64   C CG1 . ILE A 1 9   ? -11.003 -3.418  6.899   1.00 16.95 ? 9   ILE A CG1 1 
ATOM   65   C CG2 . ILE A 1 9   ? -8.920  -2.034  6.911   1.00 16.34 ? 9   ILE A CG2 1 
ATOM   66   C CD1 . ILE A 1 9   ? -10.373 -4.702  6.407   1.00 17.46 ? 9   ILE A CD1 1 
ATOM   67   N N   . VAL A 1 10  ? -11.541 -1.069  9.153   1.00 15.63 ? 10  VAL A N   1 
ATOM   68   C CA  . VAL A 1 10  ? -11.253 -0.764  10.545  1.00 15.57 ? 10  VAL A CA  1 
ATOM   69   C C   . VAL A 1 10  ? -10.480 -1.932  11.140  1.00 15.15 ? 10  VAL A C   1 
ATOM   70   O O   . VAL A 1 10  ? -10.888 -3.085  11.006  1.00 17.47 ? 10  VAL A O   1 
ATOM   71   C CB  . VAL A 1 10  ? -12.554 -0.548  11.353  1.00 15.49 ? 10  VAL A CB  1 
ATOM   72   C CG1 . VAL A 1 10  ? -12.242 -0.393  12.831  1.00 17.08 ? 10  VAL A CG1 1 
ATOM   73   C CG2 . VAL A 1 10  ? -13.272 0.690   10.840  1.00 17.02 ? 10  VAL A CG2 1 
ATOM   74   N N   . VAL A 1 11  ? -9.344  -1.627  11.758  1.00 15.10 ? 11  VAL A N   1 
ATOM   75   C CA  . VAL A 1 11  ? -8.522  -2.643  12.412  1.00 15.43 ? 11  VAL A CA  1 
ATOM   76   C C   . VAL A 1 11  ? -8.757  -2.473  13.910  1.00 16.38 ? 11  VAL A C   1 
ATOM   77   O O   . VAL A 1 11  ? -8.569  -1.385  14.456  1.00 17.06 ? 11  VAL A O   1 
ATOM   78   C CB  . VAL A 1 11  ? -7.026  -2.440  12.102  1.00 13.57 ? 11  VAL A CB  1 
ATOM   79   C CG1 . VAL A 1 11  ? -6.193  -3.529  12.781  1.00 14.47 ? 11  VAL A CG1 1 
ATOM   80   C CG2 . VAL A 1 11  ? -6.801  -2.470  10.593  1.00 13.45 ? 11  VAL A CG2 1 
ATOM   81   N N   . ASN A 1 12  ? -9.190  -3.539  14.575  1.00 17.38 ? 12  ASN A N   1 
ATOM   82   C CA  . ASN A 1 12  ? -9.455  -3.459  16.008  1.00 18.92 ? 12  ASN A CA  1 
ATOM   83   C C   . ASN A 1 12  ? -8.164  -3.501  16.824  1.00 18.69 ? 12  ASN A C   1 
ATOM   84   O O   . ASN A 1 12  ? -7.883  -4.472  17.532  1.00 19.64 ? 12  ASN A O   1 
ATOM   85   C CB  . ASN A 1 12  ? -10.394 -4.596  16.420  1.00 18.71 ? 12  ASN A CB  1 
ATOM   86   C CG  . ASN A 1 12  ? -11.779 -4.468  15.796  1.00 21.53 ? 12  ASN A CG  1 
ATOM   87   O OD1 . ASN A 1 12  ? -12.485 -5.464  15.625  1.00 25.76 ? 12  ASN A OD1 1 
ATOM   88   N ND2 . ASN A 1 12  ? -12.179 -3.240  15.468  1.00 21.89 ? 12  ASN A ND2 1 
ATOM   89   N N   . ALA A 1 13  ? -7.379  -2.435  16.708  1.00 19.51 ? 13  ALA A N   1 
ATOM   90   C CA  . ALA A 1 13  ? -6.112  -2.306  17.418  1.00 18.99 ? 13  ALA A CA  1 
ATOM   91   C C   . ALA A 1 13  ? -5.761  -0.825  17.506  1.00 19.15 ? 13  ALA A C   1 
ATOM   92   O O   . ALA A 1 13  ? -6.281  -0.018  16.736  1.00 19.72 ? 13  ALA A O   1 
ATOM   93   C CB  . ALA A 1 13  ? -5.017  -3.062  16.676  1.00 19.08 ? 13  ALA A CB  1 
ATOM   94   N N   . PRO A 1 14  ? -4.880  -0.451  18.451  1.00 20.80 ? 14  PRO A N   1 
ATOM   95   C CA  . PRO A 1 14  ? -4.456  0.941   18.644  1.00 19.40 ? 14  PRO A CA  1 
ATOM   96   C C   . PRO A 1 14  ? -3.670  1.497   17.463  1.00 19.62 ? 14  PRO A C   1 
ATOM   97   O O   . PRO A 1 14  ? -3.052  0.747   16.700  1.00 16.59 ? 14  PRO A O   1 
ATOM   98   C CB  . PRO A 1 14  ? -3.598  0.871   19.904  1.00 20.58 ? 14  PRO A CB  1 
ATOM   99   C CG  . PRO A 1 14  ? -4.153  -0.319  20.639  1.00 21.70 ? 14  PRO A CG  1 
ATOM   100  C CD  . PRO A 1 14  ? -4.341  -1.307  19.522  1.00 20.67 ? 14  PRO A CD  1 
ATOM   101  N N   . PHE A 1 15  ? -3.682  2.819   17.327  1.00 17.94 ? 15  PHE A N   1 
ATOM   102  C CA  . PHE A 1 15  ? -2.966  3.472   16.242  1.00 18.57 ? 15  PHE A CA  1 
ATOM   103  C C   . PHE A 1 15  ? -1.501  3.076   16.156  1.00 17.64 ? 15  PHE A C   1 
ATOM   104  O O   . PHE A 1 15  ? -1.014  2.731   15.082  1.00 17.42 ? 15  PHE A O   1 
ATOM   105  C CB  . PHE A 1 15  ? -3.039  4.992   16.386  1.00 17.94 ? 15  PHE A CB  1 
ATOM   106  C CG  . PHE A 1 15  ? -2.123  5.725   15.447  1.00 16.26 ? 15  PHE A CG  1 
ATOM   107  C CD1 . PHE A 1 15  ? -2.425  5.819   14.092  1.00 17.65 ? 15  PHE A CD1 1 
ATOM   108  C CD2 . PHE A 1 15  ? -0.926  6.272   15.908  1.00 18.89 ? 15  PHE A CD2 1 
ATOM   109  C CE1 . PHE A 1 15  ? -1.547  6.441   13.206  1.00 15.99 ? 15  PHE A CE1 1 
ATOM   110  C CE2 . PHE A 1 15  ? -0.038  6.896   15.030  1.00 20.17 ? 15  PHE A CE2 1 
ATOM   111  C CZ  . PHE A 1 15  ? -0.348  6.979   13.675  1.00 17.38 ? 15  PHE A CZ  1 
ATOM   112  N N   . GLU A 1 16  ? -0.798  3.141   17.284  1.00 17.50 ? 16  GLU A N   1 
ATOM   113  C CA  . GLU A 1 16  ? 0.627   2.825   17.324  1.00 17.91 ? 16  GLU A CA  1 
ATOM   114  C C   . GLU A 1 16  ? 0.964   1.510   16.627  1.00 17.86 ? 16  GLU A C   1 
ATOM   115  O O   . GLU A 1 16  ? 1.849   1.465   15.773  1.00 16.83 ? 16  GLU A O   1 
ATOM   116  C CB  . GLU A 1 16  ? 1.111   2.791   18.774  1.00 20.03 ? 16  GLU A CB  1 
ATOM   117  C CG  . GLU A 1 16  ? 2.613   2.614   18.940  1.00 24.45 ? 16  GLU A CG  1 
ATOM   118  C CD  . GLU A 1 16  ? 3.411   3.723   18.278  1.00 28.62 ? 16  GLU A CD  1 
ATOM   119  O OE1 . GLU A 1 16  ? 3.018   4.905   18.401  1.00 29.56 ? 16  GLU A OE1 1 
ATOM   120  O OE2 . GLU A 1 16  ? 4.444   3.412   17.645  1.00 33.06 ? 16  GLU A OE2 1 
ATOM   121  N N   . LEU A 1 17  ? 0.257   0.443   16.988  1.00 17.69 ? 17  LEU A N   1 
ATOM   122  C CA  . LEU A 1 17  ? 0.508   -0.858  16.383  1.00 16.93 ? 17  LEU A CA  1 
ATOM   123  C C   . LEU A 1 17  ? 0.151   -0.879  14.902  1.00 14.99 ? 17  LEU A C   1 
ATOM   124  O O   . LEU A 1 17  ? 0.930   -1.352  14.086  1.00 16.27 ? 17  LEU A O   1 
ATOM   125  C CB  . LEU A 1 17  ? -0.284  -1.954  17.107  1.00 16.65 ? 17  LEU A CB  1 
ATOM   126  C CG  . LEU A 1 17  ? -0.066  -3.372  16.566  1.00 17.30 ? 17  LEU A CG  1 
ATOM   127  C CD1 . LEU A 1 17  ? 1.393   -3.794  16.765  1.00 17.30 ? 17  LEU A CD1 1 
ATOM   128  C CD2 . LEU A 1 17  ? -1.003  -4.334  17.278  1.00 16.08 ? 17  LEU A CD2 1 
ATOM   129  N N   . VAL A 1 18  ? -1.026  -0.368  14.559  1.00 14.90 ? 18  VAL A N   1 
ATOM   130  C CA  . VAL A 1 18  ? -1.467  -0.348  13.166  1.00 14.17 ? 18  VAL A CA  1 
ATOM   131  C C   . VAL A 1 18  ? -0.458  0.427   12.324  1.00 15.72 ? 18  VAL A C   1 
ATOM   132  O O   . VAL A 1 18  ? -0.083  -0.005  11.231  1.00 14.52 ? 18  VAL A O   1 
ATOM   133  C CB  . VAL A 1 18  ? -2.871  0.293   13.041  1.00 14.42 ? 18  VAL A CB  1 
ATOM   134  C CG1 . VAL A 1 18  ? -3.288  0.377   11.579  1.00 13.33 ? 18  VAL A CG1 1 
ATOM   135  C CG2 . VAL A 1 18  ? -3.886  -0.537  13.828  1.00 13.79 ? 18  VAL A CG2 1 
ATOM   136  N N   . TRP A 1 19  ? -0.001  1.562   12.851  1.00 14.60 ? 19  TRP A N   1 
ATOM   137  C CA  . TRP A 1 19  ? 0.978   2.383   12.148  1.00 14.61 ? 19  TRP A CA  1 
ATOM   138  C C   . TRP A 1 19  ? 2.324   1.674   12.003  1.00 14.17 ? 19  TRP A C   1 
ATOM   139  O O   . TRP A 1 19  ? 2.895   1.628   10.911  1.00 14.63 ? 19  TRP A O   1 
ATOM   140  C CB  . TRP A 1 19  ? 1.173   3.715   12.885  1.00 15.03 ? 19  TRP A CB  1 
ATOM   141  C CG  . TRP A 1 19  ? 2.271   4.554   12.306  1.00 17.57 ? 19  TRP A CG  1 
ATOM   142  C CD1 . TRP A 1 19  ? 3.595   4.502   12.623  1.00 18.85 ? 19  TRP A CD1 1 
ATOM   143  C CD2 . TRP A 1 19  ? 2.149   5.521   11.256  1.00 18.09 ? 19  TRP A CD2 1 
ATOM   144  N NE1 . TRP A 1 19  ? 4.308   5.369   11.836  1.00 19.95 ? 19  TRP A NE1 1 
ATOM   145  C CE2 . TRP A 1 19  ? 3.445   6.009   10.987  1.00 18.78 ? 19  TRP A CE2 1 
ATOM   146  C CE3 . TRP A 1 19  ? 1.070   6.020   10.514  1.00 18.82 ? 19  TRP A CE3 1 
ATOM   147  C CZ2 . TRP A 1 19  ? 3.695   6.974   10.004  1.00 18.74 ? 19  TRP A CZ2 1 
ATOM   148  C CZ3 . TRP A 1 19  ? 1.320   6.980   9.536   1.00 19.33 ? 19  TRP A CZ3 1 
ATOM   149  C CH2 . TRP A 1 19  ? 2.623   7.443   9.293   1.00 17.15 ? 19  TRP A CH2 1 
ATOM   150  N N   . ASP A 1 20  ? 2.835   1.115   13.098  1.00 14.94 ? 20  ASP A N   1 
ATOM   151  C CA  . ASP A 1 20  ? 4.132   0.440   13.054  1.00 15.73 ? 20  ASP A CA  1 
ATOM   152  C C   . ASP A 1 20  ? 4.179   -0.783  12.138  1.00 14.36 ? 20  ASP A C   1 
ATOM   153  O O   . ASP A 1 20  ? 5.175   -1.010  11.454  1.00 14.43 ? 20  ASP A O   1 
ATOM   154  C CB  . ASP A 1 20  ? 4.584   0.038   14.460  1.00 18.20 ? 20  ASP A CB  1 
ATOM   155  C CG  . ASP A 1 20  ? 4.901   1.236   15.340  1.00 22.14 ? 20  ASP A CG  1 
ATOM   156  O OD1 . ASP A 1 20  ? 5.218   2.320   14.798  1.00 23.44 ? 20  ASP A OD1 1 
ATOM   157  O OD2 . ASP A 1 20  ? 4.848   1.084   16.580  1.00 21.92 ? 20  ASP A OD2 1 
ATOM   158  N N   . VAL A 1 21  ? 3.113   -1.572  12.129  1.00 13.07 ? 21  VAL A N   1 
ATOM   159  C CA  . VAL A 1 21  ? 3.069   -2.750  11.267  1.00 12.78 ? 21  VAL A CA  1 
ATOM   160  C C   . VAL A 1 21  ? 2.996   -2.359  9.789   1.00 14.02 ? 21  VAL A C   1 
ATOM   161  O O   . VAL A 1 21  ? 3.807   -2.812  8.980   1.00 13.33 ? 21  VAL A O   1 
ATOM   162  C CB  . VAL A 1 21  ? 1.848   -3.647  11.600  1.00 11.90 ? 21  VAL A CB  1 
ATOM   163  C CG1 . VAL A 1 21  ? 1.740   -4.788  10.593  1.00 13.79 ? 21  VAL A CG1 1 
ATOM   164  C CG2 . VAL A 1 21  ? 1.985   -4.208  13.015  1.00 13.77 ? 21  VAL A CG2 1 
ATOM   165  N N   . THR A 1 22  ? 2.032   -1.510  9.438   1.00 13.21 ? 22  THR A N   1 
ATOM   166  C CA  . THR A 1 22  ? 1.850   -1.119  8.043   1.00 12.60 ? 22  THR A CA  1 
ATOM   167  C C   . THR A 1 22  ? 2.975   -0.299  7.426   1.00 12.48 ? 22  THR A C   1 
ATOM   168  O O   . THR A 1 22  ? 3.121   -0.269  6.202   1.00 14.57 ? 22  THR A O   1 
ATOM   169  C CB  . THR A 1 22  ? 0.520   -0.364  7.839   1.00 12.92 ? 22  THR A CB  1 
ATOM   170  O OG1 . THR A 1 22  ? 0.506   0.823   8.639   1.00 12.67 ? 22  THR A OG1 1 
ATOM   171  C CG2 . THR A 1 22  ? -0.650  -1.258  8.238   1.00 12.07 ? 22  THR A CG2 1 
ATOM   172  N N   . ASN A 1 23  ? 3.780   0.353   8.257   1.00 13.03 ? 23  ASN A N   1 
ATOM   173  C CA  . ASN A 1 23  ? 4.887   1.145   7.736   1.00 13.95 ? 23  ASN A CA  1 
ATOM   174  C C   . ASN A 1 23  ? 6.243   0.453   7.833   1.00 15.28 ? 23  ASN A C   1 
ATOM   175  O O   . ASN A 1 23  ? 7.288   1.061   7.582   1.00 17.28 ? 23  ASN A O   1 
ATOM   176  C CB  . ASN A 1 23  ? 4.913   2.506   8.427   1.00 14.20 ? 23  ASN A CB  1 
ATOM   177  C CG  . ASN A 1 23  ? 3.826   3.421   7.912   1.00 16.28 ? 23  ASN A CG  1 
ATOM   178  O OD1 . ASN A 1 23  ? 3.919   3.945   6.795   1.00 17.42 ? 23  ASN A OD1 1 
ATOM   179  N ND2 . ASN A 1 23  ? 2.771   3.596   8.702   1.00 17.62 ? 23  ASN A ND2 1 
ATOM   180  N N   . ASP A 1 24  ? 6.220   -0.825  8.191   1.00 15.32 ? 24  ASP A N   1 
ATOM   181  C CA  . ASP A 1 24  ? 7.441   -1.614  8.281   1.00 15.30 ? 24  ASP A CA  1 
ATOM   182  C C   . ASP A 1 24  ? 7.679   -2.198  6.886   1.00 15.52 ? 24  ASP A C   1 
ATOM   183  O O   . ASP A 1 24  ? 7.258   -3.311  6.587   1.00 14.98 ? 24  ASP A O   1 
ATOM   184  C CB  . ASP A 1 24  ? 7.261   -2.732  9.307   1.00 16.08 ? 24  ASP A CB  1 
ATOM   185  C CG  . ASP A 1 24  ? 8.483   -3.621  9.418   1.00 18.71 ? 24  ASP A CG  1 
ATOM   186  O OD1 . ASP A 1 24  ? 9.553   -3.236  8.910   1.00 20.65 ? 24  ASP A OD1 1 
ATOM   187  O OD2 . ASP A 1 24  ? 8.376   -4.705  10.021  1.00 18.84 ? 24  ASP A OD2 1 
ATOM   188  N N   . ILE A 1 25  ? 8.350   -1.433  6.031   1.00 14.88 ? 25  ILE A N   1 
ATOM   189  C CA  . ILE A 1 25  ? 8.599   -1.872  4.659   1.00 15.40 ? 25  ILE A CA  1 
ATOM   190  C C   . ILE A 1 25  ? 9.222   -3.264  4.552   1.00 16.10 ? 25  ILE A C   1 
ATOM   191  O O   . ILE A 1 25  ? 8.817   -4.069  3.713   1.00 16.35 ? 25  ILE A O   1 
ATOM   192  C CB  . ILE A 1 25  ? 9.508   -0.871  3.911   1.00 16.56 ? 25  ILE A CB  1 
ATOM   193  C CG1 . ILE A 1 25  ? 8.871   0.522   3.920   1.00 18.80 ? 25  ILE A CG1 1 
ATOM   194  C CG2 . ILE A 1 25  ? 9.717   -1.337  2.479   1.00 17.01 ? 25  ILE A CG2 1 
ATOM   195  C CD1 . ILE A 1 25  ? 7.518   0.597   3.230   1.00 18.54 ? 25  ILE A CD1 1 
ATOM   196  N N   . GLU A 1 26  ? 10.207  -3.544  5.398   1.00 16.62 ? 26  GLU A N   1 
ATOM   197  C CA  . GLU A 1 26  ? 10.879  -4.834  5.380   1.00 18.33 ? 26  GLU A CA  1 
ATOM   198  C C   . GLU A 1 26  ? 9.927   -6.004  5.578   1.00 16.54 ? 26  GLU A C   1 
ATOM   199  O O   . GLU A 1 26  ? 10.234  -7.122  5.181   1.00 17.83 ? 26  GLU A O   1 
ATOM   200  C CB  . GLU A 1 26  ? 11.964  -4.873  6.452   1.00 19.72 ? 26  GLU A CB  1 
ATOM   201  C CG  . GLU A 1 26  ? 13.246  -4.190  6.049   1.00 29.39 ? 26  GLU A CG  1 
ATOM   202  C CD  . GLU A 1 26  ? 14.246  -4.151  7.183   1.00 32.08 ? 26  GLU A CD  1 
ATOM   203  O OE1 . GLU A 1 26  ? 14.167  -3.219  8.013   1.00 35.52 ? 26  GLU A OE1 1 
ATOM   204  O OE2 . GLU A 1 26  ? 15.097  -5.063  7.250   1.00 36.71 ? 26  GLU A OE2 1 
ATOM   205  N N   . ALA A 1 27  ? 8.773   -5.743  6.183   1.00 15.39 ? 27  ALA A N   1 
ATOM   206  C CA  . ALA A 1 27  ? 7.796   -6.799  6.417   1.00 13.73 ? 27  ALA A CA  1 
ATOM   207  C C   . ALA A 1 27  ? 6.763   -6.894  5.299   1.00 13.60 ? 27  ALA A C   1 
ATOM   208  O O   . ALA A 1 27  ? 5.905   -7.768  5.319   1.00 13.86 ? 27  ALA A O   1 
ATOM   209  C CB  . ALA A 1 27  ? 7.084   -6.570  7.751   1.00 14.30 ? 27  ALA A CB  1 
ATOM   210  N N   . TRP A 1 28  ? 6.840   -6.009  4.312   1.00 13.23 ? 28  TRP A N   1 
ATOM   211  C CA  . TRP A 1 28  ? 5.844   -6.045  3.251   1.00 13.92 ? 28  TRP A CA  1 
ATOM   212  C C   . TRP A 1 28  ? 5.681   -7.389  2.528   1.00 13.95 ? 28  TRP A C   1 
ATOM   213  O O   . TRP A 1 28  ? 4.573   -7.735  2.132   1.00 15.08 ? 28  TRP A O   1 
ATOM   214  C CB  . TRP A 1 28  ? 6.076   -4.886  2.271   1.00 14.94 ? 28  TRP A CB  1 
ATOM   215  C CG  . TRP A 1 28  ? 5.476   -3.586  2.780   1.00 14.11 ? 28  TRP A CG  1 
ATOM   216  C CD1 . TRP A 1 28  ? 5.210   -3.257  4.085   1.00 14.72 ? 28  TRP A CD1 1 
ATOM   217  C CD2 . TRP A 1 28  ? 5.074   -2.457  1.994   1.00 15.08 ? 28  TRP A CD2 1 
ATOM   218  N NE1 . TRP A 1 28  ? 4.663   -1.992  4.155   1.00 14.63 ? 28  TRP A NE1 1 
ATOM   219  C CE2 . TRP A 1 28  ? 4.570   -1.481  2.887   1.00 13.42 ? 28  TRP A CE2 1 
ATOM   220  C CE3 . TRP A 1 28  ? 5.088   -2.175  0.620   1.00 17.53 ? 28  TRP A CE3 1 
ATOM   221  C CZ2 . TRP A 1 28  ? 4.088   -0.245  2.448   1.00 16.81 ? 28  TRP A CZ2 1 
ATOM   222  C CZ3 . TRP A 1 28  ? 4.607   -0.945  0.184   1.00 17.63 ? 28  TRP A CZ3 1 
ATOM   223  C CH2 . TRP A 1 28  ? 4.115   0.005   1.098   1.00 18.96 ? 28  TRP A CH2 1 
ATOM   224  N N   . PRO A 1 29  ? 6.764   -8.166  2.351   1.00 13.44 ? 29  PRO A N   1 
ATOM   225  C CA  . PRO A 1 29  ? 6.559   -9.449  1.660   1.00 13.90 ? 29  PRO A CA  1 
ATOM   226  C C   . PRO A 1 29  ? 5.674   -10.398 2.478   1.00 14.16 ? 29  PRO A C   1 
ATOM   227  O O   . PRO A 1 29  ? 5.102   -11.349 1.940   1.00 15.15 ? 29  PRO A O   1 
ATOM   228  C CB  . PRO A 1 29  ? 7.978   -9.978  1.482   1.00 14.69 ? 29  PRO A CB  1 
ATOM   229  C CG  . PRO A 1 29  ? 8.782   -8.717  1.342   1.00 14.55 ? 29  PRO A CG  1 
ATOM   230  C CD  . PRO A 1 29  ? 8.201   -7.848  2.441   1.00 13.97 ? 29  PRO A CD  1 
ATOM   231  N N   . GLU A 1 30  ? 5.565   -10.142 3.779   1.00 14.00 ? 30  GLU A N   1 
ATOM   232  C CA  . GLU A 1 30  ? 4.719   -10.978 4.629   1.00 14.90 ? 30  GLU A CA  1 
ATOM   233  C C   . GLU A 1 30  ? 3.322   -10.381 4.765   1.00 15.97 ? 30  GLU A C   1 
ATOM   234  O O   . GLU A 1 30  ? 2.345   -11.105 4.960   1.00 20.97 ? 30  GLU A O   1 
ATOM   235  C CB  . GLU A 1 30  ? 5.337   -11.151 6.026   1.00 17.88 ? 30  GLU A CB  1 
ATOM   236  C CG  . GLU A 1 30  ? 6.560   -12.063 6.077   1.00 19.48 ? 30  GLU A CG  1 
ATOM   237  C CD  . GLU A 1 30  ? 7.813   -11.407 5.527   1.00 20.67 ? 30  GLU A CD  1 
ATOM   238  O OE1 . GLU A 1 30  ? 8.294   -10.436 6.149   1.00 20.88 ? 30  GLU A OE1 1 
ATOM   239  O OE2 . GLU A 1 30  ? 8.319   -11.859 4.475   1.00 22.68 ? 30  GLU A OE2 1 
ATOM   240  N N   . LEU A 1 31  ? 3.224   -9.060  4.660   1.00 14.97 ? 31  LEU A N   1 
ATOM   241  C CA  . LEU A 1 31  ? 1.933   -8.387  4.791   1.00 15.72 ? 31  LEU A CA  1 
ATOM   242  C C   . LEU A 1 31  ? 1.117   -8.383  3.503   1.00 15.33 ? 31  LEU A C   1 
ATOM   243  O O   . LEU A 1 31  ? -0.104  -8.535  3.538   1.00 15.97 ? 31  LEU A O   1 
ATOM   244  C CB  . LEU A 1 31  ? 2.141   -6.940  5.244   1.00 15.86 ? 31  LEU A CB  1 
ATOM   245  C CG  . LEU A 1 31  ? 2.825   -6.747  6.599   1.00 16.05 ? 31  LEU A CG  1 
ATOM   246  C CD1 . LEU A 1 31  ? 3.020   -5.256  6.864   1.00 17.30 ? 31  LEU A CD1 1 
ATOM   247  C CD2 . LEU A 1 31  ? 1.971   -7.394  7.695   1.00 16.72 ? 31  LEU A CD2 1 
ATOM   248  N N   . PHE A 1 32  ? 1.801   -8.203  2.375   1.00 14.81 ? 32  PHE A N   1 
ATOM   249  C CA  . PHE A 1 32  ? 1.159   -8.140  1.060   1.00 15.52 ? 32  PHE A CA  1 
ATOM   250  C C   . PHE A 1 32  ? 1.383   -9.408  0.249   1.00 17.89 ? 32  PHE A C   1 
ATOM   251  O O   . PHE A 1 32  ? 2.522   -9.797  -0.003  1.00 17.92 ? 32  PHE A O   1 
ATOM   252  C CB  . PHE A 1 32  ? 1.702   -6.948  0.267   1.00 15.24 ? 32  PHE A CB  1 
ATOM   253  C CG  . PHE A 1 32  ? 1.353   -5.615  0.860   1.00 13.61 ? 32  PHE A CG  1 
ATOM   254  C CD1 . PHE A 1 32  ? 2.161   -5.041  1.832   1.00 12.59 ? 32  PHE A CD1 1 
ATOM   255  C CD2 . PHE A 1 32  ? 0.210   -4.936  0.444   1.00 15.85 ? 32  PHE A CD2 1 
ATOM   256  C CE1 . PHE A 1 32  ? 1.834   -3.801  2.383   1.00 14.00 ? 32  PHE A CE1 1 
ATOM   257  C CE2 . PHE A 1 32  ? -0.124  -3.701  0.989   1.00 15.70 ? 32  PHE A CE2 1 
ATOM   258  C CZ  . PHE A 1 32  ? 0.693   -3.134  1.962   1.00 13.97 ? 32  PHE A CZ  1 
ATOM   259  N N   . SER A 1 33  ? 0.297   -10.032 -0.191  1.00 19.96 ? 33  SER A N   1 
ATOM   260  C CA  . SER A 1 33  ? 0.399   -11.271 -0.953  1.00 21.31 ? 33  SER A CA  1 
ATOM   261  C C   . SER A 1 33  ? 1.150   -11.161 -2.280  1.00 20.78 ? 33  SER A C   1 
ATOM   262  O O   . SER A 1 33  ? 1.732   -12.143 -2.741  1.00 22.09 ? 33  SER A O   1 
ATOM   263  C CB  . SER A 1 33  ? -1.000  -11.842 -1.207  1.00 23.38 ? 33  SER A CB  1 
ATOM   264  O OG  . SER A 1 33  ? -1.788  -10.943 -1.965  1.00 26.59 ? 33  SER A OG  1 
ATOM   265  N N   . GLU A 1 34  ? 1.150   -9.977  -2.884  1.00 18.09 ? 34  GLU A N   1 
ATOM   266  C CA  . GLU A 1 34  ? 1.809   -9.786  -4.174  1.00 19.71 ? 34  GLU A CA  1 
ATOM   267  C C   . GLU A 1 34  ? 3.284   -9.371  -4.149  1.00 16.79 ? 34  GLU A C   1 
ATOM   268  O O   . GLU A 1 34  ? 3.952   -9.417  -5.183  1.00 16.65 ? 34  GLU A O   1 
ATOM   269  C CB  . GLU A 1 34  ? 1.028   -8.767  -5.019  1.00 21.41 ? 34  GLU A CB  1 
ATOM   270  C CG  . GLU A 1 34  ? 1.145   -7.312  -4.553  1.00 26.02 ? 34  GLU A CG  1 
ATOM   271  C CD  . GLU A 1 34  ? -0.001  -6.868  -3.653  1.00 29.64 ? 34  GLU A CD  1 
ATOM   272  O OE1 . GLU A 1 34  ? -0.273  -7.561  -2.644  1.00 27.66 ? 34  GLU A OE1 1 
ATOM   273  O OE2 . GLU A 1 34  ? -0.624  -5.818  -3.953  1.00 27.88 ? 34  GLU A OE2 1 
ATOM   274  N N   . TYR A 1 35  ? 3.806   -8.969  -2.992  1.00 15.63 ? 35  TYR A N   1 
ATOM   275  C CA  . TYR A 1 35  ? 5.202   -8.536  -2.931  1.00 14.49 ? 35  TYR A CA  1 
ATOM   276  C C   . TYR A 1 35  ? 6.213   -9.587  -2.482  1.00 15.51 ? 35  TYR A C   1 
ATOM   277  O O   . TYR A 1 35  ? 6.144   -10.106 -1.369  1.00 17.06 ? 35  TYR A O   1 
ATOM   278  C CB  . TYR A 1 35  ? 5.341   -7.304  -2.032  1.00 16.34 ? 35  TYR A CB  1 
ATOM   279  C CG  . TYR A 1 35  ? 4.640   -6.075  -2.563  1.00 15.82 ? 35  TYR A CG  1 
ATOM   280  C CD1 . TYR A 1 35  ? 4.783   -5.691  -3.899  1.00 20.61 ? 35  TYR A CD1 1 
ATOM   281  C CD2 . TYR A 1 35  ? 3.831   -5.296  -1.734  1.00 17.93 ? 35  TYR A CD2 1 
ATOM   282  C CE1 . TYR A 1 35  ? 4.136   -4.564  -4.397  1.00 21.83 ? 35  TYR A CE1 1 
ATOM   283  C CE2 . TYR A 1 35  ? 3.176   -4.163  -2.222  1.00 20.43 ? 35  TYR A CE2 1 
ATOM   284  C CZ  . TYR A 1 35  ? 3.335   -3.808  -3.557  1.00 23.84 ? 35  TYR A CZ  1 
ATOM   285  O OH  . TYR A 1 35  ? 2.678   -2.705  -4.061  1.00 26.62 ? 35  TYR A OH  1 
ATOM   286  N N   . ALA A 1 36  ? 7.169   -9.882  -3.357  1.00 14.62 ? 36  ALA A N   1 
ATOM   287  C CA  . ALA A 1 36  ? 8.202   -10.860 -3.043  1.00 15.39 ? 36  ALA A CA  1 
ATOM   288  C C   . ALA A 1 36  ? 9.369   -10.209 -2.320  1.00 15.87 ? 36  ALA A C   1 
ATOM   289  O O   . ALA A 1 36  ? 9.975   -10.809 -1.429  1.00 17.36 ? 36  ALA A O   1 
ATOM   290  C CB  . ALA A 1 36  ? 8.692   -11.527 -4.323  1.00 14.41 ? 36  ALA A CB  1 
ATOM   291  N N   . GLU A 1 37  ? 9.678   -8.977  -2.717  1.00 15.76 ? 37  GLU A N   1 
ATOM   292  C CA  . GLU A 1 37  ? 10.782  -8.228  -2.142  1.00 17.12 ? 37  GLU A CA  1 
ATOM   293  C C   . GLU A 1 37  ? 10.414  -6.770  -1.936  1.00 16.23 ? 37  GLU A C   1 
ATOM   294  O O   . GLU A 1 37  ? 9.681   -6.184  -2.731  1.00 17.61 ? 37  GLU A O   1 
ATOM   295  C CB  . GLU A 1 37  ? 11.999  -8.301  -3.070  1.00 17.50 ? 37  GLU A CB  1 
ATOM   296  C CG  . GLU A 1 37  ? 12.651  -9.666  -3.159  1.00 21.56 ? 37  GLU A CG  1 
ATOM   297  C CD  . GLU A 1 37  ? 13.627  -9.768  -4.317  1.00 23.87 ? 37  GLU A CD  1 
ATOM   298  O OE1 . GLU A 1 37  ? 14.276  -8.756  -4.654  1.00 23.56 ? 37  GLU A OE1 1 
ATOM   299  O OE2 . GLU A 1 37  ? 13.754  -10.871 -4.886  1.00 27.94 ? 37  GLU A OE2 1 
ATOM   300  N N   . ALA A 1 38  ? 10.939  -6.193  -0.860  1.00 17.74 ? 38  ALA A N   1 
ATOM   301  C CA  . ALA A 1 38  ? 10.721  -4.794  -0.531  1.00 17.71 ? 38  ALA A CA  1 
ATOM   302  C C   . ALA A 1 38  ? 12.001  -4.339  0.160   1.00 19.70 ? 38  ALA A C   1 
ATOM   303  O O   . ALA A 1 38  ? 12.333  -4.824  1.242   1.00 20.08 ? 38  ALA A O   1 
ATOM   304  C CB  . ALA A 1 38  ? 9.521   -4.640  0.406   1.00 17.22 ? 38  ALA A CB  1 
ATOM   305  N N   . GLU A 1 39  ? 12.720  -3.415  -0.471  1.00 20.94 ? 39  GLU A N   1 
ATOM   306  C CA  . GLU A 1 39  ? 13.983  -2.924  0.073   1.00 22.97 ? 39  GLU A CA  1 
ATOM   307  C C   . GLU A 1 39  ? 14.125  -1.404  0.056   1.00 23.78 ? 39  GLU A C   1 
ATOM   308  O O   . GLU A 1 39  ? 13.981  -0.769  -0.987  1.00 22.13 ? 39  GLU A O   1 
ATOM   309  C CB  . GLU A 1 39  ? 15.150  -3.554  -0.698  1.00 26.78 ? 39  GLU A CB  1 
ATOM   310  C CG  . GLU A 1 39  ? 16.419  -2.710  -0.697  1.00 28.67 ? 39  GLU A CG  1 
ATOM   311  C CD  . GLU A 1 39  ? 17.507  -3.271  -1.593  1.00 30.60 ? 39  GLU A CD  1 
ATOM   312  O OE1 . GLU A 1 39  ? 17.180  -3.845  -2.653  1.00 31.97 ? 39  GLU A OE1 1 
ATOM   313  O OE2 . GLU A 1 39  ? 18.696  -3.119  -1.243  1.00 33.03 ? 39  GLU A OE2 1 
ATOM   314  N N   . ILE A 1 40  ? 14.407  -0.822  1.217   1.00 23.68 ? 40  ILE A N   1 
ATOM   315  C CA  . ILE A 1 40  ? 14.597  0.620   1.305   1.00 24.21 ? 40  ILE A CA  1 
ATOM   316  C C   . ILE A 1 40  ? 15.972  0.913   0.721   1.00 25.22 ? 40  ILE A C   1 
ATOM   317  O O   . ILE A 1 40  ? 16.987  0.474   1.261   1.00 24.36 ? 40  ILE A O   1 
ATOM   318  C CB  . ILE A 1 40  ? 14.545  1.114   2.765   1.00 25.01 ? 40  ILE A CB  1 
ATOM   319  C CG1 . ILE A 1 40  ? 13.142  0.882   3.337   1.00 26.14 ? 40  ILE A CG1 1 
ATOM   320  C CG2 . ILE A 1 40  ? 14.920  2.589   2.828   1.00 25.06 ? 40  ILE A CG2 1 
ATOM   321  C CD1 . ILE A 1 40  ? 12.982  1.278   4.797   1.00 27.46 ? 40  ILE A CD1 1 
ATOM   322  N N   . LEU A 1 41  ? 15.994  1.650   -0.386  1.00 26.44 ? 41  LEU A N   1 
ATOM   323  C CA  . LEU A 1 41  ? 17.234  1.985   -1.076  1.00 27.18 ? 41  LEU A CA  1 
ATOM   324  C C   . LEU A 1 41  ? 17.991  3.150   -0.460  1.00 29.34 ? 41  LEU A C   1 
ATOM   325  O O   . LEU A 1 41  ? 19.215  3.110   -0.346  1.00 30.51 ? 41  LEU A O   1 
ATOM   326  C CB  . LEU A 1 41  ? 16.941  2.300   -2.545  1.00 26.31 ? 41  LEU A CB  1 
ATOM   327  C CG  . LEU A 1 41  ? 16.292  1.174   -3.350  1.00 26.45 ? 41  LEU A CG  1 
ATOM   328  C CD1 . LEU A 1 41  ? 16.063  1.631   -4.787  1.00 24.87 ? 41  LEU A CD1 1 
ATOM   329  C CD2 . LEU A 1 41  ? 17.183  -0.057  -3.318  1.00 25.34 ? 41  LEU A CD2 1 
ATOM   330  N N   . ARG A 1 42  ? 17.262  4.190   -0.074  1.00 32.68 ? 42  ARG A N   1 
ATOM   331  C CA  . ARG A 1 42  ? 17.881  5.370   0.509   1.00 36.33 ? 42  ARG A CA  1 
ATOM   332  C C   . ARG A 1 42  ? 16.829  6.204   1.215   1.00 39.79 ? 42  ARG A C   1 
ATOM   333  O O   . ARG A 1 42  ? 15.632  5.949   1.085   1.00 39.20 ? 42  ARG A O   1 
ATOM   334  C CB  . ARG A 1 42  ? 18.546  6.200   -0.589  1.00 34.79 ? 42  ARG A CB  1 
ATOM   335  C CG  . ARG A 1 42  ? 17.565  6.848   -1.553  1.00 35.50 ? 42  ARG A CG  1 
ATOM   336  C CD  . ARG A 1 42  ? 18.282  7.386   -2.777  1.00 36.13 ? 42  ARG A CD  1 
ATOM   337  N NE  . ARG A 1 42  ? 18.694  6.316   -3.683  1.00 36.55 ? 42  ARG A NE  1 
ATOM   338  C CZ  . ARG A 1 42  ? 17.940  5.837   -4.669  1.00 34.23 ? 42  ARG A CZ  1 
ATOM   339  N NH1 . ARG A 1 42  ? 16.731  6.333   -4.883  1.00 34.26 ? 42  ARG A NH1 1 
ATOM   340  N NH2 . ARG A 1 42  ? 18.398  4.865   -5.443  1.00 34.48 ? 42  ARG A NH2 1 
ATOM   341  N N   . GLN A 1 43  ? 17.274  7.213   1.954   1.00 44.25 ? 43  GLN A N   1 
ATOM   342  C CA  . GLN A 1 43  ? 16.347  8.066   2.676   1.00 49.56 ? 43  GLN A CA  1 
ATOM   343  C C   . GLN A 1 43  ? 16.862  9.482   2.873   1.00 51.81 ? 43  GLN A C   1 
ATOM   344  O O   . GLN A 1 43  ? 18.023  9.692   3.221   1.00 52.29 ? 43  GLN A O   1 
ATOM   345  C CB  . GLN A 1 43  ? 16.020  7.432   4.029   1.00 51.45 ? 43  GLN A CB  1 
ATOM   346  C CG  . GLN A 1 43  ? 15.326  8.358   5.010   1.00 54.46 ? 43  GLN A CG  1 
ATOM   347  C CD  . GLN A 1 43  ? 14.601  7.597   6.098   1.00 56.24 ? 43  GLN A CD  1 
ATOM   348  O OE1 . GLN A 1 43  ? 15.044  6.530   6.524   1.00 58.20 ? 43  GLN A OE1 1 
ATOM   349  N NE2 . GLN A 1 43  ? 13.484  8.148   6.563   1.00 56.65 ? 43  GLN A NE2 1 
ATOM   350  N N   . ASP A 1 44  ? 15.984  10.450  2.639   1.00 54.51 ? 44  ASP A N   1 
ATOM   351  C CA  . ASP A 1 44  ? 16.334  11.853  2.800   1.00 56.75 ? 44  ASP A CA  1 
ATOM   352  C C   . ASP A 1 44  ? 15.487  12.464  3.911   1.00 56.66 ? 44  ASP A C   1 
ATOM   353  O O   . ASP A 1 44  ? 14.596  13.273  3.659   1.00 57.09 ? 44  ASP A O   1 
ATOM   354  C CB  . ASP A 1 44  ? 16.118  12.614  1.486   1.00 58.71 ? 44  ASP A CB  1 
ATOM   355  C CG  . ASP A 1 44  ? 14.686  12.539  0.989   1.00 60.51 ? 44  ASP A CG  1 
ATOM   356  O OD1 . ASP A 1 44  ? 14.208  11.420  0.702   1.00 60.49 ? 44  ASP A OD1 1 
ATOM   357  O OD2 . ASP A 1 44  ? 14.039  13.603  0.884   1.00 61.38 ? 44  ASP A OD2 1 
ATOM   358  N N   . GLY A 1 45  ? 15.769  12.054  5.144   1.00 56.54 ? 45  GLY A N   1 
ATOM   359  C CA  . GLY A 1 45  ? 15.038  12.565  6.287   1.00 55.70 ? 45  GLY A CA  1 
ATOM   360  C C   . GLY A 1 45  ? 13.551  12.265  6.256   1.00 55.46 ? 45  GLY A C   1 
ATOM   361  O O   . GLY A 1 45  ? 13.118  11.181  6.651   1.00 56.21 ? 45  GLY A O   1 
ATOM   362  N N   . ASP A 1 46  ? 12.768  13.230  5.782   1.00 54.07 ? 46  ASP A N   1 
ATOM   363  C CA  . ASP A 1 46  ? 11.319  13.087  5.709   1.00 52.22 ? 46  ASP A CA  1 
ATOM   364  C C   . ASP A 1 46  ? 10.851  11.827  4.980   1.00 48.99 ? 46  ASP A C   1 
ATOM   365  O O   . ASP A 1 46  ? 10.031  11.069  5.505   1.00 49.53 ? 46  ASP A O   1 
ATOM   366  C CB  . ASP A 1 46  ? 10.704  14.330  5.053   1.00 54.81 ? 46  ASP A CB  1 
ATOM   367  C CG  . ASP A 1 46  ? 11.300  14.632  3.687   1.00 56.88 ? 46  ASP A CG  1 
ATOM   368  O OD1 . ASP A 1 46  ? 12.536  14.793  3.597   1.00 58.03 ? 46  ASP A OD1 1 
ATOM   369  O OD2 . ASP A 1 46  ? 10.531  14.715  2.706   1.00 58.23 ? 46  ASP A OD2 1 
ATOM   370  N N   . GLY A 1 47  ? 11.368  11.600  3.777   1.00 44.21 ? 47  GLY A N   1 
ATOM   371  C CA  . GLY A 1 47  ? 10.962  10.428  3.023   1.00 37.33 ? 47  GLY A CA  1 
ATOM   372  C C   . GLY A 1 47  ? 12.092  9.484   2.668   1.00 33.53 ? 47  GLY A C   1 
ATOM   373  O O   . GLY A 1 47  ? 13.230  9.657   3.101   1.00 32.53 ? 47  GLY A O   1 
ATOM   374  N N   . PHE A 1 48  ? 11.772  8.467   1.874   1.00 28.37 ? 48  PHE A N   1 
ATOM   375  C CA  . PHE A 1 48  ? 12.765  7.493   1.449   1.00 25.12 ? 48  PHE A CA  1 
ATOM   376  C C   . PHE A 1 48  ? 12.311  6.845   0.151   1.00 23.92 ? 48  PHE A C   1 
ATOM   377  O O   . PHE A 1 48  ? 11.142  6.938   -0.214  1.00 24.23 ? 48  PHE A O   1 
ATOM   378  C CB  . PHE A 1 48  ? 12.952  6.419   2.527   1.00 24.43 ? 48  PHE A CB  1 
ATOM   379  C CG  . PHE A 1 48  ? 11.704  5.627   2.835   1.00 23.47 ? 48  PHE A CG  1 
ATOM   380  C CD1 . PHE A 1 48  ? 11.298  4.581   2.006   1.00 22.89 ? 48  PHE A CD1 1 
ATOM   381  C CD2 . PHE A 1 48  ? 10.951  5.913   3.967   1.00 24.42 ? 48  PHE A CD2 1 
ATOM   382  C CE1 . PHE A 1 48  ? 10.157  3.827   2.309   1.00 23.92 ? 48  PHE A CE1 1 
ATOM   383  C CE2 . PHE A 1 48  ? 9.810   5.169   4.280   1.00 25.23 ? 48  PHE A CE2 1 
ATOM   384  C CZ  . PHE A 1 48  ? 9.413   4.123   3.448   1.00 24.42 ? 48  PHE A CZ  1 
ATOM   385  N N   . ASP A 1 49  ? 13.247  6.215   -0.549  1.00 22.69 ? 49  ASP A N   1 
ATOM   386  C CA  . ASP A 1 49  ? 12.939  5.525   -1.795  1.00 21.32 ? 49  ASP A CA  1 
ATOM   387  C C   . ASP A 1 49  ? 13.124  4.039   -1.533  1.00 19.96 ? 49  ASP A C   1 
ATOM   388  O O   . ASP A 1 49  ? 14.057  3.636   -0.835  1.00 20.61 ? 49  ASP A O   1 
ATOM   389  C CB  . ASP A 1 49  ? 13.890  5.947   -2.922  1.00 23.69 ? 49  ASP A CB  1 
ATOM   390  C CG  . ASP A 1 49  ? 13.777  7.415   -3.270  1.00 25.25 ? 49  ASP A CG  1 
ATOM   391  O OD1 . ASP A 1 49  ? 12.651  7.954   -3.250  1.00 27.47 ? 49  ASP A OD1 1 
ATOM   392  O OD2 . ASP A 1 49  ? 14.819  8.028   -3.584  1.00 28.05 ? 49  ASP A OD2 1 
ATOM   393  N N   . PHE A 1 50  ? 12.239  3.213   -2.075  1.00 19.76 ? 50  PHE A N   1 
ATOM   394  C CA  . PHE A 1 50  ? 12.381  1.781   -1.882  1.00 19.21 ? 50  PHE A CA  1 
ATOM   395  C C   . PHE A 1 50  ? 11.994  1.005   -3.130  1.00 18.60 ? 50  PHE A C   1 
ATOM   396  O O   . PHE A 1 50  ? 11.208  1.474   -3.952  1.00 20.29 ? 50  PHE A O   1 
ATOM   397  C CB  . PHE A 1 50  ? 11.578  1.302   -0.655  1.00 20.71 ? 50  PHE A CB  1 
ATOM   398  C CG  . PHE A 1 50  ? 10.087  1.354   -0.820  1.00 20.90 ? 50  PHE A CG  1 
ATOM   399  C CD1 . PHE A 1 50  ? 9.423   2.569   -0.958  1.00 21.20 ? 50  PHE A CD1 1 
ATOM   400  C CD2 . PHE A 1 50  ? 9.340   0.177   -0.802  1.00 22.05 ? 50  PHE A CD2 1 
ATOM   401  C CE1 . PHE A 1 50  ? 8.037   2.613   -1.072  1.00 21.62 ? 50  PHE A CE1 1 
ATOM   402  C CE2 . PHE A 1 50  ? 7.954   0.213   -0.915  1.00 22.15 ? 50  PHE A CE2 1 
ATOM   403  C CZ  . PHE A 1 50  ? 7.302   1.434   -1.050  1.00 21.11 ? 50  PHE A CZ  1 
ATOM   404  N N   . ARG A 1 51  ? 12.582  -0.176  -3.266  1.00 18.35 ? 51  ARG A N   1 
ATOM   405  C CA  . ARG A 1 51  ? 12.354  -1.055  -4.403  1.00 18.53 ? 51  ARG A CA  1 
ATOM   406  C C   . ARG A 1 51  ? 11.367  -2.164  -4.061  1.00 17.79 ? 51  ARG A C   1 
ATOM   407  O O   . ARG A 1 51  ? 11.441  -2.762  -2.991  1.00 18.54 ? 51  ARG A O   1 
ATOM   408  C CB  . ARG A 1 51  ? 13.690  -1.673  -4.825  1.00 20.42 ? 51  ARG A CB  1 
ATOM   409  C CG  . ARG A 1 51  ? 13.620  -2.689  -5.946  1.00 21.78 ? 51  ARG A CG  1 
ATOM   410  C CD  . ARG A 1 51  ? 14.992  -3.315  -6.157  1.00 24.71 ? 51  ARG A CD  1 
ATOM   411  N NE  . ARG A 1 51  ? 15.415  -4.121  -5.013  1.00 24.40 ? 51  ARG A NE  1 
ATOM   412  C CZ  . ARG A 1 51  ? 14.996  -5.361  -4.771  1.00 23.09 ? 51  ARG A CZ  1 
ATOM   413  N NH1 . ARG A 1 51  ? 14.143  -5.951  -5.597  1.00 22.30 ? 51  ARG A NH1 1 
ATOM   414  N NH2 . ARG A 1 51  ? 15.421  -6.011  -3.694  1.00 22.63 ? 51  ARG A NH2 1 
ATOM   415  N N   . LEU A 1 52  ? 10.444  -2.430  -4.979  1.00 17.02 ? 52  LEU A N   1 
ATOM   416  C CA  . LEU A 1 52  ? 9.463   -3.492  -4.788  1.00 17.43 ? 52  LEU A CA  1 
ATOM   417  C C   . LEU A 1 52  ? 9.552   -4.447  -5.967  1.00 17.15 ? 52  LEU A C   1 
ATOM   418  O O   . LEU A 1 52  ? 9.686   -4.016  -7.111  1.00 18.73 ? 52  LEU A O   1 
ATOM   419  C CB  . LEU A 1 52  ? 8.041   -2.920  -4.719  1.00 19.82 ? 52  LEU A CB  1 
ATOM   420  C CG  . LEU A 1 52  ? 7.594   -2.231  -3.429  1.00 22.40 ? 52  LEU A CG  1 
ATOM   421  C CD1 . LEU A 1 52  ? 6.234   -1.573  -3.636  1.00 24.88 ? 52  LEU A CD1 1 
ATOM   422  C CD2 . LEU A 1 52  ? 7.526   -3.257  -2.308  1.00 21.92 ? 52  LEU A CD2 1 
ATOM   423  N N   . LYS A 1 53  ? 9.502   -5.743  -5.683  1.00 16.51 ? 53  LYS A N   1 
ATOM   424  C CA  . LYS A 1 53  ? 9.522   -6.760  -6.729  1.00 16.37 ? 53  LYS A CA  1 
ATOM   425  C C   . LYS A 1 53  ? 8.360   -7.687  -6.390  1.00 15.51 ? 53  LYS A C   1 
ATOM   426  O O   . LYS A 1 53  ? 8.270   -8.200  -5.279  1.00 15.38 ? 53  LYS A O   1 
ATOM   427  C CB  . LYS A 1 53  ? 10.842  -7.530  -6.723  1.00 18.71 ? 53  LYS A CB  1 
ATOM   428  C CG  . LYS A 1 53  ? 10.960  -8.556  -7.840  1.00 22.79 ? 53  LYS A CG  1 
ATOM   429  C CD  . LYS A 1 53  ? 12.387  -9.073  -7.943  1.00 26.28 ? 53  LYS A CD  1 
ATOM   430  C CE  . LYS A 1 53  ? 12.541  -10.097 -9.053  1.00 29.32 ? 53  LYS A CE  1 
ATOM   431  N NZ  . LYS A 1 53  ? 13.955  -10.564 -9.161  1.00 29.51 ? 53  LYS A NZ  1 
ATOM   432  N N   . THR A 1 54  ? 7.465   -7.901  -7.346  1.00 16.24 ? 54  THR A N   1 
ATOM   433  C CA  . THR A 1 54  ? 6.302   -8.733  -7.084  1.00 14.96 ? 54  THR A CA  1 
ATOM   434  C C   . THR A 1 54  ? 6.541   -10.218 -7.273  1.00 16.77 ? 54  THR A C   1 
ATOM   435  O O   . THR A 1 54  ? 7.550   -10.642 -7.840  1.00 16.52 ? 54  THR A O   1 
ATOM   436  C CB  . THR A 1 54  ? 5.122   -8.361  -8.008  1.00 16.15 ? 54  THR A CB  1 
ATOM   437  O OG1 . THR A 1 54  ? 5.381   -8.852  -9.330  1.00 16.30 ? 54  THR A OG1 1 
ATOM   438  C CG2 . THR A 1 54  ? 4.929   -6.846  -8.066  1.00 16.82 ? 54  THR A CG2 1 
ATOM   439  N N   . ARG A 1 55  ? 5.602   -11.005 -6.759  1.00 15.95 ? 55  ARG A N   1 
ATOM   440  C CA  . ARG A 1 55  ? 5.636   -12.439 -6.960  1.00 17.07 ? 55  ARG A CA  1 
ATOM   441  C C   . ARG A 1 55  ? 4.967   -12.526 -8.336  1.00 16.67 ? 55  ARG A C   1 
ATOM   442  O O   . ARG A 1 55  ? 4.394   -11.546 -8.809  1.00 17.48 ? 55  ARG A O   1 
ATOM   443  C CB  . ARG A 1 55  ? 4.782   -13.152 -5.904  1.00 15.95 ? 55  ARG A CB  1 
ATOM   444  C CG  . ARG A 1 55  ? 5.281   -12.939 -4.472  1.00 17.32 ? 55  ARG A CG  1 
ATOM   445  C CD  . ARG A 1 55  ? 4.584   -13.840 -3.446  1.00 18.32 ? 55  ARG A CD  1 
ATOM   446  N NE  . ARG A 1 55  ? 5.364   -13.881 -2.207  1.00 18.85 ? 55  ARG A NE  1 
ATOM   447  C CZ  . ARG A 1 55  ? 5.178   -13.083 -1.160  1.00 21.31 ? 55  ARG A CZ  1 
ATOM   448  N NH1 . ARG A 1 55  ? 4.213   -12.169 -1.170  1.00 20.99 ? 55  ARG A NH1 1 
ATOM   449  N NH2 . ARG A 1 55  ? 5.994   -13.172 -0.114  1.00 18.86 ? 55  ARG A NH2 1 
ATOM   450  N N   . PRO A 1 56  ? 5.053   -13.679 -9.008  1.00 17.22 ? 56  PRO A N   1 
ATOM   451  C CA  . PRO A 1 56  ? 4.418   -13.804 -10.328 1.00 17.27 ? 56  PRO A CA  1 
ATOM   452  C C   . PRO A 1 56  ? 2.932   -13.467 -10.215 1.00 17.49 ? 56  PRO A C   1 
ATOM   453  O O   . PRO A 1 56  ? 2.259   -13.961 -9.314  1.00 17.51 ? 56  PRO A O   1 
ATOM   454  C CB  . PRO A 1 56  ? 4.634   -15.269 -10.674 1.00 18.15 ? 56  PRO A CB  1 
ATOM   455  C CG  . PRO A 1 56  ? 5.941   -15.582 -9.995  1.00 20.29 ? 56  PRO A CG  1 
ATOM   456  C CD  . PRO A 1 56  ? 5.798   -14.900 -8.654  1.00 18.10 ? 56  PRO A CD  1 
ATOM   457  N N   . ASP A 1 57  ? 2.416   -12.642 -11.123 1.00 17.53 ? 57  ASP A N   1 
ATOM   458  C CA  . ASP A 1 57  ? 1.006   -12.277 -11.059 1.00 18.42 ? 57  ASP A CA  1 
ATOM   459  C C   . ASP A 1 57  ? 0.082   -13.302 -11.716 1.00 19.67 ? 57  ASP A C   1 
ATOM   460  O O   . ASP A 1 57  ? 0.518   -14.382 -12.119 1.00 20.22 ? 57  ASP A O   1 
ATOM   461  C CB  . ASP A 1 57  ? 0.770   -10.883 -11.671 1.00 17.83 ? 57  ASP A CB  1 
ATOM   462  C CG  . ASP A 1 57  ? 1.012   -10.835 -13.179 1.00 19.39 ? 57  ASP A CG  1 
ATOM   463  O OD1 . ASP A 1 57  ? 1.177   -11.891 -13.823 1.00 18.47 ? 57  ASP A OD1 1 
ATOM   464  O OD2 . ASP A 1 57  ? 1.027   -9.713  -13.724 1.00 20.38 ? 57  ASP A OD2 1 
ATOM   465  N N   . ALA A 1 58  ? -1.196  -12.950 -11.815 1.00 20.22 ? 58  ALA A N   1 
ATOM   466  C CA  . ALA A 1 58  ? -2.205  -13.831 -12.396 1.00 22.40 ? 58  ALA A CA  1 
ATOM   467  C C   . ALA A 1 58  ? -1.895  -14.250 -13.828 1.00 22.77 ? 58  ALA A C   1 
ATOM   468  O O   . ALA A 1 58  ? -2.533  -15.162 -14.358 1.00 23.16 ? 58  ALA A O   1 
ATOM   469  C CB  . ALA A 1 58  ? -3.578  -13.160 -12.333 1.00 23.69 ? 58  ALA A CB  1 
ATOM   470  N N   . ASN A 1 59  ? -0.918  -13.592 -14.451 1.00 20.78 ? 59  ASN A N   1 
ATOM   471  C CA  . ASN A 1 59  ? -0.537  -13.913 -15.823 1.00 21.49 ? 59  ASN A CA  1 
ATOM   472  C C   . ASN A 1 59  ? 0.885   -14.459 -15.906 1.00 21.06 ? 59  ASN A C   1 
ATOM   473  O O   . ASN A 1 59  ? 1.422   -14.656 -17.001 1.00 21.06 ? 59  ASN A O   1 
ATOM   474  C CB  . ASN A 1 59  ? -0.670  -12.673 -16.714 1.00 22.19 ? 59  ASN A CB  1 
ATOM   475  C CG  . ASN A 1 59  ? -2.085  -12.130 -16.743 1.00 22.09 ? 59  ASN A CG  1 
ATOM   476  O OD1 . ASN A 1 59  ? -3.045  -12.885 -16.887 1.00 24.51 ? 59  ASN A OD1 1 
ATOM   477  N ND2 . ASN A 1 59  ? -2.220  -10.817 -16.615 1.00 22.97 ? 59  ASN A ND2 1 
ATOM   478  N N   . GLY A 1 60  ? 1.488   -14.694 -14.742 1.00 17.93 ? 60  GLY A N   1 
ATOM   479  C CA  . GLY A 1 60  ? 2.838   -15.232 -14.683 1.00 20.32 ? 60  GLY A CA  1 
ATOM   480  C C   . GLY A 1 60  ? 3.943   -14.202 -14.841 1.00 20.77 ? 60  GLY A C   1 
ATOM   481  O O   . GLY A 1 60  ? 5.097   -14.559 -15.082 1.00 22.92 ? 60  GLY A O   1 
ATOM   482  N N   . ARG A 1 61  ? 3.600   -12.929 -14.690 1.00 18.53 ? 61  ARG A N   1 
ATOM   483  C CA  . ARG A 1 61  ? 4.562   -11.844 -14.849 1.00 19.39 ? 61  ARG A CA  1 
ATOM   484  C C   . ARG A 1 61  ? 5.027   -11.244 -13.526 1.00 18.76 ? 61  ARG A C   1 
ATOM   485  O O   . ARG A 1 61  ? 4.226   -10.997 -12.624 1.00 19.22 ? 61  ARG A O   1 
ATOM   486  C CB  . ARG A 1 61  ? 3.939   -10.736 -15.709 1.00 20.78 ? 61  ARG A CB  1 
ATOM   487  C CG  . ARG A 1 61  ? 4.820   -9.516  -15.967 1.00 25.04 ? 61  ARG A CG  1 
ATOM   488  C CD  . ARG A 1 61  ? 5.983   -9.845  -16.888 1.00 27.26 ? 61  ARG A CD  1 
ATOM   489  N NE  . ARG A 1 61  ? 6.298   -8.749  -17.806 1.00 29.24 ? 61  ARG A NE  1 
ATOM   490  C CZ  . ARG A 1 61  ? 6.810   -7.576  -17.444 1.00 31.41 ? 61  ARG A CZ  1 
ATOM   491  N NH1 . ARG A 1 61  ? 7.082   -7.317  -16.170 1.00 31.46 ? 61  ARG A NH1 1 
ATOM   492  N NH2 . ARG A 1 61  ? 7.051   -6.653  -18.367 1.00 33.69 ? 61  ARG A NH2 1 
ATOM   493  N N   . VAL A 1 62  ? 6.330   -11.011 -13.429 1.00 18.58 ? 62  VAL A N   1 
ATOM   494  C CA  . VAL A 1 62  ? 6.925   -10.404 -12.244 1.00 18.91 ? 62  VAL A CA  1 
ATOM   495  C C   . VAL A 1 62  ? 7.202   -8.948  -12.585 1.00 19.40 ? 62  VAL A C   1 
ATOM   496  O O   . VAL A 1 62  ? 7.801   -8.660  -13.622 1.00 19.89 ? 62  VAL A O   1 
ATOM   497  C CB  . VAL A 1 62  ? 8.264   -11.076 -11.879 1.00 19.04 ? 62  VAL A CB  1 
ATOM   498  C CG1 . VAL A 1 62  ? 8.983   -10.265 -10.807 1.00 18.24 ? 62  VAL A CG1 1 
ATOM   499  C CG2 . VAL A 1 62  ? 8.019   -12.492 -11.395 1.00 19.55 ? 62  VAL A CG2 1 
ATOM   500  N N   . TRP A 1 63  ? 6.770   -8.031  -11.723 1.00 19.84 ? 63  TRP A N   1 
ATOM   501  C CA  . TRP A 1 63  ? 6.998   -6.608  -11.955 1.00 19.38 ? 63  TRP A CA  1 
ATOM   502  C C   . TRP A 1 63  ? 7.940   -6.049  -10.888 1.00 20.43 ? 63  TRP A C   1 
ATOM   503  O O   . TRP A 1 63  ? 8.007   -6.574  -9.778  1.00 17.71 ? 63  TRP A O   1 
ATOM   504  C CB  . TRP A 1 63  ? 5.673   -5.836  -11.930 1.00 19.42 ? 63  TRP A CB  1 
ATOM   505  C CG  . TRP A 1 63  ? 4.625   -6.368  -12.876 1.00 22.99 ? 63  TRP A CG  1 
ATOM   506  C CD1 . TRP A 1 63  ? 3.751   -7.396  -12.645 1.00 21.86 ? 63  TRP A CD1 1 
ATOM   507  C CD2 . TRP A 1 63  ? 4.349   -5.898  -14.203 1.00 23.25 ? 63  TRP A CD2 1 
ATOM   508  N NE1 . TRP A 1 63  ? 2.945   -7.591  -13.745 1.00 24.91 ? 63  TRP A NE1 1 
ATOM   509  C CE2 . TRP A 1 63  ? 3.292   -6.686  -14.714 1.00 23.72 ? 63  TRP A CE2 1 
ATOM   510  C CE3 . TRP A 1 63  ? 4.889   -4.886  -15.009 1.00 24.56 ? 63  TRP A CE3 1 
ATOM   511  C CZ2 . TRP A 1 63  ? 2.763   -6.492  -15.999 1.00 25.33 ? 63  TRP A CZ2 1 
ATOM   512  C CZ3 . TRP A 1 63  ? 4.364   -4.695  -16.284 1.00 24.85 ? 63  TRP A CZ3 1 
ATOM   513  C CH2 . TRP A 1 63  ? 3.311   -5.495  -16.766 1.00 23.85 ? 63  TRP A CH2 1 
ATOM   514  N N   . GLU A 1 64  ? 8.670   -4.989  -11.225 1.00 20.80 ? 64  GLU A N   1 
ATOM   515  C CA  . GLU A 1 64  ? 9.602   -4.384  -10.275 1.00 21.93 ? 64  GLU A CA  1 
ATOM   516  C C   . GLU A 1 64  ? 9.687   -2.881  -10.502 1.00 22.85 ? 64  GLU A C   1 
ATOM   517  O O   . GLU A 1 64  ? 9.744   -2.423  -11.640 1.00 24.19 ? 64  GLU A O   1 
ATOM   518  C CB  . GLU A 1 64  ? 10.995  -5.005  -10.423 1.00 24.58 ? 64  GLU A CB  1 
ATOM   519  C CG  . GLU A 1 64  ? 11.939  -4.694  -9.264  1.00 27.01 ? 64  GLU A CG  1 
ATOM   520  C CD  . GLU A 1 64  ? 13.289  -5.379  -9.400  1.00 30.05 ? 64  GLU A CD  1 
ATOM   521  O OE1 . GLU A 1 64  ? 13.977  -5.544  -8.370  1.00 30.20 ? 64  GLU A OE1 1 
ATOM   522  O OE2 . GLU A 1 64  ? 13.668  -5.744  -10.534 1.00 31.12 ? 64  GLU A OE2 1 
ATOM   523  N N   . TRP A 1 65  ? 9.703   -2.111  -9.418  1.00 20.89 ? 65  TRP A N   1 
ATOM   524  C CA  . TRP A 1 65  ? 9.769   -0.663  -9.542  1.00 20.51 ? 65  TRP A CA  1 
ATOM   525  C C   . TRP A 1 65  ? 10.275  -0.005  -8.267  1.00 19.24 ? 65  TRP A C   1 
ATOM   526  O O   . TRP A 1 65  ? 10.371  -0.647  -7.220  1.00 20.00 ? 65  TRP A O   1 
ATOM   527  C CB  . TRP A 1 65  ? 8.382   -0.112  -9.893  1.00 21.26 ? 65  TRP A CB  1 
ATOM   528  C CG  . TRP A 1 65  ? 7.352   -0.265  -8.793  1.00 20.94 ? 65  TRP A CG  1 
ATOM   529  C CD1 . TRP A 1 65  ? 7.156   0.572   -7.732  1.00 20.93 ? 65  TRP A CD1 1 
ATOM   530  C CD2 . TRP A 1 65  ? 6.401   -1.329  -8.644  1.00 20.33 ? 65  TRP A CD2 1 
ATOM   531  N NE1 . TRP A 1 65  ? 6.143   0.097   -6.932  1.00 22.75 ? 65  TRP A NE1 1 
ATOM   532  C CE2 . TRP A 1 65  ? 5.663   -1.069  -7.468  1.00 20.14 ? 65  TRP A CE2 1 
ATOM   533  C CE3 . TRP A 1 65  ? 6.101   -2.476  -9.392  1.00 20.40 ? 65  TRP A CE3 1 
ATOM   534  C CZ2 . TRP A 1 65  ? 4.643   -1.916  -7.019  1.00 20.06 ? 65  TRP A CZ2 1 
ATOM   535  C CZ3 . TRP A 1 65  ? 5.086   -3.318  -8.947  1.00 19.06 ? 65  TRP A CZ3 1 
ATOM   536  C CH2 . TRP A 1 65  ? 4.369   -3.034  -7.770  1.00 21.38 ? 65  TRP A CH2 1 
ATOM   537  N N   . VAL A 1 66  ? 10.610  1.277   -8.379  1.00 19.39 ? 66  VAL A N   1 
ATOM   538  C CA  . VAL A 1 66  ? 11.082  2.075   -7.250  1.00 19.05 ? 66  VAL A CA  1 
ATOM   539  C C   . VAL A 1 66  ? 10.025  3.136   -6.940  1.00 17.97 ? 66  VAL A C   1 
ATOM   540  O O   . VAL A 1 66  ? 9.408   3.699   -7.845  1.00 17.00 ? 66  VAL A O   1 
ATOM   541  C CB  . VAL A 1 66  ? 12.425  2.781   -7.577  1.00 21.27 ? 66  VAL A CB  1 
ATOM   542  C CG1 . VAL A 1 66  ? 12.758  3.809   -6.500  1.00 20.73 ? 66  VAL A CG1 1 
ATOM   543  C CG2 . VAL A 1 66  ? 13.538  1.755   -7.679  1.00 22.62 ? 66  VAL A CG2 1 
ATOM   544  N N   . SER A 1 67  ? 9.808   3.405   -5.660  1.00 17.81 ? 67  SER A N   1 
ATOM   545  C CA  . SER A 1 67  ? 8.830   4.406   -5.264  1.00 18.90 ? 67  SER A CA  1 
ATOM   546  C C   . SER A 1 67  ? 9.401   5.327   -4.197  1.00 19.00 ? 67  SER A C   1 
ATOM   547  O O   . SER A 1 67  ? 10.381  4.988   -3.533  1.00 18.86 ? 67  SER A O   1 
ATOM   548  C CB  . SER A 1 67  ? 7.566   3.734   -4.723  1.00 20.52 ? 67  SER A CB  1 
ATOM   549  O OG  . SER A 1 67  ? 6.897   3.009   -5.742  1.00 22.18 ? 67  SER A OG  1 
ATOM   550  N N   . HIS A 1 68  ? 8.792   6.497   -4.054  1.00 20.38 ? 68  HIS A N   1 
ATOM   551  C CA  . HIS A 1 68  ? 9.204   7.464   -3.044  1.00 20.05 ? 68  HIS A CA  1 
ATOM   552  C C   . HIS A 1 68  ? 8.067   7.521   -2.037  1.00 20.60 ? 68  HIS A C   1 
ATOM   553  O O   . HIS A 1 68  ? 6.922   7.775   -2.404  1.00 19.99 ? 68  HIS A O   1 
ATOM   554  C CB  . HIS A 1 68  ? 9.410   8.850   -3.649  1.00 22.52 ? 68  HIS A CB  1 
ATOM   555  C CG  . HIS A 1 68  ? 9.861   9.872   -2.652  1.00 25.04 ? 68  HIS A CG  1 
ATOM   556  N ND1 . HIS A 1 68  ? 11.114  9.848   -2.081  1.00 26.84 ? 68  HIS A ND1 1 
ATOM   557  C CD2 . HIS A 1 68  ? 9.205   10.909  -2.079  1.00 25.92 ? 68  HIS A CD2 1 
ATOM   558  C CE1 . HIS A 1 68  ? 11.212  10.826  -1.197  1.00 27.12 ? 68  HIS A CE1 1 
ATOM   559  N NE2 . HIS A 1 68  ? 10.067  11.483  -1.177  1.00 27.23 ? 68  HIS A NE2 1 
ATOM   560  N N   . ARG A 1 69  ? 8.385   7.293   -0.768  1.00 20.70 ? 69  ARG A N   1 
ATOM   561  C CA  . ARG A 1 69  ? 7.370   7.278   0.271   1.00 21.56 ? 69  ARG A CA  1 
ATOM   562  C C   . ARG A 1 69  ? 7.691   8.268   1.394   1.00 21.05 ? 69  ARG A C   1 
ATOM   563  O O   . ARG A 1 69  ? 8.832   8.368   1.837   1.00 22.28 ? 69  ARG A O   1 
ATOM   564  C CB  . ARG A 1 69  ? 7.268   5.848   0.810   1.00 22.18 ? 69  ARG A CB  1 
ATOM   565  C CG  . ARG A 1 69  ? 6.101   5.554   1.732   1.00 19.93 ? 69  ARG A CG  1 
ATOM   566  C CD  . ARG A 1 69  ? 6.000   4.043   1.946   1.00 19.72 ? 69  ARG A CD  1 
ATOM   567  N NE  . ARG A 1 69  ? 5.110   3.693   3.050   1.00 18.36 ? 69  ARG A NE  1 
ATOM   568  C CZ  . ARG A 1 69  ? 3.828   3.357   2.930   1.00 19.45 ? 69  ARG A CZ  1 
ATOM   569  N NH1 . ARG A 1 69  ? 3.238   3.305   1.739   1.00 19.64 ? 69  ARG A NH1 1 
ATOM   570  N NH2 . ARG A 1 69  ? 3.129   3.087   4.020   1.00 17.31 ? 69  ARG A NH2 1 
ATOM   571  N N   . VAL A 1 70  ? 6.671   8.995   1.837   1.00 21.50 ? 70  VAL A N   1 
ATOM   572  C CA  . VAL A 1 70  ? 6.836   9.987   2.893   1.00 22.10 ? 70  VAL A CA  1 
ATOM   573  C C   . VAL A 1 70  ? 5.818   9.810   4.014   1.00 21.67 ? 70  VAL A C   1 
ATOM   574  O O   . VAL A 1 70  ? 4.698   10.309  3.937   1.00 20.75 ? 70  VAL A O   1 
ATOM   575  C CB  . VAL A 1 70  ? 6.696   11.424  2.335   1.00 23.84 ? 70  VAL A CB  1 
ATOM   576  C CG1 . VAL A 1 70  ? 7.017   12.446  3.430   1.00 25.44 ? 70  VAL A CG1 1 
ATOM   577  C CG2 . VAL A 1 70  ? 7.613   11.606  1.144   1.00 23.57 ? 70  VAL A CG2 1 
ATOM   578  N N   . PRO A 1 71  ? 6.195   9.074   5.067   1.00 22.23 ? 71  PRO A N   1 
ATOM   579  C CA  . PRO A 1 71  ? 5.276   8.868   6.186   1.00 21.56 ? 71  PRO A CA  1 
ATOM   580  C C   . PRO A 1 71  ? 5.352   10.052  7.148   1.00 22.94 ? 71  PRO A C   1 
ATOM   581  O O   . PRO A 1 71  ? 6.424   10.621  7.356   1.00 24.03 ? 71  PRO A O   1 
ATOM   582  C CB  . PRO A 1 71  ? 5.796   7.582   6.819   1.00 23.34 ? 71  PRO A CB  1 
ATOM   583  C CG  . PRO A 1 71  ? 7.276   7.706   6.621   1.00 22.03 ? 71  PRO A CG  1 
ATOM   584  C CD  . PRO A 1 71  ? 7.381   8.207   5.189   1.00 22.88 ? 71  PRO A CD  1 
ATOM   585  N N   . ASP A 1 72  ? 4.209   10.426  7.710   1.00 22.77 ? 72  ASP A N   1 
ATOM   586  C CA  . ASP A 1 72  ? 4.141   11.525  8.664   1.00 23.25 ? 72  ASP A CA  1 
ATOM   587  C C   . ASP A 1 72  ? 3.274   11.051  9.820   1.00 22.48 ? 72  ASP A C   1 
ATOM   588  O O   . ASP A 1 72  ? 2.072   11.301  9.851   1.00 22.08 ? 72  ASP A O   1 
ATOM   589  C CB  . ASP A 1 72  ? 3.534   12.770  8.004   1.00 25.81 ? 72  ASP A CB  1 
ATOM   590  C CG  . ASP A 1 72  ? 3.410   13.939  8.965   1.00 31.74 ? 72  ASP A CG  1 
ATOM   591  O OD1 . ASP A 1 72  ? 4.237   14.037  9.896   1.00 34.32 ? 72  ASP A OD1 1 
ATOM   592  O OD2 . ASP A 1 72  ? 2.494   14.768  8.779   1.00 35.23 ? 72  ASP A OD2 1 
ATOM   593  N N   . LYS A 1 73  ? 3.897   10.344  10.758  1.00 23.47 ? 73  LYS A N   1 
ATOM   594  C CA  . LYS A 1 73  ? 3.195   9.800   11.913  1.00 24.46 ? 73  LYS A CA  1 
ATOM   595  C C   . LYS A 1 73  ? 2.437   10.870  12.688  1.00 26.51 ? 73  LYS A C   1 
ATOM   596  O O   . LYS A 1 73  ? 1.312   10.646  13.128  1.00 24.50 ? 73  LYS A O   1 
ATOM   597  C CB  . LYS A 1 73  ? 4.186   9.089   12.835  1.00 25.17 ? 73  LYS A CB  1 
ATOM   598  C CG  . LYS A 1 73  ? 3.530   8.314   13.956  1.00 25.63 ? 73  LYS A CG  1 
ATOM   599  C CD  . LYS A 1 73  ? 4.563   7.564   14.772  1.00 27.42 ? 73  LYS A CD  1 
ATOM   600  C CE  . LYS A 1 73  ? 3.919   6.877   15.964  1.00 28.35 ? 73  LYS A CE  1 
ATOM   601  N NZ  . LYS A 1 73  ? 4.947   6.258   16.840  1.00 28.79 ? 73  LYS A NZ  1 
ATOM   602  N N   . GLY A 1 74  ? 3.059   12.033  12.852  1.00 28.36 ? 74  GLY A N   1 
ATOM   603  C CA  . GLY A 1 74  ? 2.412   13.117  13.568  1.00 28.43 ? 74  GLY A CA  1 
ATOM   604  C C   . GLY A 1 74  ? 1.043   13.462  13.012  1.00 28.64 ? 74  GLY A C   1 
ATOM   605  O O   . GLY A 1 74  ? 0.121   13.767  13.768  1.00 28.71 ? 74  GLY A O   1 
ATOM   606  N N   . SER A 1 75  ? 0.901   13.410  11.689  1.00 26.67 ? 75  SER A N   1 
ATOM   607  C CA  . SER A 1 75  ? -0.369  13.727  11.047  1.00 26.74 ? 75  SER A CA  1 
ATOM   608  C C   . SER A 1 75  ? -1.146  12.470  10.673  1.00 25.32 ? 75  SER A C   1 
ATOM   609  O O   . SER A 1 75  ? -2.212  12.547  10.062  1.00 25.33 ? 75  SER A O   1 
ATOM   610  C CB  . SER A 1 75  ? -0.131  14.573  9.794   1.00 29.70 ? 75  SER A CB  1 
ATOM   611  O OG  . SER A 1 75  ? 0.487   15.803  10.132  1.00 33.78 ? 75  SER A OG  1 
ATOM   612  N N   . ARG A 1 76  ? -0.603  11.317  11.048  1.00 23.81 ? 76  ARG A N   1 
ATOM   613  C CA  . ARG A 1 76  ? -1.241  10.036  10.772  1.00 22.99 ? 76  ARG A CA  1 
ATOM   614  C C   . ARG A 1 76  ? -1.594  9.873   9.301   1.00 21.22 ? 76  ARG A C   1 
ATOM   615  O O   . ARG A 1 76  ? -2.696  9.440   8.947   1.00 19.53 ? 76  ARG A O   1 
ATOM   616  C CB  . ARG A 1 76  ? -2.485  9.886   11.650  1.00 23.42 ? 76  ARG A CB  1 
ATOM   617  C CG  . ARG A 1 76  ? -2.151  9.953   13.135  1.00 22.85 ? 76  ARG A CG  1 
ATOM   618  C CD  . ARG A 1 76  ? -3.314  9.540   14.021  1.00 24.92 ? 76  ARG A CD  1 
ATOM   619  N NE  . ARG A 1 76  ? -2.867  9.366   15.402  1.00 29.11 ? 76  ARG A NE  1 
ATOM   620  C CZ  . ARG A 1 76  ? -3.613  8.855   16.377  1.00 28.98 ? 76  ARG A CZ  1 
ATOM   621  N NH1 . ARG A 1 76  ? -4.854  8.466   16.130  1.00 29.36 ? 76  ARG A NH1 1 
ATOM   622  N NH2 . ARG A 1 76  ? -3.108  8.721   17.595  1.00 31.89 ? 76  ARG A NH2 1 
ATOM   623  N N   . THR A 1 77  ? -0.635  10.211  8.448   1.00 21.57 ? 77  THR A N   1 
ATOM   624  C CA  . THR A 1 77  ? -0.819  10.117  7.007   1.00 20.97 ? 77  THR A CA  1 
ATOM   625  C C   . THR A 1 77  ? 0.466   9.663   6.321   1.00 19.57 ? 77  THR A C   1 
ATOM   626  O O   . THR A 1 77  ? 1.562   9.852   6.843   1.00 19.25 ? 77  THR A O   1 
ATOM   627  C CB  . THR A 1 77  ? -1.222  11.484  6.409   1.00 22.85 ? 77  THR A CB  1 
ATOM   628  O OG1 . THR A 1 77  ? -1.242  11.397  4.978   1.00 27.62 ? 77  THR A OG1 1 
ATOM   629  C CG2 . THR A 1 77  ? -0.229  12.552  6.820   1.00 24.52 ? 77  THR A CG2 1 
ATOM   630  N N   . VAL A 1 78  ? 0.315   9.044   5.154   1.00 18.17 ? 78  VAL A N   1 
ATOM   631  C CA  . VAL A 1 78  ? 1.456   8.606   4.363   1.00 17.94 ? 78  VAL A CA  1 
ATOM   632  C C   . VAL A 1 78  ? 1.190   8.970   2.908   1.00 18.95 ? 78  VAL A C   1 
ATOM   633  O O   . VAL A 1 78  ? 0.095   8.745   2.397   1.00 18.91 ? 78  VAL A O   1 
ATOM   634  C CB  . VAL A 1 78  ? 1.676   7.074   4.405   1.00 17.41 ? 78  VAL A CB  1 
ATOM   635  C CG1 . VAL A 1 78  ? 2.955   6.723   3.649   1.00 17.31 ? 78  VAL A CG1 1 
ATOM   636  C CG2 . VAL A 1 78  ? 1.758   6.583   5.829   1.00 18.43 ? 78  VAL A CG2 1 
ATOM   637  N N   . ARG A 1 79  ? 2.201   9.536   2.256   1.00 18.89 ? 79  ARG A N   1 
ATOM   638  C CA  . ARG A 1 79  ? 2.124   9.913   0.848   1.00 21.17 ? 79  ARG A CA  1 
ATOM   639  C C   . ARG A 1 79  ? 3.208   9.156   0.104   1.00 17.93 ? 79  ARG A C   1 
ATOM   640  O O   . ARG A 1 79  ? 4.309   8.983   0.617   1.00 20.78 ? 79  ARG A O   1 
ATOM   641  C CB  . ARG A 1 79  ? 2.380   11.411  0.672   1.00 24.13 ? 79  ARG A CB  1 
ATOM   642  C CG  . ARG A 1 79  ? 1.292   12.309  1.202   1.00 30.06 ? 79  ARG A CG  1 
ATOM   643  C CD  . ARG A 1 79  ? 0.150   12.424  0.214   1.00 33.61 ? 79  ARG A CD  1 
ATOM   644  N NE  . ARG A 1 79  ? -0.881  13.338  0.695   1.00 35.51 ? 79  ARG A NE  1 
ATOM   645  C CZ  . ARG A 1 79  ? -1.944  13.706  -0.010  1.00 36.08 ? 79  ARG A CZ  1 
ATOM   646  N NH1 . ARG A 1 79  ? -2.122  13.245  -1.243  1.00 35.36 ? 79  ARG A NH1 1 
ATOM   647  N NH2 . ARG A 1 79  ? -2.837  14.530  0.523   1.00 35.60 ? 79  ARG A NH2 1 
ATOM   648  N N   . ALA A 1 80  ? 2.906   8.709   -1.108  1.00 19.74 ? 80  ALA A N   1 
ATOM   649  C CA  . ALA A 1 80  ? 3.892   8.000   -1.900  1.00 17.95 ? 80  ALA A CA  1 
ATOM   650  C C   . ALA A 1 80  ? 3.560   8.064   -3.385  1.00 16.40 ? 80  ALA A C   1 
ATOM   651  O O   . ALA A 1 80  ? 2.422   8.327   -3.771  1.00 20.20 ? 80  ALA A O   1 
ATOM   652  C CB  . ALA A 1 80  ? 3.982   6.541   -1.444  1.00 20.26 ? 80  ALA A CB  1 
ATOM   653  N N   . HIS A 1 81  ? 4.572   7.842   -4.214  1.00 19.07 ? 81  HIS A N   1 
ATOM   654  C CA  . HIS A 1 81  ? 4.380   7.833   -5.658  1.00 19.51 ? 81  HIS A CA  1 
ATOM   655  C C   . HIS A 1 81  ? 5.471   6.994   -6.308  1.00 18.70 ? 81  HIS A C   1 
ATOM   656  O O   . HIS A 1 81  ? 6.577   6.871   -5.784  1.00 18.34 ? 81  HIS A O   1 
ATOM   657  C CB  . HIS A 1 81  ? 4.390   9.266   -6.220  1.00 21.47 ? 81  HIS A CB  1 
ATOM   658  C CG  . HIS A 1 81  ? 5.692   9.986   -6.051  1.00 22.27 ? 81  HIS A CG  1 
ATOM   659  N ND1 . HIS A 1 81  ? 6.745   9.840   -6.931  1.00 25.80 ? 81  HIS A ND1 1 
ATOM   660  C CD2 . HIS A 1 81  ? 6.116   10.851  -5.100  1.00 22.60 ? 81  HIS A CD2 1 
ATOM   661  C CE1 . HIS A 1 81  ? 7.759   10.584  -6.528  1.00 22.53 ? 81  HIS A CE1 1 
ATOM   662  N NE2 . HIS A 1 81  ? 7.403   11.206  -5.419  1.00 26.56 ? 81  HIS A NE2 1 
ATOM   663  N N   . ARG A 1 82  ? 5.150   6.390   -7.442  1.00 18.80 ? 82  ARG A N   1 
ATOM   664  C CA  . ARG A 1 82  ? 6.131   5.582   -8.132  1.00 19.97 ? 82  ARG A CA  1 
ATOM   665  C C   . ARG A 1 82  ? 7.090   6.485   -8.874  1.00 20.18 ? 82  ARG A C   1 
ATOM   666  O O   . ARG A 1 82  ? 6.675   7.464   -9.495  1.00 21.13 ? 82  ARG A O   1 
ATOM   667  C CB  . ARG A 1 82  ? 5.455   4.649   -9.127  1.00 20.31 ? 82  ARG A CB  1 
ATOM   668  C CG  . ARG A 1 82  ? 4.569   3.625   -8.467  1.00 21.72 ? 82  ARG A CG  1 
ATOM   669  C CD  . ARG A 1 82  ? 4.332   2.483   -9.408  1.00 24.37 ? 82  ARG A CD  1 
ATOM   670  N NE  . ARG A 1 82  ? 3.493   1.462   -8.800  1.00 25.88 ? 82  ARG A NE  1 
ATOM   671  C CZ  . ARG A 1 82  ? 3.226   0.298   -9.375  1.00 24.66 ? 82  ARG A CZ  1 
ATOM   672  N NH1 . ARG A 1 82  ? 3.739   0.022   -10.564 1.00 24.55 ? 82  ARG A NH1 1 
ATOM   673  N NH2 . ARG A 1 82  ? 2.438   -0.576  -8.767  1.00 27.12 ? 82  ARG A NH2 1 
ATOM   674  N N   . VAL A 1 83  ? 8.373   6.162   -8.782  1.00 20.40 ? 83  VAL A N   1 
ATOM   675  C CA  . VAL A 1 83  ? 9.397   6.917   -9.479  1.00 21.70 ? 83  VAL A CA  1 
ATOM   676  C C   . VAL A 1 83  ? 9.509   6.216   -10.831 1.00 22.72 ? 83  VAL A C   1 
ATOM   677  O O   . VAL A 1 83  ? 9.476   6.864   -11.873 1.00 24.25 ? 83  VAL A O   1 
ATOM   678  C CB  . VAL A 1 83  ? 10.719  6.876   -8.704  1.00 22.02 ? 83  VAL A CB  1 
ATOM   679  C CG1 . VAL A 1 83  ? 11.779  7.672   -9.429  1.00 24.41 ? 83  VAL A CG1 1 
ATOM   680  C CG2 . VAL A 1 83  ? 10.504  7.447   -7.305  1.00 22.71 ? 83  VAL A CG2 1 
ATOM   681  N N   . GLU A 1 84  ? 9.634   4.890   -10.807 1.00 22.29 ? 84  GLU A N   1 
ATOM   682  C CA  . GLU A 1 84  ? 9.661   4.098   -12.037 1.00 24.54 ? 84  GLU A CA  1 
ATOM   683  C C   . GLU A 1 84  ? 8.198   3.679   -12.149 1.00 25.66 ? 84  GLU A C   1 
ATOM   684  O O   . GLU A 1 84  ? 7.735   2.822   -11.395 1.00 26.06 ? 84  GLU A O   1 
ATOM   685  C CB  . GLU A 1 84  ? 10.554  2.869   -11.885 1.00 25.37 ? 84  GLU A CB  1 
ATOM   686  C CG  . GLU A 1 84  ? 12.016  3.191   -11.675 1.00 28.01 ? 84  GLU A CG  1 
ATOM   687  C CD  . GLU A 1 84  ? 12.859  1.944   -11.543 1.00 30.90 ? 84  GLU A CD  1 
ATOM   688  O OE1 . GLU A 1 84  ? 12.480  1.059   -10.749 1.00 32.84 ? 84  GLU A OE1 1 
ATOM   689  O OE2 . GLU A 1 84  ? 13.899  1.847   -12.226 1.00 33.04 ? 84  GLU A OE2 1 
ATOM   690  N N   . THR A 1 85  ? 7.478   4.290   -13.087 1.00 25.27 ? 85  THR A N   1 
ATOM   691  C CA  . THR A 1 85  ? 6.045   4.059   -13.247 1.00 24.55 ? 85  THR A CA  1 
ATOM   692  C C   . THR A 1 85  ? 5.538   2.811   -13.970 1.00 25.26 ? 85  THR A C   1 
ATOM   693  O O   . THR A 1 85  ? 4.354   2.486   -13.875 1.00 24.75 ? 85  THR A O   1 
ATOM   694  C CB  . THR A 1 85  ? 5.386   5.289   -13.895 1.00 25.41 ? 85  THR A CB  1 
ATOM   695  O OG1 . THR A 1 85  ? 5.943   5.508   -15.197 1.00 25.77 ? 85  THR A OG1 1 
ATOM   696  C CG2 . THR A 1 85  ? 5.629   6.525   -13.042 1.00 25.16 ? 85  THR A CG2 1 
ATOM   697  N N   . GLY A 1 86  ? 6.413   2.112   -14.685 1.00 25.25 ? 86  GLY A N   1 
ATOM   698  C CA  . GLY A 1 86  ? 5.983   0.918   -15.392 1.00 25.44 ? 86  GLY A CA  1 
ATOM   699  C C   . GLY A 1 86  ? 4.855   1.208   -16.364 1.00 24.38 ? 86  GLY A C   1 
ATOM   700  O O   . GLY A 1 86  ? 4.947   2.156   -17.144 1.00 26.23 ? 86  GLY A O   1 
ATOM   701  N N   . PRO A 1 87  ? 3.765   0.420   -16.341 1.00 23.08 ? 87  PRO A N   1 
ATOM   702  C CA  . PRO A 1 87  ? 2.642   0.649   -17.257 1.00 22.85 ? 87  PRO A CA  1 
ATOM   703  C C   . PRO A 1 87  ? 1.816   1.896   -16.933 1.00 21.88 ? 87  PRO A C   1 
ATOM   704  O O   . PRO A 1 87  ? 0.955   2.295   -17.715 1.00 22.79 ? 87  PRO A O   1 
ATOM   705  C CB  . PRO A 1 87  ? 1.828   -0.634  -17.124 1.00 21.96 ? 87  PRO A CB  1 
ATOM   706  C CG  . PRO A 1 87  ? 2.018   -0.981  -15.678 1.00 22.63 ? 87  PRO A CG  1 
ATOM   707  C CD  . PRO A 1 87  ? 3.506   -0.744  -15.472 1.00 22.11 ? 87  PRO A CD  1 
ATOM   708  N N   . PHE A 1 88  ? 2.087   2.505   -15.781 1.00 21.92 ? 88  PHE A N   1 
ATOM   709  C CA  . PHE A 1 88  ? 1.375   3.702   -15.341 1.00 22.24 ? 88  PHE A CA  1 
ATOM   710  C C   . PHE A 1 88  ? 2.028   4.986   -15.841 1.00 23.18 ? 88  PHE A C   1 
ATOM   711  O O   . PHE A 1 88  ? 3.254   5.077   -15.913 1.00 23.99 ? 88  PHE A O   1 
ATOM   712  C CB  . PHE A 1 88  ? 1.351   3.780   -13.810 1.00 19.10 ? 88  PHE A CB  1 
ATOM   713  C CG  . PHE A 1 88  ? 0.618   2.655   -13.148 1.00 17.91 ? 88  PHE A CG  1 
ATOM   714  C CD1 . PHE A 1 88  ? -0.761  2.707   -12.979 1.00 18.39 ? 88  PHE A CD1 1 
ATOM   715  C CD2 . PHE A 1 88  ? 1.310   1.543   -12.684 1.00 19.45 ? 88  PHE A CD2 1 
ATOM   716  C CE1 . PHE A 1 88  ? -1.441  1.660   -12.353 1.00 17.34 ? 88  PHE A CE1 1 
ATOM   717  C CE2 . PHE A 1 88  ? 0.643   0.497   -12.060 1.00 18.90 ? 88  PHE A CE2 1 
ATOM   718  C CZ  . PHE A 1 88  ? -0.735  0.553   -11.894 1.00 18.20 ? 88  PHE A CZ  1 
ATOM   719  N N   . ALA A 1 89  ? 1.206   5.977   -16.173 1.00 23.53 ? 89  ALA A N   1 
ATOM   720  C CA  . ALA A 1 89  ? 1.726   7.272   -16.592 1.00 24.52 ? 89  ALA A CA  1 
ATOM   721  C C   . ALA A 1 89  ? 2.243   7.862   -15.279 1.00 23.39 ? 89  ALA A C   1 
ATOM   722  O O   . ALA A 1 89  ? 3.275   8.530   -15.234 1.00 23.75 ? 89  ALA A O   1 
ATOM   723  C CB  . ALA A 1 89  ? 0.609   8.132   -17.163 1.00 24.64 ? 89  ALA A CB  1 
ATOM   724  N N   . TYR A 1 90  ? 1.502   7.584   -14.209 1.00 23.06 ? 90  TYR A N   1 
ATOM   725  C CA  . TYR A 1 90  ? 1.847   8.025   -12.861 1.00 23.34 ? 90  TYR A CA  1 
ATOM   726  C C   . TYR A 1 90  ? 1.009   7.229   -11.866 1.00 22.10 ? 90  TYR A C   1 
ATOM   727  O O   . TYR A 1 90  ? -0.069  6.737   -12.205 1.00 21.69 ? 90  TYR A O   1 
ATOM   728  C CB  . TYR A 1 90  ? 1.603   9.533   -12.695 1.00 24.44 ? 90  TYR A CB  1 
ATOM   729  C CG  . TYR A 1 90  ? 0.159   9.971   -12.741 1.00 25.49 ? 90  TYR A CG  1 
ATOM   730  C CD1 . TYR A 1 90  ? -0.658  9.870   -11.615 1.00 26.42 ? 90  TYR A CD1 1 
ATOM   731  C CD2 . TYR A 1 90  ? -0.390  10.505  -13.906 1.00 26.23 ? 90  TYR A CD2 1 
ATOM   732  C CE1 . TYR A 1 90  ? -1.984  10.290  -11.648 1.00 26.46 ? 90  TYR A CE1 1 
ATOM   733  C CE2 . TYR A 1 90  ? -1.714  10.930  -13.950 1.00 27.67 ? 90  TYR A CE2 1 
ATOM   734  C CZ  . TYR A 1 90  ? -2.504  10.819  -12.819 1.00 28.22 ? 90  TYR A CZ  1 
ATOM   735  O OH  . TYR A 1 90  ? -3.810  11.243  -12.858 1.00 31.67 ? 90  TYR A OH  1 
ATOM   736  N N   . MET A 1 91  ? 1.516   7.087   -10.645 1.00 22.09 ? 91  MET A N   1 
ATOM   737  C CA  . MET A 1 91  ? 0.810   6.345   -9.603  1.00 21.42 ? 91  MET A CA  1 
ATOM   738  C C   . MET A 1 91  ? 1.107   6.959   -8.241  1.00 21.05 ? 91  MET A C   1 
ATOM   739  O O   . MET A 1 91  ? 2.243   6.911   -7.770  1.00 21.68 ? 91  MET A O   1 
ATOM   740  C CB  . MET A 1 91  ? 1.235   4.872   -9.616  1.00 22.23 ? 91  MET A CB  1 
ATOM   741  C CG  . MET A 1 91  ? 0.789   4.080   -8.385  1.00 24.66 ? 91  MET A CG  1 
ATOM   742  S SD  . MET A 1 91  ? -0.994  4.086   -8.117  1.00 26.84 ? 91  MET A SD  1 
ATOM   743  C CE  . MET A 1 91  ? -1.477  2.740   -9.163  1.00 25.05 ? 91  MET A CE  1 
ATOM   744  N N   . ASN A 1 92  ? 0.074   7.532   -7.625  1.00 19.74 ? 92  ASN A N   1 
ATOM   745  C CA  . ASN A 1 92  ? 0.178   8.183   -6.321  1.00 21.21 ? 92  ASN A CA  1 
ATOM   746  C C   . ASN A 1 92  ? -0.632  7.431   -5.270  1.00 19.76 ? 92  ASN A C   1 
ATOM   747  O O   . ASN A 1 92  ? -1.706  6.894   -5.556  1.00 21.73 ? 92  ASN A O   1 
ATOM   748  C CB  . ASN A 1 92  ? -0.342  9.622   -6.405  1.00 23.76 ? 92  ASN A CB  1 
ATOM   749  C CG  . ASN A 1 92  ? 0.480   10.492  -7.342  1.00 28.02 ? 92  ASN A CG  1 
ATOM   750  O OD1 . ASN A 1 92  ? 0.035   11.562  -7.756  1.00 32.65 ? 92  ASN A OD1 1 
ATOM   751  N ND2 . ASN A 1 92  ? 1.682   10.041  -7.671  1.00 29.52 ? 92  ASN A ND2 1 
ATOM   752  N N   . LEU A 1 93  ? -0.113  7.428   -4.049  1.00 19.74 ? 93  LEU A N   1 
ATOM   753  C CA  . LEU A 1 93  ? -0.746  6.754   -2.926  1.00 19.98 ? 93  LEU A CA  1 
ATOM   754  C C   . LEU A 1 93  ? -0.936  7.719   -1.762  1.00 18.49 ? 93  LEU A C   1 
ATOM   755  O O   . LEU A 1 93  ? -0.104  8.591   -1.531  1.00 18.67 ? 93  LEU A O   1 
ATOM   756  C CB  . LEU A 1 93  ? 0.133   5.569   -2.497  1.00 21.44 ? 93  LEU A CB  1 
ATOM   757  C CG  . LEU A 1 93  ? 0.002   4.865   -1.144  1.00 24.15 ? 93  LEU A CG  1 
ATOM   758  C CD1 . LEU A 1 93  ? 0.731   3.532   -1.221  1.00 24.62 ? 93  LEU A CD1 1 
ATOM   759  C CD2 . LEU A 1 93  ? 0.580   5.721   -0.017  1.00 22.13 ? 93  LEU A CD2 1 
ATOM   760  N N   . HIS A 1 94  ? -2.040  7.564   -1.044  1.00 17.96 ? 94  HIS A N   1 
ATOM   761  C CA  . HIS A 1 94  ? -2.310  8.390   0.122   1.00 18.68 ? 94  HIS A CA  1 
ATOM   762  C C   . HIS A 1 94  ? -3.027  7.515   1.139   1.00 15.88 ? 94  HIS A C   1 
ATOM   763  O O   . HIS A 1 94  ? -4.088  6.961   0.855   1.00 17.64 ? 94  HIS A O   1 
ATOM   764  C CB  . HIS A 1 94  ? -3.191  9.593   -0.231  1.00 21.56 ? 94  HIS A CB  1 
ATOM   765  C CG  . HIS A 1 94  ? -3.416  10.530  0.918   1.00 27.26 ? 94  HIS A CG  1 
ATOM   766  N ND1 . HIS A 1 94  ? -4.408  11.487  0.915   1.00 30.13 ? 94  HIS A ND1 1 
ATOM   767  C CD2 . HIS A 1 94  ? -2.773  10.662  2.103   1.00 28.36 ? 94  HIS A CD2 1 
ATOM   768  C CE1 . HIS A 1 94  ? -4.368  12.166  2.048   1.00 30.53 ? 94  HIS A CE1 1 
ATOM   769  N NE2 . HIS A 1 94  ? -3.384  11.686  2.786   1.00 30.18 ? 94  HIS A NE2 1 
ATOM   770  N N   . TRP A 1 95  ? -2.428  7.386   2.315   1.00 15.67 ? 95  TRP A N   1 
ATOM   771  C CA  . TRP A 1 95  ? -2.996  6.584   3.397   1.00 16.08 ? 95  TRP A CA  1 
ATOM   772  C C   . TRP A 1 95  ? -3.281  7.474   4.592   1.00 16.28 ? 95  TRP A C   1 
ATOM   773  O O   . TRP A 1 95  ? -2.476  8.340   4.915   1.00 18.60 ? 95  TRP A O   1 
ATOM   774  C CB  . TRP A 1 95  ? -2.002  5.524   3.865   1.00 14.76 ? 95  TRP A CB  1 
ATOM   775  C CG  . TRP A 1 95  ? -1.755  4.389   2.929   1.00 15.00 ? 95  TRP A CG  1 
ATOM   776  C CD1 . TRP A 1 95  ? -2.230  4.244   1.659   1.00 16.38 ? 95  TRP A CD1 1 
ATOM   777  C CD2 . TRP A 1 95  ? -0.953  3.235   3.195   1.00 16.96 ? 95  TRP A CD2 1 
ATOM   778  N NE1 . TRP A 1 95  ? -1.770  3.064   1.113   1.00 17.98 ? 95  TRP A NE1 1 
ATOM   779  C CE2 . TRP A 1 95  ? -0.981  2.427   2.036   1.00 15.82 ? 95  TRP A CE2 1 
ATOM   780  C CE3 . TRP A 1 95  ? -0.210  2.805   4.303   1.00 16.46 ? 95  TRP A CE3 1 
ATOM   781  C CZ2 . TRP A 1 95  ? -0.293  1.209   1.951   1.00 17.88 ? 95  TRP A CZ2 1 
ATOM   782  C CZ3 . TRP A 1 95  ? 0.477   1.591   4.222   1.00 17.01 ? 95  TRP A CZ3 1 
ATOM   783  C CH2 . TRP A 1 95  ? 0.430   0.810   3.053   1.00 16.69 ? 95  TRP A CH2 1 
ATOM   784  N N   . THR A 1 96  ? -4.416  7.256   5.247   1.00 17.13 ? 96  THR A N   1 
ATOM   785  C CA  . THR A 1 96  ? -4.746  8.019   6.448   1.00 17.09 ? 96  THR A CA  1 
ATOM   786  C C   . THR A 1 96  ? -5.154  7.024   7.529   1.00 17.20 ? 96  THR A C   1 
ATOM   787  O O   . THR A 1 96  ? -5.602  5.920   7.226   1.00 18.58 ? 96  THR A O   1 
ATOM   788  C CB  . THR A 1 96  ? -5.909  9.026   6.225   1.00 17.97 ? 96  THR A CB  1 
ATOM   789  O OG1 . THR A 1 96  ? -7.110  8.326   5.878   1.00 21.46 ? 96  THR A OG1 1 
ATOM   790  C CG2 . THR A 1 96  ? -5.558  10.015  5.126   1.00 20.42 ? 96  THR A CG2 1 
ATOM   791  N N   . TYR A 1 97  ? -4.968  7.411   8.784   1.00 17.78 ? 97  TYR A N   1 
ATOM   792  C CA  . TYR A 1 97  ? -5.337  6.564   9.911   1.00 18.39 ? 97  TYR A CA  1 
ATOM   793  C C   . TYR A 1 97  ? -6.173  7.444   10.825  1.00 21.21 ? 97  TYR A C   1 
ATOM   794  O O   . TYR A 1 97  ? -5.759  8.557   11.160  1.00 21.66 ? 97  TYR A O   1 
ATOM   795  C CB  . TYR A 1 97  ? -4.100  6.085   10.676  1.00 16.99 ? 97  TYR A CB  1 
ATOM   796  C CG  . TYR A 1 97  ? -3.074  5.327   9.860   1.00 17.03 ? 97  TYR A CG  1 
ATOM   797  C CD1 . TYR A 1 97  ? -2.278  5.984   8.923   1.00 16.92 ? 97  TYR A CD1 1 
ATOM   798  C CD2 . TYR A 1 97  ? -2.874  3.959   10.053  1.00 15.11 ? 97  TYR A CD2 1 
ATOM   799  C CE1 . TYR A 1 97  ? -1.306  5.303   8.200   1.00 16.03 ? 97  TYR A CE1 1 
ATOM   800  C CE2 . TYR A 1 97  ? -1.902  3.266   9.333   1.00 14.39 ? 97  TYR A CE2 1 
ATOM   801  C CZ  . TYR A 1 97  ? -1.121  3.944   8.411   1.00 14.16 ? 97  TYR A CZ  1 
ATOM   802  O OH  . TYR A 1 97  ? -0.153  3.266   7.708   1.00 14.09 ? 97  TYR A OH  1 
ATOM   803  N N   . ARG A 1 98  ? -7.341  6.951   11.223  1.00 23.87 ? 98  ARG A N   1 
ATOM   804  C CA  . ARG A 1 98  ? -8.230  7.705   12.097  1.00 26.00 ? 98  ARG A CA  1 
ATOM   805  C C   . ARG A 1 98  ? -8.762  6.821   13.220  1.00 26.16 ? 98  ARG A C   1 
ATOM   806  O O   . ARG A 1 98  ? -9.217  5.704   12.981  1.00 24.89 ? 98  ARG A O   1 
ATOM   807  C CB  . ARG A 1 98  ? -9.393  8.280   11.281  1.00 30.58 ? 98  ARG A CB  1 
ATOM   808  C CG  . ARG A 1 98  ? -10.483 8.927   12.118  1.00 37.07 ? 98  ARG A CG  1 
ATOM   809  C CD  . ARG A 1 98  ? -10.831 10.315  11.603  1.00 42.95 ? 98  ARG A CD  1 
ATOM   810  N NE  . ARG A 1 98  ? -11.211 10.313  10.192  1.00 47.21 ? 98  ARG A NE  1 
ATOM   811  C CZ  . ARG A 1 98  ? -11.626 11.392  9.534   1.00 49.31 ? 98  ARG A CZ  1 
ATOM   812  N NH1 . ARG A 1 98  ? -11.717 12.558  10.163  1.00 49.13 ? 98  ARG A NH1 1 
ATOM   813  N NH2 . ARG A 1 98  ? -11.949 11.309  8.249   1.00 49.99 ? 98  ARG A NH2 1 
ATOM   814  N N   . ALA A 1 99  ? -8.698  7.321   14.449  1.00 27.14 ? 99  ALA A N   1 
ATOM   815  C CA  . ALA A 1 99  ? -9.177  6.555   15.591  1.00 28.09 ? 99  ALA A CA  1 
ATOM   816  C C   . ALA A 1 99  ? -10.698 6.482   15.581  1.00 28.99 ? 99  ALA A C   1 
ATOM   817  O O   . ALA A 1 99  ? -11.376 7.484   15.351  1.00 29.95 ? 99  ALA A O   1 
ATOM   818  C CB  . ALA A 1 99  ? -8.692  7.187   16.892  1.00 29.03 ? 99  ALA A CB  1 
ATOM   819  N N   . VAL A 1 100 ? -11.225 5.285   15.811  1.00 27.30 ? 100 VAL A N   1 
ATOM   820  C CA  . VAL A 1 100 ? -12.664 5.066   15.849  1.00 28.81 ? 100 VAL A CA  1 
ATOM   821  C C   . VAL A 1 100 ? -12.963 4.200   17.060  1.00 28.92 ? 100 VAL A C   1 
ATOM   822  O O   . VAL A 1 100 ? -12.046 3.745   17.744  1.00 29.30 ? 100 VAL A O   1 
ATOM   823  C CB  . VAL A 1 100 ? -13.174 4.339   14.582  1.00 28.07 ? 100 VAL A CB  1 
ATOM   824  C CG1 . VAL A 1 100 ? -12.951 5.209   13.361  1.00 28.91 ? 100 VAL A CG1 1 
ATOM   825  C CG2 . VAL A 1 100 ? -12.465 2.999   14.426  1.00 26.42 ? 100 VAL A CG2 1 
ATOM   826  N N   . ALA A 1 101 ? -14.242 3.974   17.327  1.00 31.08 ? 101 ALA A N   1 
ATOM   827  C CA  . ALA A 1 101 ? -14.634 3.156   18.462  1.00 30.91 ? 101 ALA A CA  1 
ATOM   828  C C   . ALA A 1 101 ? -14.102 1.732   18.313  1.00 30.15 ? 101 ALA A C   1 
ATOM   829  O O   . ALA A 1 101 ? -14.492 1.009   17.396  1.00 30.43 ? 101 ALA A O   1 
ATOM   830  C CB  . ALA A 1 101 ? -16.152 3.137   18.592  1.00 31.46 ? 101 ALA A CB  1 
ATOM   831  N N   . GLY A 1 102 ? -13.200 1.346   19.212  1.00 30.63 ? 102 GLY A N   1 
ATOM   832  C CA  . GLY A 1 102 ? -12.647 0.002   19.186  1.00 29.60 ? 102 GLY A CA  1 
ATOM   833  C C   . GLY A 1 102 ? -11.427 -0.232  18.314  1.00 28.73 ? 102 GLY A C   1 
ATOM   834  O O   . GLY A 1 102 ? -10.831 -1.311  18.359  1.00 28.98 ? 102 GLY A O   1 
ATOM   835  N N   . GLY A 1 103 ? -11.035 0.757   17.520  1.00 26.14 ? 103 GLY A N   1 
ATOM   836  C CA  . GLY A 1 103 ? -9.877  0.542   16.676  1.00 22.99 ? 103 GLY A CA  1 
ATOM   837  C C   . GLY A 1 103 ? -9.374  1.723   15.875  1.00 22.32 ? 103 GLY A C   1 
ATOM   838  O O   . GLY A 1 103 ? -9.560  2.887   16.236  1.00 22.08 ? 103 GLY A O   1 
ATOM   839  N N   . THR A 1 104 ? -8.735  1.396   14.761  1.00 19.45 ? 104 THR A N   1 
ATOM   840  C CA  . THR A 1 104 ? -8.149  2.390   13.879  1.00 17.34 ? 104 THR A CA  1 
ATOM   841  C C   . THR A 1 104 ? -8.637  2.163   12.461  1.00 17.98 ? 104 THR A C   1 
ATOM   842  O O   . THR A 1 104 ? -8.536  1.056   11.931  1.00 15.77 ? 104 THR A O   1 
ATOM   843  C CB  . THR A 1 104 ? -6.613  2.275   13.891  1.00 17.85 ? 104 THR A CB  1 
ATOM   844  O OG1 . THR A 1 104 ? -6.137  2.414   15.235  1.00 17.83 ? 104 THR A OG1 1 
ATOM   845  C CG2 . THR A 1 104 ? -5.984  3.355   13.015  1.00 16.49 ? 104 THR A CG2 1 
ATOM   846  N N   . GLU A 1 105 ? -9.174  3.207   11.844  1.00 17.13 ? 105 GLU A N   1 
ATOM   847  C CA  . GLU A 1 105 ? -9.647  3.077   10.481  1.00 18.46 ? 105 GLU A CA  1 
ATOM   848  C C   . GLU A 1 105 ? -8.547  3.467   9.508   1.00 17.77 ? 105 GLU A C   1 
ATOM   849  O O   . GLU A 1 105 ? -7.962  4.545   9.617   1.00 18.41 ? 105 GLU A O   1 
ATOM   850  C CB  . GLU A 1 105 ? -10.875 3.960   10.239  1.00 20.68 ? 105 GLU A CB  1 
ATOM   851  C CG  . GLU A 1 105 ? -11.497 3.770   8.860   1.00 23.04 ? 105 GLU A CG  1 
ATOM   852  C CD  . GLU A 1 105 ? -12.815 4.506   8.715   1.00 27.68 ? 105 GLU A CD  1 
ATOM   853  O OE1 . GLU A 1 105 ? -13.857 3.835   8.558   1.00 28.79 ? 105 GLU A OE1 1 
ATOM   854  O OE2 . GLU A 1 105 ? -12.807 5.753   8.766   1.00 31.28 ? 105 GLU A OE2 1 
ATOM   855  N N   . MET A 1 106 ? -8.255  2.572   8.570   1.00 17.70 ? 106 MET A N   1 
ATOM   856  C CA  . MET A 1 106 ? -7.246  2.848   7.558   1.00 17.03 ? 106 MET A CA  1 
ATOM   857  C C   . MET A 1 106 ? -7.973  3.162   6.268   1.00 16.76 ? 106 MET A C   1 
ATOM   858  O O   . MET A 1 106 ? -8.908  2.451   5.886   1.00 15.57 ? 106 MET A O   1 
ATOM   859  C CB  . MET A 1 106 ? -6.343  1.633   7.304   1.00 18.32 ? 106 MET A CB  1 
ATOM   860  C CG  . MET A 1 106 ? -5.540  1.137   8.477   1.00 18.06 ? 106 MET A CG  1 
ATOM   861  S SD  . MET A 1 106 ? -4.204  0.042   7.894   1.00 19.33 ? 106 MET A SD  1 
ATOM   862  C CE  . MET A 1 106 ? -5.117  -1.299  7.171   1.00 18.84 ? 106 MET A CE  1 
ATOM   863  N N   . ARG A 1 107 ? -7.559  4.232   5.601   1.00 16.70 ? 107 ARG A N   1 
ATOM   864  C CA  . ARG A 1 107 ? -8.163  4.593   4.327   1.00 16.44 ? 107 ARG A CA  1 
ATOM   865  C C   . ARG A 1 107 ? -7.019  4.720   3.335   1.00 13.79 ? 107 ARG A C   1 
ATOM   866  O O   . ARG A 1 107 ? -6.086  5.504   3.528   1.00 15.69 ? 107 ARG A O   1 
ATOM   867  C CB  . ARG A 1 107 ? -8.939  5.910   4.427   1.00 18.02 ? 107 ARG A CB  1 
ATOM   868  C CG  . ARG A 1 107 ? -9.710  6.258   3.159   1.00 19.62 ? 107 ARG A CG  1 
ATOM   869  C CD  . ARG A 1 107 ? -10.534 7.516   3.359   1.00 21.82 ? 107 ARG A CD  1 
ATOM   870  N NE  . ARG A 1 107 ? -11.309 7.854   2.172   1.00 22.78 ? 107 ARG A NE  1 
ATOM   871  C CZ  . ARG A 1 107 ? -12.089 8.925   2.081   1.00 24.55 ? 107 ARG A CZ  1 
ATOM   872  N NH1 . ARG A 1 107 ? -12.188 9.754   3.112   1.00 24.42 ? 107 ARG A NH1 1 
ATOM   873  N NH2 . ARG A 1 107 ? -12.769 9.161   0.966   1.00 24.67 ? 107 ARG A NH2 1 
ATOM   874  N N   . TRP A 1 108 ? -7.084  3.913   2.285   1.00 14.69 ? 108 TRP A N   1 
ATOM   875  C CA  . TRP A 1 108 ? -6.054  3.912   1.264   1.00 14.46 ? 108 TRP A CA  1 
ATOM   876  C C   . TRP A 1 108 ? -6.611  4.438   -0.045  1.00 15.14 ? 108 TRP A C   1 
ATOM   877  O O   . TRP A 1 108 ? -7.629  3.956   -0.542  1.00 15.40 ? 108 TRP A O   1 
ATOM   878  C CB  . TRP A 1 108 ? -5.528  2.491   1.049   1.00 14.10 ? 108 TRP A CB  1 
ATOM   879  C CG  . TRP A 1 108 ? -4.788  1.903   2.224   1.00 14.14 ? 108 TRP A CG  1 
ATOM   880  C CD1 . TRP A 1 108 ? -4.612  2.461   3.460   1.00 14.76 ? 108 TRP A CD1 1 
ATOM   881  C CD2 . TRP A 1 108 ? -4.147  0.624   2.266   1.00 13.75 ? 108 TRP A CD2 1 
ATOM   882  N NE1 . TRP A 1 108 ? -3.901  1.602   4.272   1.00 14.83 ? 108 TRP A NE1 1 
ATOM   883  C CE2 . TRP A 1 108 ? -3.603  0.469   3.562   1.00 14.40 ? 108 TRP A CE2 1 
ATOM   884  C CE3 . TRP A 1 108 ? -3.982  -0.408  1.335   1.00 15.11 ? 108 TRP A CE3 1 
ATOM   885  C CZ2 . TRP A 1 108 ? -2.903  -0.683  3.949   1.00 15.57 ? 108 TRP A CZ2 1 
ATOM   886  C CZ3 . TRP A 1 108 ? -3.283  -1.557  1.724   1.00 16.09 ? 108 TRP A CZ3 1 
ATOM   887  C CH2 . TRP A 1 108 ? -2.756  -1.677  3.016   1.00 14.75 ? 108 TRP A CH2 1 
ATOM   888  N N   . VAL A 1 109 ? -5.929  5.429   -0.599  1.00 15.77 ? 109 VAL A N   1 
ATOM   889  C CA  . VAL A 1 109 ? -6.338  6.029   -1.857  1.00 18.64 ? 109 VAL A CA  1 
ATOM   890  C C   . VAL A 1 109 ? -5.221  5.932   -2.887  1.00 19.64 ? 109 VAL A C   1 
ATOM   891  O O   . VAL A 1 109 ? -4.053  6.199   -2.590  1.00 21.14 ? 109 VAL A O   1 
ATOM   892  C CB  . VAL A 1 109 ? -6.712  7.519   -1.665  1.00 19.29 ? 109 VAL A CB  1 
ATOM   893  C CG1 . VAL A 1 109 ? -6.961  8.183   -3.021  1.00 22.74 ? 109 VAL A CG1 1 
ATOM   894  C CG2 . VAL A 1 109 ? -7.952  7.630   -0.789  1.00 18.23 ? 109 VAL A CG2 1 
ATOM   895  N N   . GLN A 1 110 ? -5.591  5.523   -4.095  1.00 19.79 ? 110 GLN A N   1 
ATOM   896  C CA  . GLN A 1 110 ? -4.657  5.417   -5.209  1.00 19.82 ? 110 GLN A CA  1 
ATOM   897  C C   . GLN A 1 110 ? -5.195  6.327   -6.306  1.00 20.13 ? 110 GLN A C   1 
ATOM   898  O O   . GLN A 1 110 ? -6.393  6.335   -6.573  1.00 22.14 ? 110 GLN A O   1 
ATOM   899  C CB  . GLN A 1 110 ? -4.596  3.981   -5.733  1.00 21.49 ? 110 GLN A CB  1 
ATOM   900  C CG  . GLN A 1 110 ? -3.831  3.014   -4.836  1.00 19.75 ? 110 GLN A CG  1 
ATOM   901  C CD  . GLN A 1 110 ? -4.029  1.561   -5.232  1.00 21.40 ? 110 GLN A CD  1 
ATOM   902  O OE1 . GLN A 1 110 ? -3.143  0.726   -5.042  1.00 24.51 ? 110 GLN A OE1 1 
ATOM   903  N NE2 . GLN A 1 110 ? -5.197  1.251   -5.770  1.00 19.56 ? 110 GLN A NE2 1 
ATOM   904  N N   . GLU A 1 111 ? -4.313  7.101   -6.927  1.00 20.53 ? 111 GLU A N   1 
ATOM   905  C CA  . GLU A 1 111 ? -4.697  7.987   -8.016  1.00 22.09 ? 111 GLU A CA  1 
ATOM   906  C C   . GLU A 1 111 ? -3.681  7.741   -9.129  1.00 20.59 ? 111 GLU A C   1 
ATOM   907  O O   . GLU A 1 111 ? -2.472  7.837   -8.920  1.00 20.28 ? 111 GLU A O   1 
ATOM   908  C CB  . GLU A 1 111 ? -4.697  9.442   -7.539  1.00 25.47 ? 111 GLU A CB  1 
ATOM   909  C CG  . GLU A 1 111 ? -5.681  9.710   -6.403  1.00 32.19 ? 111 GLU A CG  1 
ATOM   910  C CD  . GLU A 1 111 ? -5.761  11.177  -6.051  1.00 37.19 ? 111 GLU A CD  1 
ATOM   911  O OE1 . GLU A 1 111 ? -4.766  11.883  -6.289  1.00 40.50 ? 111 GLU A OE1 1 
ATOM   912  O OE2 . GLU A 1 111 ? -6.805  11.635  -5.539  1.00 38.07 ? 111 GLU A OE2 1 
ATOM   913  N N   . PHE A 1 112 ? -4.178  7.396   -10.310 1.00 19.94 ? 112 PHE A N   1 
ATOM   914  C CA  . PHE A 1 112 ? -3.290  7.066   -11.417 1.00 21.08 ? 112 PHE A CA  1 
ATOM   915  C C   . PHE A 1 112 ? -3.933  7.238   -12.782 1.00 22.20 ? 112 PHE A C   1 
ATOM   916  O O   . PHE A 1 112 ? -5.101  7.606   -12.903 1.00 23.23 ? 112 PHE A O   1 
ATOM   917  C CB  . PHE A 1 112 ? -2.849  5.606   -11.295 1.00 21.30 ? 112 PHE A CB  1 
ATOM   918  C CG  . PHE A 1 112 ? -3.991  4.621   -11.411 1.00 20.31 ? 112 PHE A CG  1 
ATOM   919  C CD1 . PHE A 1 112 ? -4.852  4.396   -10.340 1.00 19.44 ? 112 PHE A CD1 1 
ATOM   920  C CD2 . PHE A 1 112 ? -4.230  3.950   -12.608 1.00 19.81 ? 112 PHE A CD2 1 
ATOM   921  C CE1 . PHE A 1 112 ? -5.935  3.520   -10.466 1.00 19.72 ? 112 PHE A CE1 1 
ATOM   922  C CE2 . PHE A 1 112 ? -5.308  3.076   -12.743 1.00 18.13 ? 112 PHE A CE2 1 
ATOM   923  C CZ  . PHE A 1 112 ? -6.162  2.859   -11.671 1.00 19.62 ? 112 PHE A CZ  1 
ATOM   924  N N   . ASP A 1 113 ? -3.143  6.926   -13.800 1.00 22.76 ? 113 ASP A N   1 
ATOM   925  C CA  . ASP A 1 113 ? -3.576  6.982   -15.185 1.00 23.21 ? 113 ASP A CA  1 
ATOM   926  C C   . ASP A 1 113 ? -2.660  6.030   -15.936 1.00 22.32 ? 113 ASP A C   1 
ATOM   927  O O   . ASP A 1 113 ? -1.445  6.041   -15.732 1.00 21.58 ? 113 ASP A O   1 
ATOM   928  C CB  . ASP A 1 113 ? -3.450  8.408   -15.728 1.00 26.26 ? 113 ASP A CB  1 
ATOM   929  C CG  . ASP A 1 113 ? -3.968  8.538   -17.146 1.00 29.27 ? 113 ASP A CG  1 
ATOM   930  O OD1 . ASP A 1 113 ? -5.064  8.009   -17.434 1.00 29.46 ? 113 ASP A OD1 1 
ATOM   931  O OD2 . ASP A 1 113 ? -3.281  9.184   -17.967 1.00 32.64 ? 113 ASP A OD2 1 
ATOM   932  N N   . MET A 1 114 ? -3.242  5.183   -16.778 1.00 21.26 ? 114 MET A N   1 
ATOM   933  C CA  . MET A 1 114 ? -2.450  4.224   -17.530 1.00 22.18 ? 114 MET A CA  1 
ATOM   934  C C   . MET A 1 114 ? -1.830  4.879   -18.749 1.00 23.18 ? 114 MET A C   1 
ATOM   935  O O   . MET A 1 114 ? -2.422  5.779   -19.344 1.00 24.98 ? 114 MET A O   1 
ATOM   936  C CB  . MET A 1 114 ? -3.317  3.042   -17.979 1.00 22.97 ? 114 MET A CB  1 
ATOM   937  C CG  . MET A 1 114 ? -3.997  2.285   -16.843 1.00 23.01 ? 114 MET A CG  1 
ATOM   938  S SD  . MET A 1 114 ? -2.834  1.766   -15.564 1.00 21.78 ? 114 MET A SD  1 
ATOM   939  C CE  . MET A 1 114 ? -1.739  0.713   -16.490 1.00 21.71 ? 114 MET A CE  1 
ATOM   940  N N   . LYS A 1 115 ? -0.631  4.434   -19.104 1.00 24.06 ? 115 LYS A N   1 
ATOM   941  C CA  . LYS A 1 115 ? 0.058   4.953   -20.277 1.00 27.21 ? 115 LYS A CA  1 
ATOM   942  C C   . LYS A 1 115 ? -0.669  4.414   -21.491 1.00 28.48 ? 115 LYS A C   1 
ATOM   943  O O   . LYS A 1 115 ? -1.146  3.277   -21.482 1.00 29.40 ? 115 LYS A O   1 
ATOM   944  C CB  . LYS A 1 115 ? 1.501   4.455   -20.334 1.00 27.09 ? 115 LYS A CB  1 
ATOM   945  C CG  . LYS A 1 115 ? 2.432   5.015   -19.285 1.00 29.20 ? 115 LYS A CG  1 
ATOM   946  C CD  . LYS A 1 115 ? 3.835   4.484   -19.521 1.00 30.43 ? 115 LYS A CD  1 
ATOM   947  C CE  . LYS A 1 115 ? 4.817   4.995   -18.486 1.00 32.86 ? 115 LYS A CE  1 
ATOM   948  N NZ  . LYS A 1 115 ? 6.165   4.418   -18.715 1.00 34.07 ? 115 LYS A NZ  1 
ATOM   949  N N   . PRO A 1 116 ? -0.782  5.221   -22.552 1.00 29.61 ? 116 PRO A N   1 
ATOM   950  C CA  . PRO A 1 116 ? -1.477  4.673   -23.715 1.00 30.57 ? 116 PRO A CA  1 
ATOM   951  C C   . PRO A 1 116 ? -0.625  3.505   -24.194 1.00 30.91 ? 116 PRO A C   1 
ATOM   952  O O   . PRO A 1 116 ? 0.600   3.619   -24.277 1.00 32.61 ? 116 PRO A O   1 
ATOM   953  C CB  . PRO A 1 116 ? -1.485  5.848   -24.693 1.00 31.54 ? 116 PRO A CB  1 
ATOM   954  C CG  . PRO A 1 116 ? -0.207  6.562   -24.362 1.00 31.04 ? 116 PRO A CG  1 
ATOM   955  C CD  . PRO A 1 116 ? -0.211  6.547   -22.846 1.00 30.39 ? 116 PRO A CD  1 
ATOM   956  N N   . GLY A 1 117 ? -1.257  2.374   -24.477 1.00 29.55 ? 117 GLY A N   1 
ATOM   957  C CA  . GLY A 1 117 ? -0.500  1.221   -24.924 1.00 29.05 ? 117 GLY A CA  1 
ATOM   958  C C   . GLY A 1 117 ? -0.282  0.202   -23.820 1.00 28.06 ? 117 GLY A C   1 
ATOM   959  O O   . GLY A 1 117 ? 0.214   -0.896  -24.074 1.00 28.02 ? 117 GLY A O   1 
ATOM   960  N N   . ALA A 1 118 ? -0.638  0.563   -22.590 1.00 26.97 ? 118 ALA A N   1 
ATOM   961  C CA  . ALA A 1 118 ? -0.491  -0.363  -21.473 1.00 26.17 ? 118 ALA A CA  1 
ATOM   962  C C   . ALA A 1 118 ? -1.409  -1.553  -21.743 1.00 25.46 ? 118 ALA A C   1 
ATOM   963  O O   . ALA A 1 118 ? -2.403  -1.422  -22.457 1.00 25.06 ? 118 ALA A O   1 
ATOM   964  C CB  . ALA A 1 118 ? -0.884  0.318   -20.168 1.00 26.22 ? 118 ALA A CB  1 
ATOM   965  N N   . PRO A 1 119 ? -1.088  -2.730  -21.178 1.00 24.46 ? 119 PRO A N   1 
ATOM   966  C CA  . PRO A 1 119 ? -1.902  -3.937  -21.372 1.00 23.97 ? 119 PRO A CA  1 
ATOM   967  C C   . PRO A 1 119 ? -3.277  -3.831  -20.713 1.00 21.66 ? 119 PRO A C   1 
ATOM   968  O O   . PRO A 1 119 ? -4.172  -4.627  -20.994 1.00 21.29 ? 119 PRO A O   1 
ATOM   969  C CB  . PRO A 1 119 ? -1.059  -5.038  -20.722 1.00 24.18 ? 119 PRO A CB  1 
ATOM   970  C CG  . PRO A 1 119 ? 0.336   -4.491  -20.752 1.00 25.50 ? 119 PRO A CG  1 
ATOM   971  C CD  . PRO A 1 119 ? 0.128   -3.044  -20.413 1.00 25.15 ? 119 PRO A CD  1 
ATOM   972  N N   . PHE A 1 120 ? -3.434  -2.849  -19.830 1.00 20.73 ? 120 PHE A N   1 
ATOM   973  C CA  . PHE A 1 120 ? -4.693  -2.659  -19.116 1.00 19.97 ? 120 PHE A CA  1 
ATOM   974  C C   . PHE A 1 120 ? -5.077  -1.181  -19.105 1.00 19.89 ? 120 PHE A C   1 
ATOM   975  O O   . PHE A 1 120 ? -4.217  -0.322  -18.938 1.00 19.64 ? 120 PHE A O   1 
ATOM   976  C CB  . PHE A 1 120 ? -4.556  -3.148  -17.669 1.00 19.15 ? 120 PHE A CB  1 
ATOM   977  C CG  . PHE A 1 120 ? -3.496  -4.208  -17.471 1.00 19.22 ? 120 PHE A CG  1 
ATOM   978  C CD1 . PHE A 1 120 ? -2.198  -3.854  -17.126 1.00 18.59 ? 120 PHE A CD1 1 
ATOM   979  C CD2 . PHE A 1 120 ? -3.803  -5.558  -17.619 1.00 20.88 ? 120 PHE A CD2 1 
ATOM   980  C CE1 . PHE A 1 120 ? -1.211  -4.825  -16.924 1.00 18.92 ? 120 PHE A CE1 1 
ATOM   981  C CE2 . PHE A 1 120 ? -2.829  -6.542  -17.421 1.00 19.03 ? 120 PHE A CE2 1 
ATOM   982  C CZ  . PHE A 1 120 ? -1.528  -6.175  -17.071 1.00 17.84 ? 120 PHE A CZ  1 
ATOM   983  N N   . ASP A 1 121 ? -6.361  -0.876  -19.280 1.00 20.18 ? 121 ASP A N   1 
ATOM   984  C CA  . ASP A 1 121 ? -6.777  0.521   -19.264 1.00 21.82 ? 121 ASP A CA  1 
ATOM   985  C C   . ASP A 1 121 ? -7.224  0.955   -17.869 1.00 21.32 ? 121 ASP A C   1 
ATOM   986  O O   . ASP A 1 121 ? -7.288  0.138   -16.945 1.00 20.55 ? 121 ASP A O   1 
ATOM   987  C CB  . ASP A 1 121 ? -7.880  0.783   -20.304 1.00 23.17 ? 121 ASP A CB  1 
ATOM   988  C CG  . ASP A 1 121 ? -9.204  0.133   -19.951 1.00 26.92 ? 121 ASP A CG  1 
ATOM   989  O OD1 . ASP A 1 121 ? -9.281  -0.618  -18.955 1.00 26.74 ? 121 ASP A OD1 1 
ATOM   990  O OD2 . ASP A 1 121 ? -10.183 0.377   -20.691 1.00 27.56 ? 121 ASP A OD2 1 
ATOM   991  N N   . ASN A 1 122 ? -7.519  2.242   -17.716 1.00 20.15 ? 122 ASN A N   1 
ATOM   992  C CA  . ASN A 1 122 ? -7.934  2.788   -16.420 1.00 21.15 ? 122 ASN A CA  1 
ATOM   993  C C   . ASN A 1 122 ? -9.055  2.035   -15.720 1.00 21.22 ? 122 ASN A C   1 
ATOM   994  O O   . ASN A 1 122 ? -8.933  1.677   -14.551 1.00 21.30 ? 122 ASN A O   1 
ATOM   995  C CB  . ASN A 1 122 ? -8.359  4.250   -16.565 1.00 21.02 ? 122 ASN A CB  1 
ATOM   996  C CG  . ASN A 1 122 ? -7.182  5.194   -16.691 1.00 22.51 ? 122 ASN A CG  1 
ATOM   997  O OD1 . ASN A 1 122 ? -7.357  6.412   -16.766 1.00 27.23 ? 122 ASN A OD1 1 
ATOM   998  N ND2 . ASN A 1 122 ? -5.976  4.643   -16.714 1.00 20.96 ? 122 ASN A ND2 1 
ATOM   999  N N   . ALA A 1 123 ? -10.156 1.815   -16.430 1.00 21.56 ? 123 ALA A N   1 
ATOM   1000 C CA  . ALA A 1 123 ? -11.304 1.128   -15.858 1.00 22.53 ? 123 ALA A CA  1 
ATOM   1001 C C   . ALA A 1 123 ? -10.974 -0.260  -15.328 1.00 22.54 ? 123 ALA A C   1 
ATOM   1002 O O   . ALA A 1 123 ? -11.382 -0.621  -14.221 1.00 23.19 ? 123 ALA A O   1 
ATOM   1003 C CB  . ALA A 1 123 ? -12.422 1.033   -16.894 1.00 23.86 ? 123 ALA A CB  1 
ATOM   1004 N N   . HIS A 1 124 ? -10.242 -1.042  -16.115 1.00 21.88 ? 124 HIS A N   1 
ATOM   1005 C CA  . HIS A 1 124 ? -9.900  -2.391  -15.692 1.00 20.89 ? 124 HIS A CA  1 
ATOM   1006 C C   . HIS A 1 124 ? -8.846  -2.427  -14.589 1.00 20.63 ? 124 HIS A C   1 
ATOM   1007 O O   . HIS A 1 124 ? -8.945  -3.233  -13.663 1.00 19.20 ? 124 HIS A O   1 
ATOM   1008 C CB  . HIS A 1 124 ? -9.466  -3.227  -16.898 1.00 21.86 ? 124 HIS A CB  1 
ATOM   1009 C CG  . HIS A 1 124 ? -10.595 -3.571  -17.820 1.00 22.88 ? 124 HIS A CG  1 
ATOM   1010 N ND1 . HIS A 1 124 ? -11.133 -2.666  -18.712 1.00 23.92 ? 124 HIS A ND1 1 
ATOM   1011 C CD2 . HIS A 1 124 ? -11.323 -4.705  -17.952 1.00 24.14 ? 124 HIS A CD2 1 
ATOM   1012 C CE1 . HIS A 1 124 ? -12.143 -3.229  -19.351 1.00 23.53 ? 124 HIS A CE1 1 
ATOM   1013 N NE2 . HIS A 1 124 ? -12.279 -4.466  -18.908 1.00 24.77 ? 124 HIS A NE2 1 
ATOM   1014 N N   . MET A 1 125 ? -7.845  -1.558  -14.677 1.00 18.61 ? 125 MET A N   1 
ATOM   1015 C CA  . MET A 1 125 ? -6.815  -1.517  -13.641 1.00 18.63 ? 125 MET A CA  1 
ATOM   1016 C C   . MET A 1 125 ? -7.475  -1.100  -12.325 1.00 18.79 ? 125 MET A C   1 
ATOM   1017 O O   . MET A 1 125 ? -7.123  -1.604  -11.259 1.00 18.12 ? 125 MET A O   1 
ATOM   1018 C CB  . MET A 1 125 ? -5.712  -0.518  -14.012 1.00 17.99 ? 125 MET A CB  1 
ATOM   1019 C CG  . MET A 1 125 ? -4.642  -0.312  -12.939 1.00 18.03 ? 125 MET A CG  1 
ATOM   1020 S SD  . MET A 1 125 ? -3.712  -1.808  -12.508 1.00 17.65 ? 125 MET A SD  1 
ATOM   1021 C CE  . MET A 1 125 ? -2.456  -1.811  -13.798 1.00 16.82 ? 125 MET A CE  1 
ATOM   1022 N N   . THR A 1 126 ? -8.442  -0.189  -12.405 1.00 18.68 ? 126 THR A N   1 
ATOM   1023 C CA  . THR A 1 126 ? -9.148  0.278   -11.214 1.00 19.63 ? 126 THR A CA  1 
ATOM   1024 C C   . THR A 1 126 ? -9.824  -0.901  -10.518 1.00 19.94 ? 126 THR A C   1 
ATOM   1025 O O   . THR A 1 126 ? -9.700  -1.069  -9.304  1.00 18.98 ? 126 THR A O   1 
ATOM   1026 C CB  . THR A 1 126 ? -10.212 1.357   -11.574 1.00 20.56 ? 126 THR A CB  1 
ATOM   1027 O OG1 . THR A 1 126 ? -9.553  2.512   -12.105 1.00 19.34 ? 126 THR A OG1 1 
ATOM   1028 C CG2 . THR A 1 126 ? -11.008 1.771   -10.336 1.00 22.54 ? 126 THR A CG2 1 
ATOM   1029 N N   . ALA A 1 127 ? -10.533 -1.722  -11.288 1.00 18.76 ? 127 ALA A N   1 
ATOM   1030 C CA  . ALA A 1 127 ? -11.208 -2.885  -10.730 1.00 19.71 ? 127 ALA A CA  1 
ATOM   1031 C C   . ALA A 1 127 ? -10.180 -3.840  -10.129 1.00 18.90 ? 127 ALA A C   1 
ATOM   1032 O O   . ALA A 1 127 ? -10.374 -4.367  -9.032  1.00 19.75 ? 127 ALA A O   1 
ATOM   1033 C CB  . ALA A 1 127 ? -12.017 -3.595  -11.814 1.00 20.56 ? 127 ALA A CB  1 
ATOM   1034 N N   . HIS A 1 128 ? -9.083  -4.059  -10.849 1.00 19.13 ? 128 HIS A N   1 
ATOM   1035 C CA  . HIS A 1 128 ? -8.037  -4.954  -10.370 1.00 19.31 ? 128 HIS A CA  1 
ATOM   1036 C C   . HIS A 1 128 ? -7.454  -4.472  -9.045  1.00 19.25 ? 128 HIS A C   1 
ATOM   1037 O O   . HIS A 1 128 ? -7.319  -5.250  -8.102  1.00 18.10 ? 128 HIS A O   1 
ATOM   1038 C CB  . HIS A 1 128 ? -6.903  -5.062  -11.381 1.00 20.84 ? 128 HIS A CB  1 
ATOM   1039 C CG  . HIS A 1 128 ? -5.791  -5.955  -10.929 1.00 22.54 ? 128 HIS A CG  1 
ATOM   1040 N ND1 . HIS A 1 128 ? -5.881  -7.329  -10.964 1.00 23.94 ? 128 HIS A ND1 1 
ATOM   1041 C CD2 . HIS A 1 128 ? -4.581  -5.670  -10.390 1.00 23.24 ? 128 HIS A CD2 1 
ATOM   1042 C CE1 . HIS A 1 128 ? -4.774  -7.853  -10.468 1.00 24.54 ? 128 HIS A CE1 1 
ATOM   1043 N NE2 . HIS A 1 128 ? -3.970  -6.867  -10.112 1.00 23.29 ? 128 HIS A NE2 1 
ATOM   1044 N N   . LEU A 1 129 ? -7.101  -3.193  -8.981  1.00 17.16 ? 129 LEU A N   1 
ATOM   1045 C CA  . LEU A 1 129 ? -6.516  -2.635  -7.763  1.00 17.28 ? 129 LEU A CA  1 
ATOM   1046 C C   . LEU A 1 129 ? -7.490  -2.629  -6.589  1.00 17.34 ? 129 LEU A C   1 
ATOM   1047 O O   . LEU A 1 129 ? -7.079  -2.769  -5.434  1.00 17.55 ? 129 LEU A O   1 
ATOM   1048 C CB  . LEU A 1 129 ? -5.995  -1.221  -8.024  1.00 17.35 ? 129 LEU A CB  1 
ATOM   1049 C CG  . LEU A 1 129 ? -4.824  -1.156  -9.006  1.00 16.03 ? 129 LEU A CG  1 
ATOM   1050 C CD1 . LEU A 1 129 ? -4.435  0.294   -9.222  1.00 18.64 ? 129 LEU A CD1 1 
ATOM   1051 C CD2 . LEU A 1 129 ? -3.640  -1.971  -8.482  1.00 17.44 ? 129 LEU A CD2 1 
ATOM   1052 N N   . ASN A 1 130 ? -8.773  -2.445  -6.879  1.00 17.09 ? 130 ASN A N   1 
ATOM   1053 C CA  . ASN A 1 130 ? -9.785  -2.458  -5.830  1.00 18.13 ? 130 ASN A CA  1 
ATOM   1054 C C   . ASN A 1 130 ? -9.821  -3.853  -5.216  1.00 18.17 ? 130 ASN A C   1 
ATOM   1055 O O   . ASN A 1 130 ? -9.866  -4.002  -3.997  1.00 18.12 ? 130 ASN A O   1 
ATOM   1056 C CB  . ASN A 1 130 ? -11.162 -2.112  -6.408  1.00 19.02 ? 130 ASN A CB  1 
ATOM   1057 C CG  . ASN A 1 130 ? -11.437 -0.621  -6.423  1.00 21.19 ? 130 ASN A CG  1 
ATOM   1058 O OD1 . ASN A 1 130 ? -12.190 -0.125  -7.267  1.00 24.25 ? 130 ASN A OD1 1 
ATOM   1059 N ND2 . ASN A 1 130 ? -10.843 0.101   -5.482  1.00 18.13 ? 130 ASN A ND2 1 
ATOM   1060 N N   . THR A 1 131 ? -9.792  -4.873  -6.068  1.00 18.12 ? 131 THR A N   1 
ATOM   1061 C CA  . THR A 1 131 ? -9.823  -6.258  -5.606  1.00 18.18 ? 131 THR A CA  1 
ATOM   1062 C C   . THR A 1 131 ? -8.609  -6.600  -4.748  1.00 19.25 ? 131 THR A C   1 
ATOM   1063 O O   . THR A 1 131 ? -8.753  -7.114  -3.632  1.00 17.58 ? 131 THR A O   1 
ATOM   1064 C CB  . THR A 1 131 ? -9.880  -7.239  -6.796  1.00 20.22 ? 131 THR A CB  1 
ATOM   1065 O OG1 . THR A 1 131 ? -11.078 -7.002  -7.545  1.00 22.79 ? 131 THR A OG1 1 
ATOM   1066 C CG2 . THR A 1 131 ? -9.878  -8.685  -6.309  1.00 21.36 ? 131 THR A CG2 1 
ATOM   1067 N N   . THR A 1 132 ? -7.417  -6.314  -5.266  1.00 17.78 ? 132 THR A N   1 
ATOM   1068 C CA  . THR A 1 132 ? -6.196  -6.621  -4.529  1.00 17.28 ? 132 THR A CA  1 
ATOM   1069 C C   . THR A 1 132 ? -6.055  -5.780  -3.265  1.00 16.01 ? 132 THR A C   1 
ATOM   1070 O O   . THR A 1 132 ? -5.593  -6.278  -2.236  1.00 17.01 ? 132 THR A O   1 
ATOM   1071 C CB  . THR A 1 132 ? -4.938  -6.451  -5.412  1.00 18.46 ? 132 THR A CB  1 
ATOM   1072 O OG1 . THR A 1 132 ? -4.825  -5.097  -5.859  1.00 20.70 ? 132 THR A OG1 1 
ATOM   1073 C CG2 . THR A 1 132 ? -5.016  -7.372  -6.617  1.00 18.69 ? 132 THR A CG2 1 
ATOM   1074 N N   . THR A 1 133 ? -6.463  -4.516  -3.326  1.00 15.62 ? 133 THR A N   1 
ATOM   1075 C CA  . THR A 1 133 ? -6.373  -3.658  -2.147  1.00 15.80 ? 133 THR A CA  1 
ATOM   1076 C C   . THR A 1 133 ? -7.293  -4.160  -1.037  1.00 17.62 ? 133 THR A C   1 
ATOM   1077 O O   . THR A 1 133 ? -6.887  -4.260  0.123   1.00 15.10 ? 133 THR A O   1 
ATOM   1078 C CB  . THR A 1 133 ? -6.757  -2.203  -2.464  1.00 16.02 ? 133 THR A CB  1 
ATOM   1079 O OG1 . THR A 1 133 ? -5.749  -1.611  -3.287  1.00 18.44 ? 133 THR A OG1 1 
ATOM   1080 C CG2 . THR A 1 133 ? -6.883  -1.401  -1.180  1.00 15.26 ? 133 THR A CG2 1 
ATOM   1081 N N   . ARG A 1 134 ? -8.537  -4.473  -1.387  1.00 17.47 ? 134 ARG A N   1 
ATOM   1082 C CA  . ARG A 1 134 ? -9.469  -4.951  -0.376  1.00 18.63 ? 134 ARG A CA  1 
ATOM   1083 C C   . ARG A 1 134 ? -8.967  -6.242  0.269   1.00 17.51 ? 134 ARG A C   1 
ATOM   1084 O O   . ARG A 1 134 ? -9.063  -6.408  1.487   1.00 18.62 ? 134 ARG A O   1 
ATOM   1085 C CB  . ARG A 1 134 ? -10.862 -5.153  -0.981  1.00 20.77 ? 134 ARG A CB  1 
ATOM   1086 C CG  . ARG A 1 134 ? -11.471 -3.856  -1.509  1.00 26.87 ? 134 ARG A CG  1 
ATOM   1087 C CD  . ARG A 1 134 ? -12.956 -3.993  -1.818  1.00 32.37 ? 134 ARG A CD  1 
ATOM   1088 N NE  . ARG A 1 134 ? -13.762 -4.083  -0.602  1.00 37.22 ? 134 ARG A NE  1 
ATOM   1089 C CZ  . ARG A 1 134 ? -13.941 -3.083  0.259   1.00 39.00 ? 134 ARG A CZ  1 
ATOM   1090 N NH1 . ARG A 1 134 ? -13.374 -1.902  0.044   1.00 40.12 ? 134 ARG A NH1 1 
ATOM   1091 N NH2 . ARG A 1 134 ? -14.682 -3.267  1.345   1.00 40.46 ? 134 ARG A NH2 1 
ATOM   1092 N N   . ALA A 1 135 ? -8.420  -7.142  -0.542  1.00 16.32 ? 135 ALA A N   1 
ATOM   1093 C CA  . ALA A 1 135 ? -7.908  -8.403  -0.021  1.00 15.88 ? 135 ALA A CA  1 
ATOM   1094 C C   . ALA A 1 135 ? -6.708  -8.152  0.891   1.00 15.61 ? 135 ALA A C   1 
ATOM   1095 O O   . ALA A 1 135 ? -6.584  -8.785  1.935   1.00 17.10 ? 135 ALA A O   1 
ATOM   1096 C CB  . ALA A 1 135 ? -7.517  -9.333  -1.163  1.00 17.15 ? 135 ALA A CB  1 
ATOM   1097 N N   . ASN A 1 136 ? -5.827  -7.234  0.501   1.00 14.65 ? 136 ASN A N   1 
ATOM   1098 C CA  . ASN A 1 136 ? -4.660  -6.933  1.326   1.00 15.11 ? 136 ASN A CA  1 
ATOM   1099 C C   . ASN A 1 136 ? -5.048  -6.262  2.637   1.00 16.04 ? 136 ASN A C   1 
ATOM   1100 O O   . ASN A 1 136 ? -4.466  -6.544  3.681   1.00 14.74 ? 136 ASN A O   1 
ATOM   1101 C CB  . ASN A 1 136 ? -3.670  -6.040  0.581   1.00 17.10 ? 136 ASN A CB  1 
ATOM   1102 C CG  . ASN A 1 136 ? -2.847  -6.805  -0.429  1.00 18.92 ? 136 ASN A CG  1 
ATOM   1103 O OD1 . ASN A 1 136 ? -2.444  -7.946  -0.185  1.00 24.53 ? 136 ASN A OD1 1 
ATOM   1104 N ND2 . ASN A 1 136 ? -2.572  -6.177  -1.558  1.00 23.84 ? 136 ASN A ND2 1 
ATOM   1105 N N   . MET A 1 137 ? -6.022  -5.359  2.589   1.00 15.35 ? 137 MET A N   1 
ATOM   1106 C CA  . MET A 1 137 ? -6.439  -4.689  3.809   1.00 14.77 ? 137 MET A CA  1 
ATOM   1107 C C   . MET A 1 137 ? -7.065  -5.673  4.785   1.00 14.93 ? 137 MET A C   1 
ATOM   1108 O O   . MET A 1 137 ? -6.870  -5.555  5.996   1.00 15.25 ? 137 MET A O   1 
ATOM   1109 C CB  . MET A 1 137 ? -7.403  -3.547  3.487   1.00 15.46 ? 137 MET A CB  1 
ATOM   1110 C CG  . MET A 1 137 ? -6.713  -2.414  2.748   1.00 14.85 ? 137 MET A CG  1 
ATOM   1111 S SD  . MET A 1 137 ? -7.771  -0.975  2.400   1.00 16.62 ? 137 MET A SD  1 
ATOM   1112 C CE  . MET A 1 137 ? -7.449  0.050   3.854   1.00 16.14 ? 137 MET A CE  1 
ATOM   1113 N N   . GLU A 1 138 ? -7.802  -6.648  4.263   1.00 15.23 ? 138 GLU A N   1 
ATOM   1114 C CA  . GLU A 1 138 ? -8.431  -7.658  5.114   1.00 18.00 ? 138 GLU A CA  1 
ATOM   1115 C C   . GLU A 1 138 ? -7.375  -8.558  5.750   1.00 16.96 ? 138 GLU A C   1 
ATOM   1116 O O   . GLU A 1 138 ? -7.467  -8.904  6.931   1.00 17.29 ? 138 GLU A O   1 
ATOM   1117 C CB  . GLU A 1 138 ? -9.397  -8.519  4.296   1.00 21.92 ? 138 GLU A CB  1 
ATOM   1118 C CG  . GLU A 1 138 ? -10.684 -7.810  3.920   1.00 31.42 ? 138 GLU A CG  1 
ATOM   1119 C CD  . GLU A 1 138 ? -11.659 -8.714  3.193   1.00 37.29 ? 138 GLU A CD  1 
ATOM   1120 O OE1 . GLU A 1 138 ? -11.909 -9.839  3.682   1.00 40.86 ? 138 GLU A OE1 1 
ATOM   1121 O OE2 . GLU A 1 138 ? -12.183 -8.296  2.137   1.00 41.54 ? 138 GLU A OE2 1 
ATOM   1122 N N   . ARG A 1 139 ? -6.373  -8.929  4.958   1.00 16.65 ? 139 ARG A N   1 
ATOM   1123 C CA  . ARG A 1 139 ? -5.300  -9.792  5.430   1.00 17.22 ? 139 ARG A CA  1 
ATOM   1124 C C   . ARG A 1 139 ? -4.481  -9.080  6.498   1.00 15.85 ? 139 ARG A C   1 
ATOM   1125 O O   . ARG A 1 139 ? -4.182  -9.648  7.550   1.00 14.38 ? 139 ARG A O   1 
ATOM   1126 C CB  . ARG A 1 139 ? -4.391  -10.202 4.262   1.00 19.05 ? 139 ARG A CB  1 
ATOM   1127 C CG  . ARG A 1 139 ? -3.116  -10.925 4.689   1.00 25.79 ? 139 ARG A CG  1 
ATOM   1128 C CD  . ARG A 1 139 ? -2.305  -11.393 3.486   1.00 31.62 ? 139 ARG A CD  1 
ATOM   1129 N NE  . ARG A 1 139 ? -1.049  -12.019 3.896   1.00 36.53 ? 139 ARG A NE  1 
ATOM   1130 C CZ  . ARG A 1 139 ? -0.229  -12.664 3.071   1.00 39.90 ? 139 ARG A CZ  1 
ATOM   1131 N NH1 . ARG A 1 139 ? -0.527  -12.770 1.783   1.00 42.20 ? 139 ARG A NH1 1 
ATOM   1132 N NH2 . ARG A 1 139 ? 0.887   -13.205 3.537   1.00 41.60 ? 139 ARG A NH2 1 
ATOM   1133 N N   . ILE A 1 140 ? -4.133  -7.827  6.231   1.00 13.79 ? 140 ILE A N   1 
ATOM   1134 C CA  . ILE A 1 140 ? -3.344  -7.044  7.170   1.00 13.65 ? 140 ILE A CA  1 
ATOM   1135 C C   . ILE A 1 140 ? -4.133  -6.792  8.457   1.00 13.15 ? 140 ILE A C   1 
ATOM   1136 O O   . ILE A 1 140 ? -3.565  -6.775  9.557   1.00 12.52 ? 140 ILE A O   1 
ATOM   1137 C CB  . ILE A 1 140 ? -2.890  -5.728  6.501   1.00 11.89 ? 140 ILE A CB  1 
ATOM   1138 C CG1 . ILE A 1 140 ? -1.841  -6.060  5.431   1.00 13.40 ? 140 ILE A CG1 1 
ATOM   1139 C CG2 . ILE A 1 140 ? -2.344  -4.757  7.537   1.00 14.24 ? 140 ILE A CG2 1 
ATOM   1140 C CD1 . ILE A 1 140 ? -1.499  -4.902  4.487   1.00 13.96 ? 140 ILE A CD1 1 
ATOM   1141 N N   . LYS A 1 141 ? -5.445  -6.617  8.324   1.00 12.35 ? 141 LYS A N   1 
ATOM   1142 C CA  . LYS A 1 141 ? -6.298  -6.415  9.489   1.00 13.21 ? 141 LYS A CA  1 
ATOM   1143 C C   . LYS A 1 141 ? -6.144  -7.636  10.401  1.00 14.12 ? 141 LYS A C   1 
ATOM   1144 O O   . LYS A 1 141 ? -5.945  -7.504  11.613  1.00 13.60 ? 141 LYS A O   1 
ATOM   1145 C CB  . LYS A 1 141 ? -7.764  -6.265  9.056   1.00 14.88 ? 141 LYS A CB  1 
ATOM   1146 C CG  . LYS A 1 141 ? -8.774  -6.323  10.205  1.00 15.42 ? 141 LYS A CG  1 
ATOM   1147 C CD  . LYS A 1 141 ? -10.201 -6.220  9.676   1.00 18.37 ? 141 LYS A CD  1 
ATOM   1148 C CE  . LYS A 1 141 ? -11.256 -6.550  10.736  1.00 18.76 ? 141 LYS A CE  1 
ATOM   1149 N NZ  . LYS A 1 141 ? -11.291 -5.607  11.887  1.00 20.69 ? 141 LYS A NZ  1 
ATOM   1150 N N   . LYS A 1 142 ? -6.215  -8.824  9.808   1.00 14.99 ? 142 LYS A N   1 
ATOM   1151 C CA  . LYS A 1 142 ? -6.084  -10.064 10.573  1.00 15.01 ? 142 LYS A CA  1 
ATOM   1152 C C   . LYS A 1 142 ? -4.720  -10.195 11.247  1.00 14.11 ? 142 LYS A C   1 
ATOM   1153 O O   . LYS A 1 142 ? -4.634  -10.549 12.420  1.00 16.23 ? 142 LYS A O   1 
ATOM   1154 C CB  . LYS A 1 142 ? -6.310  -11.273 9.665   1.00 17.91 ? 142 LYS A CB  1 
ATOM   1155 C CG  . LYS A 1 142 ? -7.732  -11.423 9.167   1.00 21.99 ? 142 LYS A CG  1 
ATOM   1156 C CD  . LYS A 1 142 ? -7.892  -12.718 8.374   1.00 26.10 ? 142 LYS A CD  1 
ATOM   1157 C CE  . LYS A 1 142 ? -9.314  -12.886 7.866   1.00 29.33 ? 142 LYS A CE  1 
ATOM   1158 N NZ  . LYS A 1 142 ? -10.303 -12.886 8.975   1.00 32.96 ? 142 LYS A NZ  1 
ATOM   1159 N N   . ILE A 1 143 ? -3.659  -9.916  10.496  1.00 12.29 ? 143 ILE A N   1 
ATOM   1160 C CA  . ILE A 1 143 ? -2.297  -10.003 11.013  1.00 12.53 ? 143 ILE A CA  1 
ATOM   1161 C C   . ILE A 1 143 ? -2.085  -9.065  12.198  1.00 13.05 ? 143 ILE A C   1 
ATOM   1162 O O   . ILE A 1 143 ? -1.494  -9.451  13.210  1.00 14.81 ? 143 ILE A O   1 
ATOM   1163 C CB  . ILE A 1 143 ? -1.271  -9.647  9.910   1.00 13.55 ? 143 ILE A CB  1 
ATOM   1164 C CG1 . ILE A 1 143 ? -1.303  -10.717 8.814   1.00 16.25 ? 143 ILE A CG1 1 
ATOM   1165 C CG2 . ILE A 1 143 ? 0.118   -9.509  10.516  1.00 14.70 ? 143 ILE A CG2 1 
ATOM   1166 C CD1 . ILE A 1 143 ? -0.424  -10.398 7.606   1.00 15.96 ? 143 ILE A CD1 1 
ATOM   1167 N N   . ILE A 1 144 ? -2.555  -7.828  12.068  1.00 12.76 ? 144 ILE A N   1 
ATOM   1168 C CA  . ILE A 1 144 ? -2.399  -6.858  13.148  1.00 12.07 ? 144 ILE A CA  1 
ATOM   1169 C C   . ILE A 1 144 ? -3.199  -7.276  14.377  1.00 13.27 ? 144 ILE A C   1 
ATOM   1170 O O   . ILE A 1 144 ? -2.721  -7.160  15.503  1.00 14.73 ? 144 ILE A O   1 
ATOM   1171 C CB  . ILE A 1 144 ? -2.855  -5.451  12.707  1.00 12.97 ? 144 ILE A CB  1 
ATOM   1172 C CG1 . ILE A 1 144 ? -1.883  -4.903  11.662  1.00 13.20 ? 144 ILE A CG1 1 
ATOM   1173 C CG2 . ILE A 1 144 ? -2.924  -4.512  13.922  1.00 14.28 ? 144 ILE A CG2 1 
ATOM   1174 C CD1 . ILE A 1 144 ? -2.360  -3.615  11.026  1.00 13.41 ? 144 ILE A CD1 1 
ATOM   1175 N N   . GLU A 1 145 ? -4.415  -7.765  14.161  1.00 13.74 ? 145 GLU A N   1 
ATOM   1176 C CA  . GLU A 1 145 ? -5.244  -8.189  15.283  1.00 14.27 ? 145 GLU A CA  1 
ATOM   1177 C C   . GLU A 1 145 ? -4.643  -9.423  15.952  1.00 15.49 ? 145 GLU A C   1 
ATOM   1178 O O   . GLU A 1 145 ? -4.799  -9.603  17.162  1.00 16.31 ? 145 GLU A O   1 
ATOM   1179 C CB  . GLU A 1 145 ? -6.687  -8.422  14.816  1.00 17.17 ? 145 GLU A CB  1 
ATOM   1180 C CG  . GLU A 1 145 ? -7.432  -7.087  14.608  1.00 16.67 ? 145 GLU A CG  1 
ATOM   1181 C CD  . GLU A 1 145 ? -8.771  -7.221  13.899  1.00 18.68 ? 145 GLU A CD  1 
ATOM   1182 O OE1 . GLU A 1 145 ? -9.251  -8.359  13.698  1.00 18.71 ? 145 GLU A OE1 1 
ATOM   1183 O OE2 . GLU A 1 145 ? -9.351  -6.171  13.543  1.00 17.23 ? 145 GLU A OE2 1 
ATOM   1184 N N   . ASP A 1 146 ? -3.939  -10.253 15.179  1.00 16.57 ? 146 ASP A N   1 
ATOM   1185 C CA  . ASP A 1 146 ? -3.284  -11.433 15.748  1.00 15.17 ? 146 ASP A CA  1 
ATOM   1186 C C   . ASP A 1 146 ? -2.243  -10.935 16.746  1.00 16.91 ? 146 ASP A C   1 
ATOM   1187 O O   . ASP A 1 146 ? -2.192  -11.393 17.885  1.00 19.10 ? 146 ASP A O   1 
ATOM   1188 C CB  . ASP A 1 146 ? -2.561  -12.265 14.676  1.00 16.54 ? 146 ASP A CB  1 
ATOM   1189 C CG  . ASP A 1 146 ? -3.499  -13.120 13.845  1.00 15.95 ? 146 ASP A CG  1 
ATOM   1190 O OD1 . ASP A 1 146 ? -4.625  -13.412 14.293  1.00 18.71 ? 146 ASP A OD1 1 
ATOM   1191 O OD2 . ASP A 1 146 ? -3.088  -13.529 12.740  1.00 18.84 ? 146 ASP A OD2 1 
ATOM   1192 N N   . ARG A 1 147 ? -1.410  -9.996  16.298  1.00 16.12 ? 147 ARG A N   1 
ATOM   1193 C CA  . ARG A 1 147 ? -0.356  -9.411  17.125  1.00 18.15 ? 147 ARG A CA  1 
ATOM   1194 C C   . ARG A 1 147 ? -0.924  -8.732  18.360  1.00 18.68 ? 147 ARG A C   1 
ATOM   1195 O O   . ARG A 1 147 ? -0.365  -8.840  19.453  1.00 19.79 ? 147 ARG A O   1 
ATOM   1196 C CB  . ARG A 1 147 ? 0.443   -8.391  16.315  1.00 19.52 ? 147 ARG A CB  1 
ATOM   1197 C CG  . ARG A 1 147 ? 1.184   -8.980  15.131  1.00 24.57 ? 147 ARG A CG  1 
ATOM   1198 C CD  . ARG A 1 147 ? 2.319   -9.895  15.592  1.00 28.43 ? 147 ARG A CD  1 
ATOM   1199 N NE  . ARG A 1 147 ? 1.926   -11.300 15.639  1.00 28.20 ? 147 ARG A NE  1 
ATOM   1200 C CZ  . ARG A 1 147 ? 1.628   -12.021 14.562  1.00 30.10 ? 147 ARG A CZ  1 
ATOM   1201 N NH1 . ARG A 1 147 ? 1.687   -11.473 13.353  1.00 29.03 ? 147 ARG A NH1 1 
ATOM   1202 N NH2 . ARG A 1 147 ? 1.245   -13.280 14.693  1.00 31.38 ? 147 ARG A NH2 1 
ATOM   1203 N N   . HIS A 1 148 ? -2.037  -8.025  18.183  1.00 18.04 ? 148 HIS A N   1 
ATOM   1204 C CA  . HIS A 1 148 ? -2.682  -7.331  19.290  1.00 20.54 ? 148 HIS A CA  1 
ATOM   1205 C C   . HIS A 1 148 ? -3.140  -8.345  20.343  1.00 21.43 ? 148 HIS A C   1 
ATOM   1206 O O   . HIS A 1 148 ? -2.997  -8.116  21.548  1.00 21.32 ? 148 HIS A O   1 
ATOM   1207 C CB  . HIS A 1 148 ? -3.878  -6.530  18.772  1.00 20.89 ? 148 HIS A CB  1 
ATOM   1208 C CG  . HIS A 1 148 ? -4.580  -5.738  19.830  1.00 23.67 ? 148 HIS A CG  1 
ATOM   1209 N ND1 . HIS A 1 148 ? -3.954  -4.745  20.554  1.00 25.09 ? 148 HIS A ND1 1 
ATOM   1210 C CD2 . HIS A 1 148 ? -5.855  -5.788  20.283  1.00 25.91 ? 148 HIS A CD2 1 
ATOM   1211 C CE1 . HIS A 1 148 ? -4.815  -4.216  21.406  1.00 24.01 ? 148 HIS A CE1 1 
ATOM   1212 N NE2 . HIS A 1 148 ? -5.976  -4.830  21.262  1.00 26.66 ? 148 HIS A NE2 1 
ATOM   1213 N N   . ARG A 1 149 ? -3.687  -9.465  19.879  1.00 21.58 ? 149 ARG A N   1 
ATOM   1214 C CA  . ARG A 1 149 ? -4.165  -10.527 20.768  1.00 24.03 ? 149 ARG A CA  1 
ATOM   1215 C C   . ARG A 1 149 ? -3.017  -11.104 21.585  1.00 26.35 ? 149 ARG A C   1 
ATOM   1216 O O   . ARG A 1 149 ? -3.169  -11.410 22.768  1.00 26.61 ? 149 ARG A O   1 
ATOM   1217 C CB  . ARG A 1 149 ? -4.804  -11.648 19.941  1.00 24.43 ? 149 ARG A CB  1 
ATOM   1218 C CG  . ARG A 1 149 ? -5.298  -12.851 20.744  1.00 25.65 ? 149 ARG A CG  1 
ATOM   1219 C CD  . ARG A 1 149 ? -5.724  -13.982 19.812  1.00 24.11 ? 149 ARG A CD  1 
ATOM   1220 N NE  . ARG A 1 149 ? -6.552  -13.469 18.729  1.00 28.14 ? 149 ARG A NE  1 
ATOM   1221 C CZ  . ARG A 1 149 ? -6.219  -13.517 17.445  1.00 24.23 ? 149 ARG A CZ  1 
ATOM   1222 N NH1 . ARG A 1 149 ? -5.071  -14.068 17.071  1.00 21.27 ? 149 ARG A NH1 1 
ATOM   1223 N NH2 . ARG A 1 149 ? -7.024  -12.991 16.538  1.00 26.31 ? 149 ARG A NH2 1 
ATOM   1224 N N   . GLU A 1 150 ? -1.866  -11.252 20.939  1.00 27.28 ? 150 GLU A N   1 
ATOM   1225 C CA  . GLU A 1 150 ? -0.682  -11.811 21.574  1.00 30.24 ? 150 GLU A CA  1 
ATOM   1226 C C   . GLU A 1 150 ? -0.053  -10.873 22.596  1.00 34.77 ? 150 GLU A C   1 
ATOM   1227 O O   . GLU A 1 150 ? 0.629   -11.318 23.518  1.00 35.91 ? 150 GLU A O   1 
ATOM   1228 C CB  . GLU A 1 150 ? 0.332   -12.182 20.496  1.00 27.26 ? 150 GLU A CB  1 
ATOM   1229 C CG  . GLU A 1 150 ? -0.145  -13.329 19.615  1.00 24.70 ? 150 GLU A CG  1 
ATOM   1230 C CD  . GLU A 1 150 ? 0.404   -13.261 18.210  1.00 24.02 ? 150 GLU A CD  1 
ATOM   1231 O OE1 . GLU A 1 150 ? 1.417   -12.561 18.003  1.00 26.22 ? 150 GLU A OE1 1 
ATOM   1232 O OE2 . GLU A 1 150 ? -0.175  -13.920 17.316  1.00 21.94 ? 150 GLU A OE2 1 
ATOM   1233 N N   . GLY A 1 151 ? -0.287  -9.576  22.432  1.00 38.33 ? 151 GLY A N   1 
ATOM   1234 C CA  . GLY A 1 151 ? 0.267   -8.612  23.362  1.00 43.88 ? 151 GLY A CA  1 
ATOM   1235 C C   . GLY A 1 151 ? -0.499  -8.575  24.671  1.00 47.27 ? 151 GLY A C   1 
ATOM   1236 O O   . GLY A 1 151 ? 0.066   -8.278  25.725  1.00 48.77 ? 151 GLY A O   1 
ATOM   1237 N N   . GLN A 1 152 ? -1.791  -8.882  24.606  1.00 50.17 ? 152 GLN A N   1 
ATOM   1238 C CA  . GLN A 1 152 ? -2.638  -8.877  25.791  1.00 52.72 ? 152 GLN A CA  1 
ATOM   1239 C C   . GLN A 1 152 ? -2.795  -10.278 26.372  1.00 53.61 ? 152 GLN A C   1 
ATOM   1240 O O   . GLN A 1 152 ? -3.680  -10.524 27.191  1.00 54.48 ? 152 GLN A O   1 
ATOM   1241 C CB  . GLN A 1 152 ? -4.015  -8.308  25.449  1.00 54.36 ? 152 GLN A CB  1 
ATOM   1242 C CG  . GLN A 1 152 ? -3.976  -6.917  24.844  1.00 56.79 ? 152 GLN A CG  1 
ATOM   1243 C CD  . GLN A 1 152 ? -5.359  -6.323  24.663  1.00 58.27 ? 152 GLN A CD  1 
ATOM   1244 O OE1 . GLN A 1 152 ? -6.219  -6.910  24.006  1.00 59.10 ? 152 GLN A OE1 1 
ATOM   1245 N NE2 . GLN A 1 152 ? -5.582  -5.150  25.247  1.00 59.00 ? 152 GLN A NE2 1 
HETATM 1246 C C1  . DQH B 2 .   ? -5.834  -7.213  -14.635 1.00 22.42 ? 380 DQH A C1  1 
HETATM 1247 C C2  . DQH B 2 .   ? -4.708  -7.985  -14.212 1.00 23.07 ? 380 DQH A C2  1 
HETATM 1248 C C3  . DQH B 2 .   ? -3.443  -7.335  -13.823 1.00 21.09 ? 380 DQH A C3  1 
HETATM 1249 C C4  . DQH B 2 .   ? -3.406  -5.847  -13.888 1.00 20.25 ? 380 DQH A C4  1 
HETATM 1250 C C5  . DQH B 2 .   ? -4.525  -5.096  -14.305 1.00 21.45 ? 380 DQH A C5  1 
HETATM 1251 C C6  . DQH B 2 .   ? -5.716  -5.770  -14.673 1.00 22.26 ? 380 DQH A C6  1 
HETATM 1252 C C9  . DQH B 2 .   ? -2.225  -8.049  -13.380 1.00 21.22 ? 380 DQH A C9  1 
HETATM 1253 C C10 . DQH B 2 .   ? -0.989  -7.196  -13.054 1.00 21.28 ? 380 DQH A C10 1 
HETATM 1254 C C11 . DQH B 2 .   ? -1.350  -5.792  -12.557 1.00 21.74 ? 380 DQH A C11 1 
HETATM 1255 C C14 . DQH B 2 .   ? -0.204  -4.852  -12.246 1.00 21.44 ? 380 DQH A C14 1 
HETATM 1256 C C15 . DQH B 2 .   ? 0.836   -4.650  -13.224 1.00 21.73 ? 380 DQH A C15 1 
HETATM 1257 C C16 . DQH B 2 .   ? 1.944   -3.778  -12.986 1.00 23.46 ? 380 DQH A C16 1 
HETATM 1258 C C17 . DQH B 2 .   ? 2.021   -3.093  -11.750 1.00 23.07 ? 380 DQH A C17 1 
HETATM 1259 C C18 . DQH B 2 .   ? 0.988   -3.276  -10.748 1.00 24.64 ? 380 DQH A C18 1 
HETATM 1260 C C19 . DQH B 2 .   ? -0.112  -4.147  -10.996 1.00 22.62 ? 380 DQH A C19 1 
HETATM 1261 O O12 . DQH B 2 .   ? -2.254  -5.134  -13.536 1.00 21.10 ? 380 DQH A O12 1 
HETATM 1262 O O13 . DQH B 2 .   ? -2.166  -9.303  -13.289 1.00 23.33 ? 380 DQH A O13 1 
HETATM 1263 O O23 . DQH B 2 .   ? 1.064   -2.605  -9.543  1.00 27.21 ? 380 DQH A O23 1 
HETATM 1264 O O24 . DQH B 2 .   ? 3.058   -2.248  -11.460 1.00 25.25 ? 380 DQH A O24 1 
HETATM 1265 O O27 . DQH B 2 .   ? -0.148  -7.859  -12.126 1.00 22.14 ? 380 DQH A O27 1 
HETATM 1266 O O29 . DQH B 2 .   ? -6.793  -5.057  -15.078 1.00 21.45 ? 380 DQH A O29 1 
HETATM 1267 O O30 . DQH B 2 .   ? -4.825  -9.332  -14.182 1.00 25.22 ? 380 DQH A O30 1 
HETATM 1268 O O   . HOH C 3 .   ? -4.857  0.914   -2.246  1.00 20.15 ? 170 HOH A O   1 
HETATM 1269 O O   . HOH C 3 .   ? -7.482  2.067   -2.514  1.00 16.89 ? 171 HOH A O   1 
HETATM 1270 O O   . HOH C 3 .   ? -10.838 -8.632  -2.789  1.00 21.10 ? 172 HOH A O   1 
HETATM 1271 O O   . HOH C 3 .   ? 4.133   8.302   -10.288 1.00 22.26 ? 173 HOH A O   1 
HETATM 1272 O O   . HOH C 3 .   ? 12.581  -8.077  0.856   1.00 19.91 ? 174 HOH A O   1 
HETATM 1273 O O   . HOH C 3 .   ? 0.332   -9.214  -16.357 1.00 22.74 ? 175 HOH A O   1 
HETATM 1274 O O   . HOH C 3 .   ? -8.607  -6.451  -16.186 1.00 23.25 ? 176 HOH A O   1 
HETATM 1275 O O   . HOH C 3 .   ? -1.762  4.147   19.855  1.00 25.81 ? 177 HOH A O   1 
HETATM 1276 O O   . HOH C 3 .   ? 9.370   -12.651 -7.804  1.00 25.31 ? 178 HOH A O   1 
HETATM 1277 O O   . HOH C 3 .   ? -13.058 4.443   1.577   1.00 27.82 ? 179 HOH A O   1 
HETATM 1278 O O   . HOH C 3 .   ? -8.854  -7.021  18.034  1.00 22.99 ? 180 HOH A O   1 
HETATM 1279 O O   . HOH C 3 .   ? 1.847   -10.382 -8.126  1.00 22.09 ? 181 HOH A O   1 
HETATM 1280 O O   . HOH C 3 .   ? -12.563 2.408   -4.807  1.00 26.98 ? 182 HOH A O   1 
HETATM 1281 O O   . HOH C 3 .   ? 11.364  -1.906  7.481   1.00 28.63 ? 183 HOH A O   1 
HETATM 1282 O O   . HOH C 3 .   ? 4.128   3.024   -1.111  1.00 25.47 ? 184 HOH A O   1 
HETATM 1283 O O   . HOH C 3 .   ? -8.697  6.954   7.939   1.00 21.26 ? 185 HOH A O   1 
HETATM 1284 O O   . HOH C 3 .   ? -10.733 3.190   -18.985 1.00 25.37 ? 186 HOH A O   1 
HETATM 1285 O O   . HOH C 3 .   ? -0.153  -13.199 12.133  1.00 28.84 ? 187 HOH A O   1 
HETATM 1286 O O   . HOH C 3 .   ? -12.556 2.986   -7.508  1.00 25.03 ? 188 HOH A O   1 
HETATM 1287 O O   . HOH C 3 .   ? 6.340   4.364   5.339   1.00 21.92 ? 189 HOH A O   1 
HETATM 1288 O O   . HOH C 3 .   ? -7.710  -11.354 2.111   1.00 23.97 ? 190 HOH A O   1 
HETATM 1289 O O   . HOH C 3 .   ? 8.325   -12.185 -15.311 1.00 25.75 ? 191 HOH A O   1 
HETATM 1290 O O   . HOH C 3 .   ? -13.633 0.068   -12.946 1.00 27.77 ? 192 HOH A O   1 
HETATM 1291 O O   . HOH C 3 .   ? 12.127  -8.126  3.464   1.00 31.26 ? 193 HOH A O   1 
HETATM 1292 O O   . HOH C 3 .   ? 8.530   3.233   6.926   1.00 24.73 ? 194 HOH A O   1 
HETATM 1293 O O   . HOH C 3 .   ? -4.423  -9.023  -2.592  1.00 26.65 ? 195 HOH A O   1 
HETATM 1294 O O   . HOH C 3 .   ? -0.415  -0.100  20.094  1.00 31.61 ? 196 HOH A O   1 
HETATM 1295 O O   . HOH C 3 .   ? -10.996 -2.285  2.214   1.00 32.57 ? 197 HOH A O   1 
HETATM 1296 O O   . HOH C 3 .   ? -14.111 1.343   6.740   1.00 30.49 ? 198 HOH A O   1 
HETATM 1297 O O   . HOH C 3 .   ? -10.196 -9.426  8.036   1.00 35.06 ? 199 HOH A O   1 
HETATM 1298 O O   . HOH C 3 .   ? -11.065 5.186   -11.567 1.00 35.75 ? 200 HOH A O   1 
HETATM 1299 O O   . HOH C 3 .   ? 12.105  -10.868 0.307   1.00 27.45 ? 201 HOH A O   1 
HETATM 1300 O O   . HOH C 3 .   ? -11.415 -8.890  -0.248  1.00 33.61 ? 202 HOH A O   1 
HETATM 1301 O O   . HOH C 3 .   ? -0.538  11.135  -2.912  1.00 32.46 ? 203 HOH A O   1 
HETATM 1302 O O   . HOH C 3 .   ? -6.966  9.720   14.918  1.00 30.02 ? 204 HOH A O   1 
HETATM 1303 O O   . HOH C 3 .   ? -14.232 1.013   1.687   1.00 29.04 ? 205 HOH A O   1 
HETATM 1304 O O   . HOH C 3 .   ? 2.637   -15.810 -7.418  1.00 29.19 ? 206 HOH A O   1 
HETATM 1305 O O   . HOH C 3 .   ? -4.634  0.351   -22.373 1.00 30.03 ? 207 HOH A O   1 
HETATM 1306 O O   . HOH C 3 .   ? 9.066   5.764   -15.161 1.00 29.64 ? 208 HOH A O   1 
HETATM 1307 O O   . HOH C 3 .   ? 3.945   -1.160  17.770  1.00 32.57 ? 209 HOH A O   1 
HETATM 1308 O O   . HOH C 3 .   ? -2.443  2.171   -1.640  1.00 28.69 ? 210 HOH A O   1 
HETATM 1309 O O   . HOH C 3 .   ? -13.686 0.180   -3.681  1.00 37.13 ? 211 HOH A O   1 
HETATM 1310 O O   . HOH C 3 .   ? -6.717  4.125   -19.844 1.00 28.41 ? 212 HOH A O   1 
HETATM 1311 O O   . HOH C 3 .   ? -12.745 -0.487  -20.614 1.00 33.23 ? 213 HOH A O   1 
HETATM 1312 O O   . HOH C 3 .   ? -5.215  4.332   19.078  1.00 32.73 ? 214 HOH A O   1 
HETATM 1313 O O   . HOH C 3 .   ? -3.826  3.647   6.621   1.00 22.69 ? 215 HOH A O   1 
HETATM 1314 O O   . HOH C 3 .   ? -7.204  -8.902  18.477  1.00 28.18 ? 216 HOH A O   1 
HETATM 1315 O O   . HOH C 3 .   ? -0.017  10.518  15.657  1.00 29.41 ? 217 HOH A O   1 
HETATM 1316 O O   . HOH C 3 .   ? -13.009 -4.732  -8.283  1.00 30.43 ? 218 HOH A O   1 
HETATM 1317 O O   . HOH C 3 .   ? -13.074 6.161   5.407   1.00 36.72 ? 219 HOH A O   1 
HETATM 1318 O O   . HOH C 3 .   ? -3.365  -2.865  -4.745  1.00 36.47 ? 220 HOH A O   1 
HETATM 1319 O O   . HOH C 3 .   ? 6.579   4.590   15.394  1.00 36.46 ? 221 HOH A O   1 
HETATM 1320 O O   . HOH C 3 .   ? -6.192  8.308   2.376   1.00 27.31 ? 222 HOH A O   1 
HETATM 1321 O O   . HOH C 3 .   ? 11.078  -9.643  6.188   1.00 36.88 ? 223 HOH A O   1 
HETATM 1322 O O   . HOH C 3 .   ? -9.249  10.194  5.431   1.00 33.02 ? 224 HOH A O   1 
HETATM 1323 O O   . HOH C 3 .   ? 5.307   -2.159  -12.977 1.00 31.21 ? 225 HOH A O   1 
HETATM 1324 O O   . HOH C 3 .   ? -4.893  6.297   -19.778 1.00 32.02 ? 226 HOH A O   1 
HETATM 1325 O O   . HOH C 3 .   ? -14.245 -2.348  8.467   1.00 32.79 ? 227 HOH A O   1 
HETATM 1326 O O   . HOH C 3 .   ? -9.916  1.918   -22.997 1.00 39.25 ? 228 HOH A O   1 
HETATM 1327 O O   . HOH C 3 .   ? -1.885  8.469   -20.112 1.00 37.20 ? 229 HOH A O   1 
HETATM 1328 O O   . HOH C 3 .   ? 7.408   0.506   11.185  1.00 31.20 ? 230 HOH A O   1 
HETATM 1329 O O   . HOH C 3 .   ? 14.304  -5.180  3.041   1.00 34.42 ? 231 HOH A O   1 
HETATM 1330 O O   . HOH C 3 .   ? -8.591  3.837   18.855  1.00 37.10 ? 232 HOH A O   1 
HETATM 1331 O O   . HOH C 3 .   ? -0.561  -3.552  -7.691  1.00 30.02 ? 233 HOH A O   1 
HETATM 1332 O O   . HOH C 3 .   ? -2.464  -10.941 -10.647 1.00 34.34 ? 234 HOH A O   1 
HETATM 1333 O O   . HOH C 3 .   ? 9.318   2.145   -15.668 1.00 37.28 ? 235 HOH A O   1 
HETATM 1334 O O   . HOH C 3 .   ? -5.663  -12.816 -15.933 1.00 34.07 ? 236 HOH A O   1 
HETATM 1335 O O   . HOH C 3 .   ? 4.579   3.685   -3.892  1.00 36.59 ? 237 HOH A O   1 
HETATM 1336 O O   . HOH C 3 .   ? 14.828  -11.762 -7.064  1.00 36.45 ? 238 HOH A O   1 
HETATM 1337 O O   . HOH C 3 .   ? -0.689  0.935   -3.578  1.00 38.09 ? 239 HOH A O   1 
HETATM 1338 O O   . HOH C 3 .   ? -11.407 -7.916  16.805  1.00 32.87 ? 240 HOH A O   1 
HETATM 1339 O O   . HOH C 3 .   ? -5.419  7.043   18.695  1.00 36.34 ? 241 HOH A O   1 
HETATM 1340 O O   . HOH C 3 .   ? -6.974  -12.087 13.547  1.00 34.80 ? 242 HOH A O   1 
HETATM 1341 O O   . HOH C 3 .   ? -13.113 -8.713  -6.710  1.00 36.75 ? 243 HOH A O   1 
HETATM 1342 O O   . HOH C 3 .   ? 4.399   1.355   -4.791  1.00 38.58 ? 244 HOH A O   1 
HETATM 1343 O O   . HOH C 3 .   ? -6.380  10.768  12.346  1.00 43.65 ? 245 HOH A O   1 
HETATM 1344 O O   . HOH C 3 .   ? -13.752 -2.048  -8.664  1.00 38.42 ? 246 HOH A O   1 
HETATM 1345 O O   . HOH C 3 .   ? 15.201  -2.564  3.350   1.00 40.47 ? 247 HOH A O   1 
HETATM 1346 O O   . HOH C 3 .   ? 1.274   -13.321 9.948   1.00 22.45 ? 248 HOH A O   1 
HETATM 1347 O O   . HOH C 3 .   ? 4.172   11.214  -3.023  1.00 33.67 ? 249 HOH A O   1 
HETATM 1348 O O   . HOH C 3 .   ? -4.325  2.717   -21.429 1.00 28.88 ? 250 HOH A O   1 
HETATM 1349 O O   . HOH C 3 .   ? -10.263 -11.053 -3.683  1.00 40.97 ? 251 HOH A O   1 
HETATM 1350 O O   . HOH C 3 .   ? 8.429   -14.866 -6.144  1.00 33.29 ? 252 HOH A O   1 
HETATM 1351 O O   . HOH C 3 .   ? 9.182   -15.717 -12.591 1.00 39.32 ? 253 HOH A O   1 
HETATM 1352 O O   . HOH C 3 .   ? -7.707  -12.324 4.666   1.00 36.39 ? 254 HOH A O   1 
HETATM 1353 O O   . HOH C 3 .   ? 1.112   -6.034  -7.747  1.00 30.90 ? 255 HOH A O   1 
HETATM 1354 O O   . HOH C 3 .   ? 2.343   -0.876  19.905  1.00 37.84 ? 256 HOH A O   1 
HETATM 1355 O O   . HOH C 3 .   ? 4.666   18.701  10.873  1.00 41.73 ? 257 HOH A O   1 
HETATM 1356 O O   . HOH C 3 .   ? -7.958  10.220  1.997   1.00 39.58 ? 258 HOH A O   1 
HETATM 1357 O O   . HOH C 3 .   ? 0.787   -7.945  -9.411  1.00 35.70 ? 259 HOH A O   1 
HETATM 1358 O O   . HOH C 3 .   ? -13.571 -6.694  12.942  1.00 38.11 ? 260 HOH A O   1 
HETATM 1359 O O   . HOH C 3 .   ? 10.646  0.607   7.249   1.00 32.89 ? 261 HOH A O   1 
HETATM 1360 O O   . HOH C 3 .   ? 9.276   -13.504 -0.831  1.00 33.25 ? 262 HOH A O   1 
HETATM 1361 O O   . HOH C 3 .   ? -2.967  -2.491  -1.808  1.00 35.13 ? 263 HOH A O   1 
HETATM 1362 O O   . HOH C 3 .   ? -8.283  -8.551  -11.969 1.00 36.46 ? 264 HOH A O   1 
HETATM 1363 O O   . HOH C 3 .   ? 11.307  -13.566 -9.556  1.00 34.57 ? 265 HOH A O   1 
HETATM 1364 O O   . HOH C 3 .   ? -1.764  -8.616  -9.563  1.00 32.23 ? 266 HOH A O   1 
HETATM 1365 O O   . HOH C 3 .   ? -12.947 -7.631  -4.101  1.00 38.25 ? 267 HOH A O   1 
HETATM 1366 O O   . HOH C 3 .   ? -13.818 2.881   -13.524 1.00 43.42 ? 268 HOH A O   1 
HETATM 1367 O O   . HOH C 3 .   ? -1.023  2.205   21.667  1.00 31.32 ? 269 HOH A O   1 
HETATM 1368 O O   . HOH C 3 .   ? 3.273   0.784   -2.511  1.00 36.55 ? 270 HOH A O   1 
HETATM 1369 O O   . HOH C 3 .   ? -6.111  11.359  -1.170  1.00 43.26 ? 271 HOH A O   1 
HETATM 1370 O O   . HOH C 3 .   ? -13.792 4.801   -10.819 1.00 45.50 ? 272 HOH A O   1 
HETATM 1371 O O   . HOH C 3 .   ? -1.374  -13.906 6.129   1.00 33.31 ? 273 HOH A O   1 
HETATM 1372 O O   . HOH C 3 .   ? -14.031 -6.542  -19.700 1.00 36.56 ? 274 HOH A O   1 
HETATM 1373 O O   . HOH C 3 .   ? 0.354   18.102  8.499   1.00 38.21 ? 275 HOH A O   1 
HETATM 1374 O O   . HOH C 3 .   ? 10.391  -13.115 -14.104 1.00 41.94 ? 276 HOH A O   1 
HETATM 1375 O O   . HOH C 3 .   ? 8.711   -4.627  -14.230 1.00 31.48 ? 277 HOH A O   1 
HETATM 1376 O O   . HOH C 3 .   ? 9.203   14.155  -0.186  1.00 43.63 ? 278 HOH A O   1 
HETATM 1377 O O   . HOH C 3 .   ? -2.191  -9.025  -4.396  1.00 39.86 ? 279 HOH A O   1 
HETATM 1378 O O   . HOH C 3 .   ? -10.635 -5.455  -14.163 1.00 45.46 ? 280 HOH A O   1 
HETATM 1379 O O   . HOH C 3 .   ? -14.813 -5.959  -9.667  1.00 40.27 ? 281 HOH A O   1 
HETATM 1380 O O   . HOH C 3 .   ? 6.194   12.710  12.354  1.00 38.98 ? 282 HOH A O   1 
HETATM 1381 O O   . HOH C 3 .   ? -10.257 -11.236 1.266   1.00 43.61 ? 283 HOH A O   1 
HETATM 1382 O O   . HOH C 3 .   ? 12.821  5.043   6.929   1.00 45.89 ? 284 HOH A O   1 
HETATM 1383 O O   . HOH C 3 .   ? 7.068   -16.164 -2.407  1.00 48.05 ? 285 HOH A O   1 
HETATM 1384 O O   . HOH C 3 .   ? 7.026   13.495  7.590   1.00 43.41 ? 286 HOH A O   1 
HETATM 1385 O O   . HOH C 3 .   ? -15.505 -0.688  4.211   1.00 43.01 ? 287 HOH A O   1 
HETATM 1386 O O   . HOH C 3 .   ? 15.780  -7.522  -8.893  1.00 38.76 ? 288 HOH A O   1 
HETATM 1387 O O   . HOH C 3 .   ? 6.974   9.818   10.359  1.00 41.48 ? 289 HOH A O   1 
HETATM 1388 O O   . HOH C 3 .   ? 7.136   -2.289  -14.826 1.00 41.22 ? 290 HOH A O   1 
HETATM 1389 O O   . HOH C 3 .   ? 2.584   19.448  8.821   1.00 37.05 ? 291 HOH A O   1 
HETATM 1390 O O   . HOH C 3 .   ? -9.559  11.065  0.170   1.00 33.92 ? 292 HOH A O   1 
HETATM 1391 O O   . HOH C 3 .   ? -10.922 -0.182  -24.711 1.00 37.40 ? 293 HOH A O   1 
HETATM 1392 O O   . HOH C 3 .   ? -6.811  0.278   -23.877 1.00 27.49 ? 294 HOH A O   1 
HETATM 1393 O O   . HOH C 3 .   ? 8.485   0.357   14.076  1.00 45.25 ? 295 HOH A O   1 
HETATM 1394 O O   . HOH C 3 .   ? 4.910   13.290  -1.313  1.00 42.01 ? 296 HOH A O   1 
HETATM 1395 O O   . HOH C 3 .   ? 13.503  -1.198  -10.090 1.00 34.55 ? 297 HOH A O   1 
HETATM 1396 O O   . HOH C 3 .   ? -2.277  -5.485  -7.791  1.00 24.74 ? 298 HOH A O   1 
HETATM 1397 O O   . HOH C 3 .   ? 9.305   -0.145  -13.953 1.00 51.24 ? 299 HOH A O   1 
HETATM 1398 O O   . HOH C 3 .   ? 3.722   12.845  3.770   1.00 36.83 ? 300 HOH A O   1 
HETATM 1399 O O   . HOH C 3 .   ? 5.904   14.820  5.288   1.00 41.94 ? 301 HOH A O   1 
HETATM 1400 O O   . HOH C 3 .   ? 4.634   14.329  1.384   1.00 36.49 ? 302 HOH A O   1 
HETATM 1401 O O   . HOH C 3 .   ? 7.017   15.609  1.081   1.00 42.20 ? 303 HOH A O   1 
HETATM 1402 O O   . HOH C 3 .   ? 6.018   17.388  -1.120  1.00 38.93 ? 304 HOH A O   1 
HETATM 1403 O O   . HOH C 3 .   ? 2.345   16.239  1.729   1.00 37.91 ? 305 HOH A O   1 
HETATM 1404 O O   . HOH C 3 .   ? 2.364   15.898  6.364   1.00 38.85 ? 306 HOH A O   1 
HETATM 1405 O O   . HOH C 3 .   ? -0.382  13.611  3.575   1.00 40.86 ? 307 HOH A O   1 
HETATM 1406 O O   . HOH C 3 .   ? -3.096  9.474   -3.829  1.00 33.65 ? 308 HOH A O   1 
HETATM 1407 O O   . HOH C 3 .   ? 3.356   10.874  -9.446  1.00 30.08 ? 309 HOH A O   1 
HETATM 1408 O O   . HOH C 3 .   ? 5.045   10.005  -12.424 1.00 29.89 ? 310 HOH A O   1 
HETATM 1409 O O   . HOH C 3 .   ? 8.283   5.461   -17.614 1.00 39.52 ? 311 HOH A O   1 
HETATM 1410 O O   . HOH C 3 .   ? -13.095 -5.040  -5.216  1.00 38.69 ? 312 HOH A O   1 
HETATM 1411 O O   . HOH C 3 .   ? -14.667 -2.242  -4.640  1.00 40.83 ? 313 HOH A O   1 
HETATM 1412 O O   . HOH C 3 .   ? -16.328 -5.784  -5.998  1.00 41.14 ? 314 HOH A O   1 
HETATM 1413 O O   . HOH C 3 .   ? -11.277 -4.986  2.664   1.00 35.93 ? 315 HOH A O   1 
HETATM 1414 O O   . HOH C 3 .   ? -0.247  -1.277  -1.809  1.00 39.23 ? 316 HOH A O   1 
HETATM 1415 O O   . HOH C 3 .   ? -5.644  -10.628 -4.445  1.00 36.42 ? 317 HOH A O   1 
HETATM 1416 O O   . HOH C 3 .   ? -3.007  12.388  -8.018  1.00 42.02 ? 318 HOH A O   1 
HETATM 1417 O O   . HOH C 3 .   ? 2.109   4.842   -5.098  1.00 33.86 ? 319 HOH A O   1 
HETATM 1418 O O   . HOH C 3 .   ? 11.833  -12.709 -5.890  1.00 36.28 ? 320 HOH A O   1 
HETATM 1419 O O   . HOH C 3 .   ? 0.222   -11.991 -6.633  1.00 41.04 ? 321 HOH A O   1 
HETATM 1420 O O   . HOH C 3 .   ? -0.477  -14.174 -8.583  1.00 40.05 ? 322 HOH A O   1 
HETATM 1421 O O   . HOH C 3 .   ? 1.495   -16.760 -11.449 1.00 34.95 ? 323 HOH A O   1 
# 
loop_
_pdbx_poly_seq_scheme.asym_id 
_pdbx_poly_seq_scheme.entity_id 
_pdbx_poly_seq_scheme.seq_id 
_pdbx_poly_seq_scheme.mon_id 
_pdbx_poly_seq_scheme.ndb_seq_num 
_pdbx_poly_seq_scheme.pdb_seq_num 
_pdbx_poly_seq_scheme.auth_seq_num 
_pdbx_poly_seq_scheme.pdb_mon_id 
_pdbx_poly_seq_scheme.auth_mon_id 
_pdbx_poly_seq_scheme.pdb_strand_id 
_pdbx_poly_seq_scheme.pdb_ins_code 
_pdbx_poly_seq_scheme.hetero 
A 1 1   MET 1   1   1   MET MET A . n 
A 1 2   ALA 2   2   2   ALA ALA A . n 
A 1 3   ALA 3   3   3   ALA ALA A . n 
A 1 4   ARG 4   4   4   ARG ARG A . n 
A 1 5   THR 5   5   5   THR THR A . n 
A 1 6   ASP 6   6   6   ASP ASP A . n 
A 1 7   ASN 7   7   7   ASN ASN A . n 
A 1 8   SER 8   8   8   SER SER A . n 
A 1 9   ILE 9   9   9   ILE ILE A . n 
A 1 10  VAL 10  10  10  VAL VAL A . n 
A 1 11  VAL 11  11  11  VAL VAL A . n 
A 1 12  ASN 12  12  12  ASN ASN A . n 
A 1 13  ALA 13  13  13  ALA ALA A . n 
A 1 14  PRO 14  14  14  PRO PRO A . n 
A 1 15  PHE 15  15  15  PHE PHE A . n 
A 1 16  GLU 16  16  16  GLU GLU A . n 
A 1 17  LEU 17  17  17  LEU LEU A . n 
A 1 18  VAL 18  18  18  VAL VAL A . n 
A 1 19  TRP 19  19  19  TRP TRP A . n 
A 1 20  ASP 20  20  20  ASP ASP A . n 
A 1 21  VAL 21  21  21  VAL VAL A . n 
A 1 22  THR 22  22  22  THR THR A . n 
A 1 23  ASN 23  23  23  ASN ASN A . n 
A 1 24  ASP 24  24  24  ASP ASP A . n 
A 1 25  ILE 25  25  25  ILE ILE A . n 
A 1 26  GLU 26  26  26  GLU GLU A . n 
A 1 27  ALA 27  27  27  ALA ALA A . n 
A 1 28  TRP 28  28  28  TRP TRP A . n 
A 1 29  PRO 29  29  29  PRO PRO A . n 
A 1 30  GLU 30  30  30  GLU GLU A . n 
A 1 31  LEU 31  31  31  LEU LEU A . n 
A 1 32  PHE 32  32  32  PHE PHE A . n 
A 1 33  SER 33  33  33  SER SER A . n 
A 1 34  GLU 34  34  34  GLU GLU A . n 
A 1 35  TYR 35  35  35  TYR TYR A . n 
A 1 36  ALA 36  36  36  ALA ALA A . n 
A 1 37  GLU 37  37  37  GLU GLU A . n 
A 1 38  ALA 38  38  38  ALA ALA A . n 
A 1 39  GLU 39  39  39  GLU GLU A . n 
A 1 40  ILE 40  40  40  ILE ILE A . n 
A 1 41  LEU 41  41  41  LEU LEU A . n 
A 1 42  ARG 42  42  42  ARG ARG A . n 
A 1 43  GLN 43  43  43  GLN GLN A . n 
A 1 44  ASP 44  44  44  ASP ASP A . n 
A 1 45  GLY 45  45  45  GLY GLY A . n 
A 1 46  ASP 46  46  46  ASP ASP A . n 
A 1 47  GLY 47  47  47  GLY GLY A . n 
A 1 48  PHE 48  48  48  PHE PHE A . n 
A 1 49  ASP 49  49  49  ASP ASP A . n 
A 1 50  PHE 50  50  50  PHE PHE A . n 
A 1 51  ARG 51  51  51  ARG ARG A . n 
A 1 52  LEU 52  52  52  LEU LEU A . n 
A 1 53  LYS 53  53  53  LYS LYS A . n 
A 1 54  THR 54  54  54  THR THR A . n 
A 1 55  ARG 55  55  55  ARG ARG A . n 
A 1 56  PRO 56  56  56  PRO PRO A . n 
A 1 57  ASP 57  57  57  ASP ASP A . n 
A 1 58  ALA 58  58  58  ALA ALA A . n 
A 1 59  ASN 59  59  59  ASN ASN A . n 
A 1 60  GLY 60  60  60  GLY GLY A . n 
A 1 61  ARG 61  61  61  ARG ARG A . n 
A 1 62  VAL 62  62  62  VAL VAL A . n 
A 1 63  TRP 63  63  63  TRP TRP A . n 
A 1 64  GLU 64  64  64  GLU GLU A . n 
A 1 65  TRP 65  65  65  TRP TRP A . n 
A 1 66  VAL 66  66  66  VAL VAL A . n 
A 1 67  SER 67  67  67  SER SER A . n 
A 1 68  HIS 68  68  68  HIS HIS A . n 
A 1 69  ARG 69  69  69  ARG ARG A . n 
A 1 70  VAL 70  70  70  VAL VAL A . n 
A 1 71  PRO 71  71  71  PRO PRO A . n 
A 1 72  ASP 72  72  72  ASP ASP A . n 
A 1 73  LYS 73  73  73  LYS LYS A . n 
A 1 74  GLY 74  74  74  GLY GLY A . n 
A 1 75  SER 75  75  75  SER SER A . n 
A 1 76  ARG 76  76  76  ARG ARG A . n 
A 1 77  THR 77  77  77  THR THR A . n 
A 1 78  VAL 78  78  78  VAL VAL A . n 
A 1 79  ARG 79  79  79  ARG ARG A . n 
A 1 80  ALA 80  80  80  ALA ALA A . n 
A 1 81  HIS 81  81  81  HIS HIS A . n 
A 1 82  ARG 82  82  82  ARG ARG A . n 
A 1 83  VAL 83  83  83  VAL VAL A . n 
A 1 84  GLU 84  84  84  GLU GLU A . n 
A 1 85  THR 85  85  85  THR THR A . n 
A 1 86  GLY 86  86  86  GLY GLY A . n 
A 1 87  PRO 87  87  87  PRO PRO A . n 
A 1 88  PHE 88  88  88  PHE PHE A . n 
A 1 89  ALA 89  89  89  ALA ALA A . n 
A 1 90  TYR 90  90  90  TYR TYR A . n 
A 1 91  MET 91  91  91  MET MET A . n 
A 1 92  ASN 92  92  92  ASN ASN A . n 
A 1 93  LEU 93  93  93  LEU LEU A . n 
A 1 94  HIS 94  94  94  HIS HIS A . n 
A 1 95  TRP 95  95  95  TRP TRP A . n 
A 1 96  THR 96  96  96  THR THR A . n 
A 1 97  TYR 97  97  97  TYR TYR A . n 
A 1 98  ARG 98  98  98  ARG ARG A . n 
A 1 99  ALA 99  99  99  ALA ALA A . n 
A 1 100 VAL 100 100 100 VAL VAL A . n 
A 1 101 ALA 101 101 101 ALA ALA A . n 
A 1 102 GLY 102 102 102 GLY GLY A . n 
A 1 103 GLY 103 103 103 GLY GLY A . n 
A 1 104 THR 104 104 104 THR THR A . n 
A 1 105 GLU 105 105 105 GLU GLU A . n 
A 1 106 MET 106 106 106 MET MET A . n 
A 1 107 ARG 107 107 107 ARG ARG A . n 
A 1 108 TRP 108 108 108 TRP TRP A . n 
A 1 109 VAL 109 109 109 VAL VAL A . n 
A 1 110 GLN 110 110 110 GLN GLN A . n 
A 1 111 GLU 111 111 111 GLU GLU A . n 
A 1 112 PHE 112 112 112 PHE PHE A . n 
A 1 113 ASP 113 113 113 ASP ASP A . n 
A 1 114 MET 114 114 114 MET MET A . n 
A 1 115 LYS 115 115 115 LYS LYS A . n 
A 1 116 PRO 116 116 116 PRO PRO A . n 
A 1 117 GLY 117 117 117 GLY GLY A . n 
A 1 118 ALA 118 118 118 ALA ALA A . n 
A 1 119 PRO 119 119 119 PRO PRO A . n 
A 1 120 PHE 120 120 120 PHE PHE A . n 
A 1 121 ASP 121 121 121 ASP ASP A . n 
A 1 122 ASN 122 122 122 ASN ASN A . n 
A 1 123 ALA 123 123 123 ALA ALA A . n 
A 1 124 HIS 124 124 124 HIS HIS A . n 
A 1 125 MET 125 125 125 MET MET A . n 
A 1 126 THR 126 126 126 THR THR A . n 
A 1 127 ALA 127 127 127 ALA ALA A . n 
A 1 128 HIS 128 128 128 HIS HIS A . n 
A 1 129 LEU 129 129 129 LEU LEU A . n 
A 1 130 ASN 130 130 130 ASN ASN A . n 
A 1 131 THR 131 131 131 THR THR A . n 
A 1 132 THR 132 132 132 THR THR A . n 
A 1 133 THR 133 133 133 THR THR A . n 
A 1 134 ARG 134 134 134 ARG ARG A . n 
A 1 135 ALA 135 135 135 ALA ALA A . n 
A 1 136 ASN 136 136 136 ASN ASN A . n 
A 1 137 MET 137 137 137 MET MET A . n 
A 1 138 GLU 138 138 138 GLU GLU A . n 
A 1 139 ARG 139 139 139 ARG ARG A . n 
A 1 140 ILE 140 140 140 ILE ILE A . n 
A 1 141 LYS 141 141 141 LYS LYS A . n 
A 1 142 LYS 142 142 142 LYS LYS A . n 
A 1 143 ILE 143 143 143 ILE ILE A . n 
A 1 144 ILE 144 144 144 ILE ILE A . n 
A 1 145 GLU 145 145 145 GLU GLU A . n 
A 1 146 ASP 146 146 146 ASP ASP A . n 
A 1 147 ARG 147 147 147 ARG ARG A . n 
A 1 148 HIS 148 148 148 HIS HIS A . n 
A 1 149 ARG 149 149 149 ARG ARG A . n 
A 1 150 GLU 150 150 150 GLU GLU A . n 
A 1 151 GLY 151 151 151 GLY GLY A . n 
A 1 152 GLN 152 152 152 GLN GLN A . n 
A 1 153 ARG 153 153 ?   ?   ?   A . n 
A 1 154 THR 154 154 ?   ?   ?   A . n 
A 1 155 PRO 155 155 ?   ?   ?   A . n 
A 1 156 ALA 156 156 ?   ?   ?   A . n 
A 1 157 SER 157 157 ?   ?   ?   A . n 
A 1 158 VAL 158 158 ?   ?   ?   A . n 
A 1 159 LEU 159 159 ?   ?   ?   A . n 
A 1 160 PRO 160 160 ?   ?   ?   A . n 
A 1 161 THR 161 161 ?   ?   ?   A . n 
A 1 162 GLU 162 162 ?   ?   ?   A . n 
A 1 163 LEU 163 163 ?   ?   ?   A . n 
A 1 164 HIS 164 164 ?   ?   ?   A . n 
A 1 165 ALA 165 165 ?   ?   ?   A . n 
A 1 166 GLN 166 166 ?   ?   ?   A . n 
A 1 167 GLN 167 167 ?   ?   ?   A . n 
A 1 168 LEU 168 168 ?   ?   ?   A . n 
A 1 169 LEU 169 169 ?   ?   ?   A . n 
# 
loop_
_pdbx_nonpoly_scheme.asym_id 
_pdbx_nonpoly_scheme.entity_id 
_pdbx_nonpoly_scheme.mon_id 
_pdbx_nonpoly_scheme.ndb_seq_num 
_pdbx_nonpoly_scheme.pdb_seq_num 
_pdbx_nonpoly_scheme.auth_seq_num 
_pdbx_nonpoly_scheme.pdb_mon_id 
_pdbx_nonpoly_scheme.auth_mon_id 
_pdbx_nonpoly_scheme.pdb_strand_id 
_pdbx_nonpoly_scheme.pdb_ins_code 
B 2 DQH 1   380 380 DQH DQH A . 
C 3 HOH 1   170 1   HOH HOH A . 
C 3 HOH 2   171 2   HOH HOH A . 
C 3 HOH 3   172 3   HOH HOH A . 
C 3 HOH 4   173 4   HOH HOH A . 
C 3 HOH 5   174 5   HOH HOH A . 
C 3 HOH 6   175 6   HOH HOH A . 
C 3 HOH 7   176 7   HOH HOH A . 
C 3 HOH 8   177 8   HOH HOH A . 
C 3 HOH 9   178 9   HOH HOH A . 
C 3 HOH 10  179 10  HOH HOH A . 
C 3 HOH 11  180 11  HOH HOH A . 
C 3 HOH 12  181 12  HOH HOH A . 
C 3 HOH 13  182 13  HOH HOH A . 
C 3 HOH 14  183 14  HOH HOH A . 
C 3 HOH 15  184 15  HOH HOH A . 
C 3 HOH 16  185 16  HOH HOH A . 
C 3 HOH 17  186 17  HOH HOH A . 
C 3 HOH 18  187 18  HOH HOH A . 
C 3 HOH 19  188 19  HOH HOH A . 
C 3 HOH 20  189 20  HOH HOH A . 
C 3 HOH 21  190 21  HOH HOH A . 
C 3 HOH 22  191 22  HOH HOH A . 
C 3 HOH 23  192 23  HOH HOH A . 
C 3 HOH 24  193 24  HOH HOH A . 
C 3 HOH 25  194 25  HOH HOH A . 
C 3 HOH 26  195 26  HOH HOH A . 
C 3 HOH 27  196 27  HOH HOH A . 
C 3 HOH 28  197 28  HOH HOH A . 
C 3 HOH 29  198 29  HOH HOH A . 
C 3 HOH 30  199 30  HOH HOH A . 
C 3 HOH 31  200 31  HOH HOH A . 
C 3 HOH 32  201 32  HOH HOH A . 
C 3 HOH 33  202 33  HOH HOH A . 
C 3 HOH 34  203 34  HOH HOH A . 
C 3 HOH 35  204 35  HOH HOH A . 
C 3 HOH 36  205 36  HOH HOH A . 
C 3 HOH 37  206 37  HOH HOH A . 
C 3 HOH 38  207 38  HOH HOH A . 
C 3 HOH 39  208 39  HOH HOH A . 
C 3 HOH 40  209 40  HOH HOH A . 
C 3 HOH 41  210 41  HOH HOH A . 
C 3 HOH 42  211 42  HOH HOH A . 
C 3 HOH 43  212 43  HOH HOH A . 
C 3 HOH 44  213 44  HOH HOH A . 
C 3 HOH 45  214 45  HOH HOH A . 
C 3 HOH 46  215 46  HOH HOH A . 
C 3 HOH 47  216 47  HOH HOH A . 
C 3 HOH 48  217 48  HOH HOH A . 
C 3 HOH 49  218 49  HOH HOH A . 
C 3 HOH 50  219 50  HOH HOH A . 
C 3 HOH 51  220 51  HOH HOH A . 
C 3 HOH 52  221 52  HOH HOH A . 
C 3 HOH 53  222 53  HOH HOH A . 
C 3 HOH 54  223 54  HOH HOH A . 
C 3 HOH 55  224 55  HOH HOH A . 
C 3 HOH 56  225 56  HOH HOH A . 
C 3 HOH 57  226 57  HOH HOH A . 
C 3 HOH 58  227 58  HOH HOH A . 
C 3 HOH 59  228 59  HOH HOH A . 
C 3 HOH 60  229 60  HOH HOH A . 
C 3 HOH 61  230 61  HOH HOH A . 
C 3 HOH 62  231 62  HOH HOH A . 
C 3 HOH 63  232 63  HOH HOH A . 
C 3 HOH 64  233 64  HOH HOH A . 
C 3 HOH 65  234 65  HOH HOH A . 
C 3 HOH 66  235 66  HOH HOH A . 
C 3 HOH 67  236 67  HOH HOH A . 
C 3 HOH 68  237 68  HOH HOH A . 
C 3 HOH 69  238 69  HOH HOH A . 
C 3 HOH 70  239 70  HOH HOH A . 
C 3 HOH 71  240 71  HOH HOH A . 
C 3 HOH 72  241 72  HOH HOH A . 
C 3 HOH 73  242 73  HOH HOH A . 
C 3 HOH 74  243 74  HOH HOH A . 
C 3 HOH 75  244 75  HOH HOH A . 
C 3 HOH 76  245 76  HOH HOH A . 
C 3 HOH 77  246 77  HOH HOH A . 
C 3 HOH 78  247 78  HOH HOH A . 
C 3 HOH 79  248 79  HOH HOH A . 
C 3 HOH 80  249 80  HOH HOH A . 
C 3 HOH 81  250 81  HOH HOH A . 
C 3 HOH 82  251 82  HOH HOH A . 
C 3 HOH 83  252 83  HOH HOH A . 
C 3 HOH 84  253 84  HOH HOH A . 
C 3 HOH 85  254 85  HOH HOH A . 
C 3 HOH 86  255 86  HOH HOH A . 
C 3 HOH 87  256 87  HOH HOH A . 
C 3 HOH 88  257 88  HOH HOH A . 
C 3 HOH 89  258 89  HOH HOH A . 
C 3 HOH 90  259 90  HOH HOH A . 
C 3 HOH 91  260 91  HOH HOH A . 
C 3 HOH 92  261 92  HOH HOH A . 
C 3 HOH 93  262 93  HOH HOH A . 
C 3 HOH 94  263 94  HOH HOH A . 
C 3 HOH 95  264 95  HOH HOH A . 
C 3 HOH 96  265 96  HOH HOH A . 
C 3 HOH 97  266 97  HOH HOH A . 
C 3 HOH 98  267 98  HOH HOH A . 
C 3 HOH 99  268 99  HOH HOH A . 
C 3 HOH 100 269 100 HOH HOH A . 
C 3 HOH 101 270 101 HOH HOH A . 
C 3 HOH 102 271 102 HOH HOH A . 
C 3 HOH 103 272 103 HOH HOH A . 
C 3 HOH 104 273 104 HOH HOH A . 
C 3 HOH 105 274 105 HOH HOH A . 
C 3 HOH 106 275 106 HOH HOH A . 
C 3 HOH 107 276 107 HOH HOH A . 
C 3 HOH 108 277 108 HOH HOH A . 
C 3 HOH 109 278 109 HOH HOH A . 
C 3 HOH 110 279 110 HOH HOH A . 
C 3 HOH 111 280 111 HOH HOH A . 
C 3 HOH 112 281 112 HOH HOH A . 
C 3 HOH 113 282 113 HOH HOH A . 
C 3 HOH 114 283 114 HOH HOH A . 
C 3 HOH 115 284 115 HOH HOH A . 
C 3 HOH 116 285 116 HOH HOH A . 
C 3 HOH 117 286 117 HOH HOH A . 
C 3 HOH 118 287 118 HOH HOH A . 
C 3 HOH 119 288 119 HOH HOH A . 
C 3 HOH 120 289 120 HOH HOH A . 
C 3 HOH 121 290 121 HOH HOH A . 
C 3 HOH 122 291 122 HOH HOH A . 
C 3 HOH 123 292 123 HOH HOH A . 
C 3 HOH 124 293 124 HOH HOH A . 
C 3 HOH 125 294 125 HOH HOH A . 
C 3 HOH 126 295 126 HOH HOH A . 
C 3 HOH 127 296 127 HOH HOH A . 
C 3 HOH 128 297 128 HOH HOH A . 
C 3 HOH 129 298 129 HOH HOH A . 
C 3 HOH 130 299 130 HOH HOH A . 
C 3 HOH 131 300 131 HOH HOH A . 
C 3 HOH 132 301 132 HOH HOH A . 
C 3 HOH 133 302 133 HOH HOH A . 
C 3 HOH 134 303 134 HOH HOH A . 
C 3 HOH 135 304 135 HOH HOH A . 
C 3 HOH 136 305 136 HOH HOH A . 
C 3 HOH 137 306 137 HOH HOH A . 
C 3 HOH 138 307 138 HOH HOH A . 
C 3 HOH 139 308 139 HOH HOH A . 
C 3 HOH 140 309 140 HOH HOH A . 
C 3 HOH 141 310 141 HOH HOH A . 
C 3 HOH 142 311 142 HOH HOH A . 
C 3 HOH 143 312 143 HOH HOH A . 
C 3 HOH 144 313 144 HOH HOH A . 
C 3 HOH 145 314 145 HOH HOH A . 
C 3 HOH 146 315 146 HOH HOH A . 
C 3 HOH 147 316 147 HOH HOH A . 
C 3 HOH 148 317 148 HOH HOH A . 
C 3 HOH 149 318 150 HOH HOH A . 
C 3 HOH 150 319 151 HOH HOH A . 
C 3 HOH 151 320 152 HOH HOH A . 
C 3 HOH 152 321 153 HOH HOH A . 
C 3 HOH 153 322 154 HOH HOH A . 
C 3 HOH 154 323 155 HOH HOH A . 
# 
_pdbx_struct_assembly.id                   1 
_pdbx_struct_assembly.details              author_and_software_defined_assembly 
_pdbx_struct_assembly.method_details       PISA 
_pdbx_struct_assembly.oligomeric_details   monomeric 
_pdbx_struct_assembly.oligomeric_count     1 
# 
_pdbx_struct_assembly_gen.assembly_id       1 
_pdbx_struct_assembly_gen.oper_expression   1 
_pdbx_struct_assembly_gen.asym_id_list      A,B,C 
# 
_pdbx_struct_oper_list.id                   1 
_pdbx_struct_oper_list.type                 'identity operation' 
_pdbx_struct_oper_list.name                 1_555 
_pdbx_struct_oper_list.symmetry_operation   x,y,z 
_pdbx_struct_oper_list.matrix[1][1]         1.0000000000 
_pdbx_struct_oper_list.matrix[1][2]         0.0000000000 
_pdbx_struct_oper_list.matrix[1][3]         0.0000000000 
_pdbx_struct_oper_list.vector[1]            0.0000000000 
_pdbx_struct_oper_list.matrix[2][1]         0.0000000000 
_pdbx_struct_oper_list.matrix[2][2]         1.0000000000 
_pdbx_struct_oper_list.matrix[2][3]         0.0000000000 
_pdbx_struct_oper_list.vector[2]            0.0000000000 
_pdbx_struct_oper_list.matrix[3][1]         0.0000000000 
_pdbx_struct_oper_list.matrix[3][2]         0.0000000000 
_pdbx_struct_oper_list.matrix[3][3]         1.0000000000 
_pdbx_struct_oper_list.vector[3]            0.0000000000 
# 
loop_
_pdbx_audit_revision_history.ordinal 
_pdbx_audit_revision_history.data_content_type 
_pdbx_audit_revision_history.major_revision 
_pdbx_audit_revision_history.minor_revision 
_pdbx_audit_revision_history.revision_date 
1 'Structure model' 1 0 2012-04-04 
2 'Structure model' 1 1 2012-04-25 
3 'Structure model' 1 2 2023-09-13 
# 
_pdbx_audit_revision_details.ordinal             1 
_pdbx_audit_revision_details.revision_ordinal    1 
_pdbx_audit_revision_details.data_content_type   'Structure model' 
_pdbx_audit_revision_details.provider            repository 
_pdbx_audit_revision_details.type                'Initial release' 
_pdbx_audit_revision_details.description         ? 
_pdbx_audit_revision_details.details             ? 
# 
loop_
_pdbx_audit_revision_group.ordinal 
_pdbx_audit_revision_group.revision_ordinal 
_pdbx_audit_revision_group.data_content_type 
_pdbx_audit_revision_group.group 
1 2 'Structure model' 'Database references'    
2 3 'Structure model' 'Data collection'        
3 3 'Structure model' 'Database references'    
4 3 'Structure model' 'Derived calculations'   
5 3 'Structure model' 'Refinement description' 
# 
loop_
_pdbx_audit_revision_category.ordinal 
_pdbx_audit_revision_category.revision_ordinal 
_pdbx_audit_revision_category.data_content_type 
_pdbx_audit_revision_category.category 
1 3 'Structure model' chem_comp_atom                
2 3 'Structure model' chem_comp_bond                
3 3 'Structure model' database_2                    
4 3 'Structure model' pdbx_initial_refinement_model 
5 3 'Structure model' struct_site                   
# 
loop_
_pdbx_audit_revision_item.ordinal 
_pdbx_audit_revision_item.revision_ordinal 
_pdbx_audit_revision_item.data_content_type 
_pdbx_audit_revision_item.item 
1 3 'Structure model' '_database_2.pdbx_DOI'                
2 3 'Structure model' '_database_2.pdbx_database_accession' 
3 3 'Structure model' '_struct_site.pdbx_auth_asym_id'      
4 3 'Structure model' '_struct_site.pdbx_auth_comp_id'      
5 3 'Structure model' '_struct_site.pdbx_auth_seq_id'       
# 
loop_
_software.name 
_software.classification 
_software.version 
_software.citation_id 
_software.pdbx_ordinal 
CNS       refinement       . ? 1 
HKL-2000  'data reduction' . ? 2 
SCALEPACK 'data scaling'   . ? 3 
CNS       phasing          . ? 4 
# 
_pdbx_validate_torsion.id              1 
_pdbx_validate_torsion.PDB_model_num   1 
_pdbx_validate_torsion.auth_comp_id    ASP 
_pdbx_validate_torsion.auth_asym_id    A 
_pdbx_validate_torsion.auth_seq_id     44 
_pdbx_validate_torsion.PDB_ins_code    ? 
_pdbx_validate_torsion.label_alt_id    ? 
_pdbx_validate_torsion.phi             -116.33 
_pdbx_validate_torsion.psi             70.14 
# 
loop_
_pdbx_unobs_or_zero_occ_residues.id 
_pdbx_unobs_or_zero_occ_residues.PDB_model_num 
_pdbx_unobs_or_zero_occ_residues.polymer_flag 
_pdbx_unobs_or_zero_occ_residues.occupancy_flag 
_pdbx_unobs_or_zero_occ_residues.auth_asym_id 
_pdbx_unobs_or_zero_occ_residues.auth_comp_id 
_pdbx_unobs_or_zero_occ_residues.auth_seq_id 
_pdbx_unobs_or_zero_occ_residues.PDB_ins_code 
_pdbx_unobs_or_zero_occ_residues.label_asym_id 
_pdbx_unobs_or_zero_occ_residues.label_comp_id 
_pdbx_unobs_or_zero_occ_residues.label_seq_id 
1  1 Y 1 A ARG 153 ? A ARG 153 
2  1 Y 1 A THR 154 ? A THR 154 
3  1 Y 1 A PRO 155 ? A PRO 155 
4  1 Y 1 A ALA 156 ? A ALA 156 
5  1 Y 1 A SER 157 ? A SER 157 
6  1 Y 1 A VAL 158 ? A VAL 158 
7  1 Y 1 A LEU 159 ? A LEU 159 
8  1 Y 1 A PRO 160 ? A PRO 160 
9  1 Y 1 A THR 161 ? A THR 161 
10 1 Y 1 A GLU 162 ? A GLU 162 
11 1 Y 1 A LEU 163 ? A LEU 163 
12 1 Y 1 A HIS 164 ? A HIS 164 
13 1 Y 1 A ALA 165 ? A ALA 165 
14 1 Y 1 A GLN 166 ? A GLN 166 
15 1 Y 1 A GLN 167 ? A GLN 167 
16 1 Y 1 A LEU 168 ? A LEU 168 
17 1 Y 1 A LEU 169 ? A LEU 169 
# 
loop_
_chem_comp_atom.comp_id 
_chem_comp_atom.atom_id 
_chem_comp_atom.type_symbol 
_chem_comp_atom.pdbx_aromatic_flag 
_chem_comp_atom.pdbx_stereo_config 
_chem_comp_atom.pdbx_ordinal 
ALA N    N N N 1   
ALA CA   C N S 2   
ALA C    C N N 3   
ALA O    O N N 4   
ALA CB   C N N 5   
ALA OXT  O N N 6   
ALA H    H N N 7   
ALA H2   H N N 8   
ALA HA   H N N 9   
ALA HB1  H N N 10  
ALA HB2  H N N 11  
ALA HB3  H N N 12  
ALA HXT  H N N 13  
ARG N    N N N 14  
ARG CA   C N S 15  
ARG C    C N N 16  
ARG O    O N N 17  
ARG CB   C N N 18  
ARG CG   C N N 19  
ARG CD   C N N 20  
ARG NE   N N N 21  
ARG CZ   C N N 22  
ARG NH1  N N N 23  
ARG NH2  N N N 24  
ARG OXT  O N N 25  
ARG H    H N N 26  
ARG H2   H N N 27  
ARG HA   H N N 28  
ARG HB2  H N N 29  
ARG HB3  H N N 30  
ARG HG2  H N N 31  
ARG HG3  H N N 32  
ARG HD2  H N N 33  
ARG HD3  H N N 34  
ARG HE   H N N 35  
ARG HH11 H N N 36  
ARG HH12 H N N 37  
ARG HH21 H N N 38  
ARG HH22 H N N 39  
ARG HXT  H N N 40  
ASN N    N N N 41  
ASN CA   C N S 42  
ASN C    C N N 43  
ASN O    O N N 44  
ASN CB   C N N 45  
ASN CG   C N N 46  
ASN OD1  O N N 47  
ASN ND2  N N N 48  
ASN OXT  O N N 49  
ASN H    H N N 50  
ASN H2   H N N 51  
ASN HA   H N N 52  
ASN HB2  H N N 53  
ASN HB3  H N N 54  
ASN HD21 H N N 55  
ASN HD22 H N N 56  
ASN HXT  H N N 57  
ASP N    N N N 58  
ASP CA   C N S 59  
ASP C    C N N 60  
ASP O    O N N 61  
ASP CB   C N N 62  
ASP CG   C N N 63  
ASP OD1  O N N 64  
ASP OD2  O N N 65  
ASP OXT  O N N 66  
ASP H    H N N 67  
ASP H2   H N N 68  
ASP HA   H N N 69  
ASP HB2  H N N 70  
ASP HB3  H N N 71  
ASP HD2  H N N 72  
ASP HXT  H N N 73  
DQH C1   C Y N 74  
DQH C2   C Y N 75  
DQH C3   C Y N 76  
DQH C4   C Y N 77  
DQH C5   C Y N 78  
DQH C6   C Y N 79  
DQH C9   C N N 80  
DQH C10  C N R 81  
DQH C11  C N R 82  
DQH C14  C Y N 83  
DQH C15  C Y N 84  
DQH C16  C Y N 85  
DQH C17  C Y N 86  
DQH C18  C Y N 87  
DQH C19  C Y N 88  
DQH O12  O N N 89  
DQH O13  O N N 90  
DQH O23  O N N 91  
DQH O24  O N N 92  
DQH O27  O N N 93  
DQH O29  O N N 94  
DQH O30  O N N 95  
DQH H1   H N N 96  
DQH H5   H N N 97  
DQH H10  H N N 98  
DQH H11  H N N 99  
DQH H15  H N N 100 
DQH H16  H N N 101 
DQH H19  H N N 102 
DQH H23  H N N 103 
DQH H24  H N N 104 
DQH H27  H N N 105 
DQH H29  H N N 106 
DQH H30  H N N 107 
GLN N    N N N 108 
GLN CA   C N S 109 
GLN C    C N N 110 
GLN O    O N N 111 
GLN CB   C N N 112 
GLN CG   C N N 113 
GLN CD   C N N 114 
GLN OE1  O N N 115 
GLN NE2  N N N 116 
GLN OXT  O N N 117 
GLN H    H N N 118 
GLN H2   H N N 119 
GLN HA   H N N 120 
GLN HB2  H N N 121 
GLN HB3  H N N 122 
GLN HG2  H N N 123 
GLN HG3  H N N 124 
GLN HE21 H N N 125 
GLN HE22 H N N 126 
GLN HXT  H N N 127 
GLU N    N N N 128 
GLU CA   C N S 129 
GLU C    C N N 130 
GLU O    O N N 131 
GLU CB   C N N 132 
GLU CG   C N N 133 
GLU CD   C N N 134 
GLU OE1  O N N 135 
GLU OE2  O N N 136 
GLU OXT  O N N 137 
GLU H    H N N 138 
GLU H2   H N N 139 
GLU HA   H N N 140 
GLU HB2  H N N 141 
GLU HB3  H N N 142 
GLU HG2  H N N 143 
GLU HG3  H N N 144 
GLU HE2  H N N 145 
GLU HXT  H N N 146 
GLY N    N N N 147 
GLY CA   C N N 148 
GLY C    C N N 149 
GLY O    O N N 150 
GLY OXT  O N N 151 
GLY H    H N N 152 
GLY H2   H N N 153 
GLY HA2  H N N 154 
GLY HA3  H N N 155 
GLY HXT  H N N 156 
HIS N    N N N 157 
HIS CA   C N S 158 
HIS C    C N N 159 
HIS O    O N N 160 
HIS CB   C N N 161 
HIS CG   C Y N 162 
HIS ND1  N Y N 163 
HIS CD2  C Y N 164 
HIS CE1  C Y N 165 
HIS NE2  N Y N 166 
HIS OXT  O N N 167 
HIS H    H N N 168 
HIS H2   H N N 169 
HIS HA   H N N 170 
HIS HB2  H N N 171 
HIS HB3  H N N 172 
HIS HD1  H N N 173 
HIS HD2  H N N 174 
HIS HE1  H N N 175 
HIS HE2  H N N 176 
HIS HXT  H N N 177 
HOH O    O N N 178 
HOH H1   H N N 179 
HOH H2   H N N 180 
ILE N    N N N 181 
ILE CA   C N S 182 
ILE C    C N N 183 
ILE O    O N N 184 
ILE CB   C N S 185 
ILE CG1  C N N 186 
ILE CG2  C N N 187 
ILE CD1  C N N 188 
ILE OXT  O N N 189 
ILE H    H N N 190 
ILE H2   H N N 191 
ILE HA   H N N 192 
ILE HB   H N N 193 
ILE HG12 H N N 194 
ILE HG13 H N N 195 
ILE HG21 H N N 196 
ILE HG22 H N N 197 
ILE HG23 H N N 198 
ILE HD11 H N N 199 
ILE HD12 H N N 200 
ILE HD13 H N N 201 
ILE HXT  H N N 202 
LEU N    N N N 203 
LEU CA   C N S 204 
LEU C    C N N 205 
LEU O    O N N 206 
LEU CB   C N N 207 
LEU CG   C N N 208 
LEU CD1  C N N 209 
LEU CD2  C N N 210 
LEU OXT  O N N 211 
LEU H    H N N 212 
LEU H2   H N N 213 
LEU HA   H N N 214 
LEU HB2  H N N 215 
LEU HB3  H N N 216 
LEU HG   H N N 217 
LEU HD11 H N N 218 
LEU HD12 H N N 219 
LEU HD13 H N N 220 
LEU HD21 H N N 221 
LEU HD22 H N N 222 
LEU HD23 H N N 223 
LEU HXT  H N N 224 
LYS N    N N N 225 
LYS CA   C N S 226 
LYS C    C N N 227 
LYS O    O N N 228 
LYS CB   C N N 229 
LYS CG   C N N 230 
LYS CD   C N N 231 
LYS CE   C N N 232 
LYS NZ   N N N 233 
LYS OXT  O N N 234 
LYS H    H N N 235 
LYS H2   H N N 236 
LYS HA   H N N 237 
LYS HB2  H N N 238 
LYS HB3  H N N 239 
LYS HG2  H N N 240 
LYS HG3  H N N 241 
LYS HD2  H N N 242 
LYS HD3  H N N 243 
LYS HE2  H N N 244 
LYS HE3  H N N 245 
LYS HZ1  H N N 246 
LYS HZ2  H N N 247 
LYS HZ3  H N N 248 
LYS HXT  H N N 249 
MET N    N N N 250 
MET CA   C N S 251 
MET C    C N N 252 
MET O    O N N 253 
MET CB   C N N 254 
MET CG   C N N 255 
MET SD   S N N 256 
MET CE   C N N 257 
MET OXT  O N N 258 
MET H    H N N 259 
MET H2   H N N 260 
MET HA   H N N 261 
MET HB2  H N N 262 
MET HB3  H N N 263 
MET HG2  H N N 264 
MET HG3  H N N 265 
MET HE1  H N N 266 
MET HE2  H N N 267 
MET HE3  H N N 268 
MET HXT  H N N 269 
PHE N    N N N 270 
PHE CA   C N S 271 
PHE C    C N N 272 
PHE O    O N N 273 
PHE CB   C N N 274 
PHE CG   C Y N 275 
PHE CD1  C Y N 276 
PHE CD2  C Y N 277 
PHE CE1  C Y N 278 
PHE CE2  C Y N 279 
PHE CZ   C Y N 280 
PHE OXT  O N N 281 
PHE H    H N N 282 
PHE H2   H N N 283 
PHE HA   H N N 284 
PHE HB2  H N N 285 
PHE HB3  H N N 286 
PHE HD1  H N N 287 
PHE HD2  H N N 288 
PHE HE1  H N N 289 
PHE HE2  H N N 290 
PHE HZ   H N N 291 
PHE HXT  H N N 292 
PRO N    N N N 293 
PRO CA   C N S 294 
PRO C    C N N 295 
PRO O    O N N 296 
PRO CB   C N N 297 
PRO CG   C N N 298 
PRO CD   C N N 299 
PRO OXT  O N N 300 
PRO H    H N N 301 
PRO HA   H N N 302 
PRO HB2  H N N 303 
PRO HB3  H N N 304 
PRO HG2  H N N 305 
PRO HG3  H N N 306 
PRO HD2  H N N 307 
PRO HD3  H N N 308 
PRO HXT  H N N 309 
SER N    N N N 310 
SER CA   C N S 311 
SER C    C N N 312 
SER O    O N N 313 
SER CB   C N N 314 
SER OG   O N N 315 
SER OXT  O N N 316 
SER H    H N N 317 
SER H2   H N N 318 
SER HA   H N N 319 
SER HB2  H N N 320 
SER HB3  H N N 321 
SER HG   H N N 322 
SER HXT  H N N 323 
THR N    N N N 324 
THR CA   C N S 325 
THR C    C N N 326 
THR O    O N N 327 
THR CB   C N R 328 
THR OG1  O N N 329 
THR CG2  C N N 330 
THR OXT  O N N 331 
THR H    H N N 332 
THR H2   H N N 333 
THR HA   H N N 334 
THR HB   H N N 335 
THR HG1  H N N 336 
THR HG21 H N N 337 
THR HG22 H N N 338 
THR HG23 H N N 339 
THR HXT  H N N 340 
TRP N    N N N 341 
TRP CA   C N S 342 
TRP C    C N N 343 
TRP O    O N N 344 
TRP CB   C N N 345 
TRP CG   C Y N 346 
TRP CD1  C Y N 347 
TRP CD2  C Y N 348 
TRP NE1  N Y N 349 
TRP CE2  C Y N 350 
TRP CE3  C Y N 351 
TRP CZ2  C Y N 352 
TRP CZ3  C Y N 353 
TRP CH2  C Y N 354 
TRP OXT  O N N 355 
TRP H    H N N 356 
TRP H2   H N N 357 
TRP HA   H N N 358 
TRP HB2  H N N 359 
TRP HB3  H N N 360 
TRP HD1  H N N 361 
TRP HE1  H N N 362 
TRP HE3  H N N 363 
TRP HZ2  H N N 364 
TRP HZ3  H N N 365 
TRP HH2  H N N 366 
TRP HXT  H N N 367 
TYR N    N N N 368 
TYR CA   C N S 369 
TYR C    C N N 370 
TYR O    O N N 371 
TYR CB   C N N 372 
TYR CG   C Y N 373 
TYR CD1  C Y N 374 
TYR CD2  C Y N 375 
TYR CE1  C Y N 376 
TYR CE2  C Y N 377 
TYR CZ   C Y N 378 
TYR OH   O N N 379 
TYR OXT  O N N 380 
TYR H    H N N 381 
TYR H2   H N N 382 
TYR HA   H N N 383 
TYR HB2  H N N 384 
TYR HB3  H N N 385 
TYR HD1  H N N 386 
TYR HD2  H N N 387 
TYR HE1  H N N 388 
TYR HE2  H N N 389 
TYR HH   H N N 390 
TYR HXT  H N N 391 
VAL N    N N N 392 
VAL CA   C N S 393 
VAL C    C N N 394 
VAL O    O N N 395 
VAL CB   C N N 396 
VAL CG1  C N N 397 
VAL CG2  C N N 398 
VAL OXT  O N N 399 
VAL H    H N N 400 
VAL H2   H N N 401 
VAL HA   H N N 402 
VAL HB   H N N 403 
VAL HG11 H N N 404 
VAL HG12 H N N 405 
VAL HG13 H N N 406 
VAL HG21 H N N 407 
VAL HG22 H N N 408 
VAL HG23 H N N 409 
VAL HXT  H N N 410 
# 
loop_
_chem_comp_bond.comp_id 
_chem_comp_bond.atom_id_1 
_chem_comp_bond.atom_id_2 
_chem_comp_bond.value_order 
_chem_comp_bond.pdbx_aromatic_flag 
_chem_comp_bond.pdbx_stereo_config 
_chem_comp_bond.pdbx_ordinal 
ALA N   CA   sing N N 1   
ALA N   H    sing N N 2   
ALA N   H2   sing N N 3   
ALA CA  C    sing N N 4   
ALA CA  CB   sing N N 5   
ALA CA  HA   sing N N 6   
ALA C   O    doub N N 7   
ALA C   OXT  sing N N 8   
ALA CB  HB1  sing N N 9   
ALA CB  HB2  sing N N 10  
ALA CB  HB3  sing N N 11  
ALA OXT HXT  sing N N 12  
ARG N   CA   sing N N 13  
ARG N   H    sing N N 14  
ARG N   H2   sing N N 15  
ARG CA  C    sing N N 16  
ARG CA  CB   sing N N 17  
ARG CA  HA   sing N N 18  
ARG C   O    doub N N 19  
ARG C   OXT  sing N N 20  
ARG CB  CG   sing N N 21  
ARG CB  HB2  sing N N 22  
ARG CB  HB3  sing N N 23  
ARG CG  CD   sing N N 24  
ARG CG  HG2  sing N N 25  
ARG CG  HG3  sing N N 26  
ARG CD  NE   sing N N 27  
ARG CD  HD2  sing N N 28  
ARG CD  HD3  sing N N 29  
ARG NE  CZ   sing N N 30  
ARG NE  HE   sing N N 31  
ARG CZ  NH1  sing N N 32  
ARG CZ  NH2  doub N N 33  
ARG NH1 HH11 sing N N 34  
ARG NH1 HH12 sing N N 35  
ARG NH2 HH21 sing N N 36  
ARG NH2 HH22 sing N N 37  
ARG OXT HXT  sing N N 38  
ASN N   CA   sing N N 39  
ASN N   H    sing N N 40  
ASN N   H2   sing N N 41  
ASN CA  C    sing N N 42  
ASN CA  CB   sing N N 43  
ASN CA  HA   sing N N 44  
ASN C   O    doub N N 45  
ASN C   OXT  sing N N 46  
ASN CB  CG   sing N N 47  
ASN CB  HB2  sing N N 48  
ASN CB  HB3  sing N N 49  
ASN CG  OD1  doub N N 50  
ASN CG  ND2  sing N N 51  
ASN ND2 HD21 sing N N 52  
ASN ND2 HD22 sing N N 53  
ASN OXT HXT  sing N N 54  
ASP N   CA   sing N N 55  
ASP N   H    sing N N 56  
ASP N   H2   sing N N 57  
ASP CA  C    sing N N 58  
ASP CA  CB   sing N N 59  
ASP CA  HA   sing N N 60  
ASP C   O    doub N N 61  
ASP C   OXT  sing N N 62  
ASP CB  CG   sing N N 63  
ASP CB  HB2  sing N N 64  
ASP CB  HB3  sing N N 65  
ASP CG  OD1  doub N N 66  
ASP CG  OD2  sing N N 67  
ASP OD2 HD2  sing N N 68  
ASP OXT HXT  sing N N 69  
DQH C1  C2   doub Y N 70  
DQH C1  C6   sing Y N 71  
DQH C1  H1   sing N N 72  
DQH C2  C3   sing Y N 73  
DQH C2  O30  sing N N 74  
DQH C3  C4   doub Y N 75  
DQH C3  C9   sing N N 76  
DQH C4  C5   sing Y N 77  
DQH C4  O12  sing N N 78  
DQH C5  C6   doub Y N 79  
DQH C5  H5   sing N N 80  
DQH C6  O29  sing N N 81  
DQH C9  C10  sing N N 82  
DQH C9  O13  doub N N 83  
DQH C10 C11  sing N N 84  
DQH C10 O27  sing N N 85  
DQH C10 H10  sing N N 86  
DQH C11 C14  sing N N 87  
DQH C11 O12  sing N N 88  
DQH C11 H11  sing N N 89  
DQH C14 C15  doub Y N 90  
DQH C14 C19  sing Y N 91  
DQH C15 C16  sing Y N 92  
DQH C15 H15  sing N N 93  
DQH C16 C17  doub Y N 94  
DQH C16 H16  sing N N 95  
DQH C17 C18  sing Y N 96  
DQH C17 O24  sing N N 97  
DQH C18 C19  doub Y N 98  
DQH C18 O23  sing N N 99  
DQH C19 H19  sing N N 100 
DQH O23 H23  sing N N 101 
DQH O24 H24  sing N N 102 
DQH O27 H27  sing N N 103 
DQH O29 H29  sing N N 104 
DQH O30 H30  sing N N 105 
GLN N   CA   sing N N 106 
GLN N   H    sing N N 107 
GLN N   H2   sing N N 108 
GLN CA  C    sing N N 109 
GLN CA  CB   sing N N 110 
GLN CA  HA   sing N N 111 
GLN C   O    doub N N 112 
GLN C   OXT  sing N N 113 
GLN CB  CG   sing N N 114 
GLN CB  HB2  sing N N 115 
GLN CB  HB3  sing N N 116 
GLN CG  CD   sing N N 117 
GLN CG  HG2  sing N N 118 
GLN CG  HG3  sing N N 119 
GLN CD  OE1  doub N N 120 
GLN CD  NE2  sing N N 121 
GLN NE2 HE21 sing N N 122 
GLN NE2 HE22 sing N N 123 
GLN OXT HXT  sing N N 124 
GLU N   CA   sing N N 125 
GLU N   H    sing N N 126 
GLU N   H2   sing N N 127 
GLU CA  C    sing N N 128 
GLU CA  CB   sing N N 129 
GLU CA  HA   sing N N 130 
GLU C   O    doub N N 131 
GLU C   OXT  sing N N 132 
GLU CB  CG   sing N N 133 
GLU CB  HB2  sing N N 134 
GLU CB  HB3  sing N N 135 
GLU CG  CD   sing N N 136 
GLU CG  HG2  sing N N 137 
GLU CG  HG3  sing N N 138 
GLU CD  OE1  doub N N 139 
GLU CD  OE2  sing N N 140 
GLU OE2 HE2  sing N N 141 
GLU OXT HXT  sing N N 142 
GLY N   CA   sing N N 143 
GLY N   H    sing N N 144 
GLY N   H2   sing N N 145 
GLY CA  C    sing N N 146 
GLY CA  HA2  sing N N 147 
GLY CA  HA3  sing N N 148 
GLY C   O    doub N N 149 
GLY C   OXT  sing N N 150 
GLY OXT HXT  sing N N 151 
HIS N   CA   sing N N 152 
HIS N   H    sing N N 153 
HIS N   H2   sing N N 154 
HIS CA  C    sing N N 155 
HIS CA  CB   sing N N 156 
HIS CA  HA   sing N N 157 
HIS C   O    doub N N 158 
HIS C   OXT  sing N N 159 
HIS CB  CG   sing N N 160 
HIS CB  HB2  sing N N 161 
HIS CB  HB3  sing N N 162 
HIS CG  ND1  sing Y N 163 
HIS CG  CD2  doub Y N 164 
HIS ND1 CE1  doub Y N 165 
HIS ND1 HD1  sing N N 166 
HIS CD2 NE2  sing Y N 167 
HIS CD2 HD2  sing N N 168 
HIS CE1 NE2  sing Y N 169 
HIS CE1 HE1  sing N N 170 
HIS NE2 HE2  sing N N 171 
HIS OXT HXT  sing N N 172 
HOH O   H1   sing N N 173 
HOH O   H2   sing N N 174 
ILE N   CA   sing N N 175 
ILE N   H    sing N N 176 
ILE N   H2   sing N N 177 
ILE CA  C    sing N N 178 
ILE CA  CB   sing N N 179 
ILE CA  HA   sing N N 180 
ILE C   O    doub N N 181 
ILE C   OXT  sing N N 182 
ILE CB  CG1  sing N N 183 
ILE CB  CG2  sing N N 184 
ILE CB  HB   sing N N 185 
ILE CG1 CD1  sing N N 186 
ILE CG1 HG12 sing N N 187 
ILE CG1 HG13 sing N N 188 
ILE CG2 HG21 sing N N 189 
ILE CG2 HG22 sing N N 190 
ILE CG2 HG23 sing N N 191 
ILE CD1 HD11 sing N N 192 
ILE CD1 HD12 sing N N 193 
ILE CD1 HD13 sing N N 194 
ILE OXT HXT  sing N N 195 
LEU N   CA   sing N N 196 
LEU N   H    sing N N 197 
LEU N   H2   sing N N 198 
LEU CA  C    sing N N 199 
LEU CA  CB   sing N N 200 
LEU CA  HA   sing N N 201 
LEU C   O    doub N N 202 
LEU C   OXT  sing N N 203 
LEU CB  CG   sing N N 204 
LEU CB  HB2  sing N N 205 
LEU CB  HB3  sing N N 206 
LEU CG  CD1  sing N N 207 
LEU CG  CD2  sing N N 208 
LEU CG  HG   sing N N 209 
LEU CD1 HD11 sing N N 210 
LEU CD1 HD12 sing N N 211 
LEU CD1 HD13 sing N N 212 
LEU CD2 HD21 sing N N 213 
LEU CD2 HD22 sing N N 214 
LEU CD2 HD23 sing N N 215 
LEU OXT HXT  sing N N 216 
LYS N   CA   sing N N 217 
LYS N   H    sing N N 218 
LYS N   H2   sing N N 219 
LYS CA  C    sing N N 220 
LYS CA  CB   sing N N 221 
LYS CA  HA   sing N N 222 
LYS C   O    doub N N 223 
LYS C   OXT  sing N N 224 
LYS CB  CG   sing N N 225 
LYS CB  HB2  sing N N 226 
LYS CB  HB3  sing N N 227 
LYS CG  CD   sing N N 228 
LYS CG  HG2  sing N N 229 
LYS CG  HG3  sing N N 230 
LYS CD  CE   sing N N 231 
LYS CD  HD2  sing N N 232 
LYS CD  HD3  sing N N 233 
LYS CE  NZ   sing N N 234 
LYS CE  HE2  sing N N 235 
LYS CE  HE3  sing N N 236 
LYS NZ  HZ1  sing N N 237 
LYS NZ  HZ2  sing N N 238 
LYS NZ  HZ3  sing N N 239 
LYS OXT HXT  sing N N 240 
MET N   CA   sing N N 241 
MET N   H    sing N N 242 
MET N   H2   sing N N 243 
MET CA  C    sing N N 244 
MET CA  CB   sing N N 245 
MET CA  HA   sing N N 246 
MET C   O    doub N N 247 
MET C   OXT  sing N N 248 
MET CB  CG   sing N N 249 
MET CB  HB2  sing N N 250 
MET CB  HB3  sing N N 251 
MET CG  SD   sing N N 252 
MET CG  HG2  sing N N 253 
MET CG  HG3  sing N N 254 
MET SD  CE   sing N N 255 
MET CE  HE1  sing N N 256 
MET CE  HE2  sing N N 257 
MET CE  HE3  sing N N 258 
MET OXT HXT  sing N N 259 
PHE N   CA   sing N N 260 
PHE N   H    sing N N 261 
PHE N   H2   sing N N 262 
PHE CA  C    sing N N 263 
PHE CA  CB   sing N N 264 
PHE CA  HA   sing N N 265 
PHE C   O    doub N N 266 
PHE C   OXT  sing N N 267 
PHE CB  CG   sing N N 268 
PHE CB  HB2  sing N N 269 
PHE CB  HB3  sing N N 270 
PHE CG  CD1  doub Y N 271 
PHE CG  CD2  sing Y N 272 
PHE CD1 CE1  sing Y N 273 
PHE CD1 HD1  sing N N 274 
PHE CD2 CE2  doub Y N 275 
PHE CD2 HD2  sing N N 276 
PHE CE1 CZ   doub Y N 277 
PHE CE1 HE1  sing N N 278 
PHE CE2 CZ   sing Y N 279 
PHE CE2 HE2  sing N N 280 
PHE CZ  HZ   sing N N 281 
PHE OXT HXT  sing N N 282 
PRO N   CA   sing N N 283 
PRO N   CD   sing N N 284 
PRO N   H    sing N N 285 
PRO CA  C    sing N N 286 
PRO CA  CB   sing N N 287 
PRO CA  HA   sing N N 288 
PRO C   O    doub N N 289 
PRO C   OXT  sing N N 290 
PRO CB  CG   sing N N 291 
PRO CB  HB2  sing N N 292 
PRO CB  HB3  sing N N 293 
PRO CG  CD   sing N N 294 
PRO CG  HG2  sing N N 295 
PRO CG  HG3  sing N N 296 
PRO CD  HD2  sing N N 297 
PRO CD  HD3  sing N N 298 
PRO OXT HXT  sing N N 299 
SER N   CA   sing N N 300 
SER N   H    sing N N 301 
SER N   H2   sing N N 302 
SER CA  C    sing N N 303 
SER CA  CB   sing N N 304 
SER CA  HA   sing N N 305 
SER C   O    doub N N 306 
SER C   OXT  sing N N 307 
SER CB  OG   sing N N 308 
SER CB  HB2  sing N N 309 
SER CB  HB3  sing N N 310 
SER OG  HG   sing N N 311 
SER OXT HXT  sing N N 312 
THR N   CA   sing N N 313 
THR N   H    sing N N 314 
THR N   H2   sing N N 315 
THR CA  C    sing N N 316 
THR CA  CB   sing N N 317 
THR CA  HA   sing N N 318 
THR C   O    doub N N 319 
THR C   OXT  sing N N 320 
THR CB  OG1  sing N N 321 
THR CB  CG2  sing N N 322 
THR CB  HB   sing N N 323 
THR OG1 HG1  sing N N 324 
THR CG2 HG21 sing N N 325 
THR CG2 HG22 sing N N 326 
THR CG2 HG23 sing N N 327 
THR OXT HXT  sing N N 328 
TRP N   CA   sing N N 329 
TRP N   H    sing N N 330 
TRP N   H2   sing N N 331 
TRP CA  C    sing N N 332 
TRP CA  CB   sing N N 333 
TRP CA  HA   sing N N 334 
TRP C   O    doub N N 335 
TRP C   OXT  sing N N 336 
TRP CB  CG   sing N N 337 
TRP CB  HB2  sing N N 338 
TRP CB  HB3  sing N N 339 
TRP CG  CD1  doub Y N 340 
TRP CG  CD2  sing Y N 341 
TRP CD1 NE1  sing Y N 342 
TRP CD1 HD1  sing N N 343 
TRP CD2 CE2  doub Y N 344 
TRP CD2 CE3  sing Y N 345 
TRP NE1 CE2  sing Y N 346 
TRP NE1 HE1  sing N N 347 
TRP CE2 CZ2  sing Y N 348 
TRP CE3 CZ3  doub Y N 349 
TRP CE3 HE3  sing N N 350 
TRP CZ2 CH2  doub Y N 351 
TRP CZ2 HZ2  sing N N 352 
TRP CZ3 CH2  sing Y N 353 
TRP CZ3 HZ3  sing N N 354 
TRP CH2 HH2  sing N N 355 
TRP OXT HXT  sing N N 356 
TYR N   CA   sing N N 357 
TYR N   H    sing N N 358 
TYR N   H2   sing N N 359 
TYR CA  C    sing N N 360 
TYR CA  CB   sing N N 361 
TYR CA  HA   sing N N 362 
TYR C   O    doub N N 363 
TYR C   OXT  sing N N 364 
TYR CB  CG   sing N N 365 
TYR CB  HB2  sing N N 366 
TYR CB  HB3  sing N N 367 
TYR CG  CD1  doub Y N 368 
TYR CG  CD2  sing Y N 369 
TYR CD1 CE1  sing Y N 370 
TYR CD1 HD1  sing N N 371 
TYR CD2 CE2  doub Y N 372 
TYR CD2 HD2  sing N N 373 
TYR CE1 CZ   doub Y N 374 
TYR CE1 HE1  sing N N 375 
TYR CE2 CZ   sing Y N 376 
TYR CE2 HE2  sing N N 377 
TYR CZ  OH   sing N N 378 
TYR OH  HH   sing N N 379 
TYR OXT HXT  sing N N 380 
VAL N   CA   sing N N 381 
VAL N   H    sing N N 382 
VAL N   H2   sing N N 383 
VAL CA  C    sing N N 384 
VAL CA  CB   sing N N 385 
VAL CA  HA   sing N N 386 
VAL C   O    doub N N 387 
VAL C   OXT  sing N N 388 
VAL CB  CG1  sing N N 389 
VAL CB  CG2  sing N N 390 
VAL CB  HB   sing N N 391 
VAL CG1 HG11 sing N N 392 
VAL CG1 HG12 sing N N 393 
VAL CG1 HG13 sing N N 394 
VAL CG2 HG21 sing N N 395 
VAL CG2 HG22 sing N N 396 
VAL CG2 HG23 sing N N 397 
VAL OXT HXT  sing N N 398 
# 
loop_
_pdbx_entity_nonpoly.entity_id 
_pdbx_entity_nonpoly.name 
_pdbx_entity_nonpoly.comp_id 
2 '(2R,3R)-2-(3,4-DIHYDROXYPHENYL)-3,5,7-TRIHYDROXY-2,3-DIHYDRO-4H-CHROMEN-4-ONE' DQH 
3 water                                                                           HOH 
# 
_pdbx_initial_refinement_model.id               1 
_pdbx_initial_refinement_model.entity_id_list   ? 
_pdbx_initial_refinement_model.type             'experimental model' 
_pdbx_initial_refinement_model.source_name      PDB 
_pdbx_initial_refinement_model.accession_code   1AIL 
_pdbx_initial_refinement_model.details          'PDB ENTRY 1AIL' 
# 
